data_3NTP
# 
_entry.id   3NTP 
# 
_audit_conform.dict_name       mmcif_pdbx.dic 
_audit_conform.dict_version    5.389 
_audit_conform.dict_location   http://mmcif.pdb.org/dictionaries/ascii/mmcif_pdbx.dic 
# 
loop_
_database_2.database_id 
_database_2.database_code 
_database_2.pdbx_database_accession 
_database_2.pdbx_DOI 
PDB   3NTP         pdb_00003ntp 10.2210/pdb3ntp/pdb 
RCSB  RCSB060267   ?            ?                   
WWPDB D_1000060267 ?            ?                   
# 
loop_
_pdbx_audit_revision_history.ordinal 
_pdbx_audit_revision_history.data_content_type 
_pdbx_audit_revision_history.major_revision 
_pdbx_audit_revision_history.minor_revision 
_pdbx_audit_revision_history.revision_date 
1 'Structure model' 1 0 2012-01-04 
2 'Structure model' 1 1 2023-12-27 
3 'Structure model' 1 2 2024-04-03 
# 
_pdbx_audit_revision_details.ordinal             1 
_pdbx_audit_revision_details.revision_ordinal    1 
_pdbx_audit_revision_details.data_content_type   'Structure model' 
_pdbx_audit_revision_details.provider            repository 
_pdbx_audit_revision_details.type                'Initial release' 
_pdbx_audit_revision_details.description         ? 
_pdbx_audit_revision_details.details             ? 
# 
loop_
_pdbx_audit_revision_group.ordinal 
_pdbx_audit_revision_group.revision_ordinal 
_pdbx_audit_revision_group.data_content_type 
_pdbx_audit_revision_group.group 
1 2 'Structure model' 'Data collection'        
2 2 'Structure model' 'Database references'    
3 2 'Structure model' 'Derived calculations'   
4 3 'Structure model' 'Refinement description' 
# 
loop_
_pdbx_audit_revision_category.ordinal 
_pdbx_audit_revision_category.revision_ordinal 
_pdbx_audit_revision_category.data_content_type 
_pdbx_audit_revision_category.category 
1 2 'Structure model' chem_comp_atom                
2 2 'Structure model' chem_comp_bond                
3 2 'Structure model' database_2                    
4 2 'Structure model' struct_ref_seq_dif            
5 2 'Structure model' struct_site                   
6 3 'Structure model' pdbx_initial_refinement_model 
# 
loop_
_pdbx_audit_revision_item.ordinal 
_pdbx_audit_revision_item.revision_ordinal 
_pdbx_audit_revision_item.data_content_type 
_pdbx_audit_revision_item.item 
1 2 'Structure model' '_database_2.pdbx_DOI'                
2 2 'Structure model' '_database_2.pdbx_database_accession' 
3 2 'Structure model' '_struct_ref_seq_dif.details'         
4 2 'Structure model' '_struct_site.pdbx_auth_asym_id'      
5 2 'Structure model' '_struct_site.pdbx_auth_comp_id'      
6 2 'Structure model' '_struct_site.pdbx_auth_seq_id'       
# 
_pdbx_database_status.status_code                     REL 
_pdbx_database_status.entry_id                        3NTP 
_pdbx_database_status.recvd_initial_deposition_date   2010-07-05 
_pdbx_database_status.deposit_site                    RCSB 
_pdbx_database_status.process_site                    RCSB 
_pdbx_database_status.status_code_sf                  REL 
_pdbx_database_status.status_code_mr                  ? 
_pdbx_database_status.SG_entry                        ? 
_pdbx_database_status.status_code_cs                  ? 
_pdbx_database_status.pdb_format_compatible           Y 
_pdbx_database_status.status_code_nmr_data            ? 
_pdbx_database_status.methods_development_category    ? 
# 
loop_
_pdbx_database_related.db_name 
_pdbx_database_related.db_id 
_pdbx_database_related.details 
_pdbx_database_related.content_type 
PDB 2itk . unspecified 
PDB 2q5A . unspecified 
# 
_audit_author.name           'Zhang, Y.' 
_audit_author.pdbx_ordinal   1 
# 
_citation.id                        primary 
_citation.title                     
'A reduced-amide inhibitor of Pin1 binds in a conformation resembling a twisted-amide transition state.' 
_citation.journal_abbrev            Biochemistry 
_citation.journal_volume            50 
_citation.page_first                9545 
_citation.page_last                 9550 
_citation.year                      2011 
_citation.journal_id_ASTM           BICHAW 
_citation.country                   US 
_citation.journal_id_ISSN           0006-2960 
_citation.journal_id_CSD            0033 
_citation.book_publisher            ? 
_citation.pdbx_database_id_PubMed   21980916 
_citation.pdbx_database_id_DOI      10.1021/bi201055c 
# 
loop_
_citation_author.citation_id 
_citation_author.name 
_citation_author.ordinal 
_citation_author.identifier_ORCID 
primary 'Xu, G.G.'               1 ? 
primary 'Zhang, Y.'              2 ? 
primary 'Mercedes-Camacho, A.Y.' 3 ? 
primary 'Etzkorn, F.A.'          4 ? 
# 
loop_
_entity.id 
_entity.type 
_entity.src_method 
_entity.pdbx_description 
_entity.formula_weight 
_entity.pdbx_number_of_molecules 
_entity.pdbx_ec 
_entity.pdbx_mutation 
_entity.pdbx_fragment 
_entity.details 
1 polymer     man 'Peptidyl-prolyl cis-trans isomerase NIMA-interacting 1'                                                        
18524.525 1  5.2.1.8 R14A ? ? 
2 non-polymer syn '(2R)-2-(acetylamino)-3-[(2S)-2-{[2-(1H-indol-3-yl)ethyl]carbamoyl}pyrrolidin-1-yl]propyl dihydrogen phosphate' 
452.441   1  ?       ?    ? ? 
3 non-polymer syn 3,6,9,12,15,18,21-HEPTAOXATRICOSANE-1,23-DIOL                                                                   
370.436   1  ?       ?    ? ? 
4 water       nat water                                                                                                           
18.015    86 ?       ?    ? ? 
# 
_entity_name_com.entity_id   1 
_entity_name_com.name        'Peptidyl-prolyl cis-trans isomerase Pin1, PPIase Pin1, Rotamase Pin1' 
# 
_entity_poly.entity_id                      1 
_entity_poly.type                           'polypeptide(L)' 
_entity_poly.nstd_linkage                   no 
_entity_poly.nstd_monomer                   no 
_entity_poly.pdbx_seq_one_letter_code       
;GSHGMADEEKLPPGWEKAMSRSSGRVYYFNHITNASQWERPSGNSSSGGKNGQGEPARVRCSHLLVKHSQSRRPSSWRQE
KITRTKEEALELINGYIQKIKSGEEDFESLASQFSDCSSAKARGDLGAFSRGQMQKPFEDASFALRTGEMSGPVFTDSGI
HIILRTE
;
_entity_poly.pdbx_seq_one_letter_code_can   
;GSHGMADEEKLPPGWEKAMSRSSGRVYYFNHITNASQWERPSGNSSSGGKNGQGEPARVRCSHLLVKHSQSRRPSSWRQE
KITRTKEEALELINGYIQKIKSGEEDFESLASQFSDCSSAKARGDLGAFSRGQMQKPFEDASFALRTGEMSGPVFTDSGI
HIILRTE
;
_entity_poly.pdbx_strand_id                 A 
_entity_poly.pdbx_target_identifier         ? 
# 
loop_
_pdbx_entity_nonpoly.entity_id 
_pdbx_entity_nonpoly.name 
_pdbx_entity_nonpoly.comp_id 
2 '(2R)-2-(acetylamino)-3-[(2S)-2-{[2-(1H-indol-3-yl)ethyl]carbamoyl}pyrrolidin-1-yl]propyl dihydrogen phosphate' RZD 
3 3,6,9,12,15,18,21-HEPTAOXATRICOSANE-1,23-DIOL                                                                   PE8 
4 water                                                                                                           HOH 
# 
loop_
_entity_poly_seq.entity_id 
_entity_poly_seq.num 
_entity_poly_seq.mon_id 
_entity_poly_seq.hetero 
1 1   GLY n 
1 2   SER n 
1 3   HIS n 
1 4   GLY n 
1 5   MET n 
1 6   ALA n 
1 7   ASP n 
1 8   GLU n 
1 9   GLU n 
1 10  LYS n 
1 11  LEU n 
1 12  PRO n 
1 13  PRO n 
1 14  GLY n 
1 15  TRP n 
1 16  GLU n 
1 17  LYS n 
1 18  ALA n 
1 19  MET n 
1 20  SER n 
1 21  ARG n 
1 22  SER n 
1 23  SER n 
1 24  GLY n 
1 25  ARG n 
1 26  VAL n 
1 27  TYR n 
1 28  TYR n 
1 29  PHE n 
1 30  ASN n 
1 31  HIS n 
1 32  ILE n 
1 33  THR n 
1 34  ASN n 
1 35  ALA n 
1 36  SER n 
1 37  GLN n 
1 38  TRP n 
1 39  GLU n 
1 40  ARG n 
1 41  PRO n 
1 42  SER n 
1 43  GLY n 
1 44  ASN n 
1 45  SER n 
1 46  SER n 
1 47  SER n 
1 48  GLY n 
1 49  GLY n 
1 50  LYS n 
1 51  ASN n 
1 52  GLY n 
1 53  GLN n 
1 54  GLY n 
1 55  GLU n 
1 56  PRO n 
1 57  ALA n 
1 58  ARG n 
1 59  VAL n 
1 60  ARG n 
1 61  CYS n 
1 62  SER n 
1 63  HIS n 
1 64  LEU n 
1 65  LEU n 
1 66  VAL n 
1 67  LYS n 
1 68  HIS n 
1 69  SER n 
1 70  GLN n 
1 71  SER n 
1 72  ARG n 
1 73  ARG n 
1 74  PRO n 
1 75  SER n 
1 76  SER n 
1 77  TRP n 
1 78  ARG n 
1 79  GLN n 
1 80  GLU n 
1 81  LYS n 
1 82  ILE n 
1 83  THR n 
1 84  ARG n 
1 85  THR n 
1 86  LYS n 
1 87  GLU n 
1 88  GLU n 
1 89  ALA n 
1 90  LEU n 
1 91  GLU n 
1 92  LEU n 
1 93  ILE n 
1 94  ASN n 
1 95  GLY n 
1 96  TYR n 
1 97  ILE n 
1 98  GLN n 
1 99  LYS n 
1 100 ILE n 
1 101 LYS n 
1 102 SER n 
1 103 GLY n 
1 104 GLU n 
1 105 GLU n 
1 106 ASP n 
1 107 PHE n 
1 108 GLU n 
1 109 SER n 
1 110 LEU n 
1 111 ALA n 
1 112 SER n 
1 113 GLN n 
1 114 PHE n 
1 115 SER n 
1 116 ASP n 
1 117 CYS n 
1 118 SER n 
1 119 SER n 
1 120 ALA n 
1 121 LYS n 
1 122 ALA n 
1 123 ARG n 
1 124 GLY n 
1 125 ASP n 
1 126 LEU n 
1 127 GLY n 
1 128 ALA n 
1 129 PHE n 
1 130 SER n 
1 131 ARG n 
1 132 GLY n 
1 133 GLN n 
1 134 MET n 
1 135 GLN n 
1 136 LYS n 
1 137 PRO n 
1 138 PHE n 
1 139 GLU n 
1 140 ASP n 
1 141 ALA n 
1 142 SER n 
1 143 PHE n 
1 144 ALA n 
1 145 LEU n 
1 146 ARG n 
1 147 THR n 
1 148 GLY n 
1 149 GLU n 
1 150 MET n 
1 151 SER n 
1 152 GLY n 
1 153 PRO n 
1 154 VAL n 
1 155 PHE n 
1 156 THR n 
1 157 ASP n 
1 158 SER n 
1 159 GLY n 
1 160 ILE n 
1 161 HIS n 
1 162 ILE n 
1 163 ILE n 
1 164 LEU n 
1 165 ARG n 
1 166 THR n 
1 167 GLU n 
# 
_entity_src_gen.entity_id                          1 
_entity_src_gen.pdbx_src_id                        1 
_entity_src_gen.pdbx_alt_source_flag               sample 
_entity_src_gen.pdbx_seq_type                      ? 
_entity_src_gen.pdbx_beg_seq_num                   ? 
_entity_src_gen.pdbx_end_seq_num                   ? 
_entity_src_gen.gene_src_common_name               human 
_entity_src_gen.gene_src_genus                     ? 
_entity_src_gen.pdbx_gene_src_gene                 PIN1 
_entity_src_gen.gene_src_species                   ? 
_entity_src_gen.gene_src_strain                    ? 
_entity_src_gen.gene_src_tissue                    ? 
_entity_src_gen.gene_src_tissue_fraction           ? 
_entity_src_gen.gene_src_details                   ? 
_entity_src_gen.pdbx_gene_src_fragment             ? 
_entity_src_gen.pdbx_gene_src_scientific_name      'Homo sapiens' 
_entity_src_gen.pdbx_gene_src_ncbi_taxonomy_id     9606 
_entity_src_gen.pdbx_gene_src_variant              ? 
_entity_src_gen.pdbx_gene_src_cell_line            ? 
_entity_src_gen.pdbx_gene_src_atcc                 ? 
_entity_src_gen.pdbx_gene_src_organ                ? 
_entity_src_gen.pdbx_gene_src_organelle            ? 
_entity_src_gen.pdbx_gene_src_cell                 ? 
_entity_src_gen.pdbx_gene_src_cellular_location    ? 
_entity_src_gen.host_org_common_name               ? 
_entity_src_gen.pdbx_host_org_scientific_name      'Escherichia coli' 
_entity_src_gen.pdbx_host_org_ncbi_taxonomy_id     562 
_entity_src_gen.host_org_genus                     ? 
_entity_src_gen.pdbx_host_org_gene                 ? 
_entity_src_gen.pdbx_host_org_organ                ? 
_entity_src_gen.host_org_species                   ? 
_entity_src_gen.pdbx_host_org_tissue               ? 
_entity_src_gen.pdbx_host_org_tissue_fraction      ? 
_entity_src_gen.pdbx_host_org_strain               'Bl21(de3)' 
_entity_src_gen.pdbx_host_org_variant              ? 
_entity_src_gen.pdbx_host_org_cell_line            ? 
_entity_src_gen.pdbx_host_org_atcc                 ? 
_entity_src_gen.pdbx_host_org_culture_collection   ? 
_entity_src_gen.pdbx_host_org_cell                 ? 
_entity_src_gen.pdbx_host_org_organelle            ? 
_entity_src_gen.pdbx_host_org_cellular_location    ? 
_entity_src_gen.pdbx_host_org_vector_type          Plasmid 
_entity_src_gen.pdbx_host_org_vector               ? 
_entity_src_gen.host_org_details                   ? 
_entity_src_gen.expression_system_id               ? 
_entity_src_gen.plasmid_name                       pET28 
_entity_src_gen.plasmid_details                    ? 
_entity_src_gen.pdbx_description                   ? 
# 
loop_
_chem_comp.id 
_chem_comp.type 
_chem_comp.mon_nstd_flag 
_chem_comp.name 
_chem_comp.pdbx_synonyms 
_chem_comp.formula 
_chem_comp.formula_weight 
ALA 'L-peptide linking' y ALANINE ? 'C3 H7 N O2'      89.093  
ARG 'L-peptide linking' y ARGININE ? 'C6 H15 N4 O2 1'  175.209 
ASN 'L-peptide linking' y ASPARAGINE ? 'C4 H8 N2 O3'     132.118 
ASP 'L-peptide linking' y 'ASPARTIC ACID' ? 'C4 H7 N O4'      133.103 
CYS 'L-peptide linking' y CYSTEINE ? 'C3 H7 N O2 S'    121.158 
GLN 'L-peptide linking' y GLUTAMINE ? 'C5 H10 N2 O3'    146.144 
GLU 'L-peptide linking' y 'GLUTAMIC ACID' ? 'C5 H9 N O4'      147.129 
GLY 'peptide linking'   y GLYCINE ? 'C2 H5 N O2'      75.067  
HIS 'L-peptide linking' y HISTIDINE ? 'C6 H10 N3 O2 1'  156.162 
HOH non-polymer         . WATER ? 'H2 O'            18.015  
ILE 'L-peptide linking' y ISOLEUCINE ? 'C6 H13 N O2'     131.173 
LEU 'L-peptide linking' y LEUCINE ? 'C6 H13 N O2'     131.173 
LYS 'L-peptide linking' y LYSINE ? 'C6 H15 N2 O2 1'  147.195 
MET 'L-peptide linking' y METHIONINE ? 'C5 H11 N O2 S'   149.211 
PE8 non-polymer         . 3,6,9,12,15,18,21-HEPTAOXATRICOSANE-1,23-DIOL ? 'C16 H34 O9'      370.436 
PHE 'L-peptide linking' y PHENYLALANINE ? 'C9 H11 N O2'     165.189 
PRO 'L-peptide linking' y PROLINE ? 'C5 H9 N O2'      115.130 
RZD non-polymer         . 
'(2R)-2-(acetylamino)-3-[(2S)-2-{[2-(1H-indol-3-yl)ethyl]carbamoyl}pyrrolidin-1-yl]propyl dihydrogen phosphate' ? 
'C20 H29 N4 O6 P' 452.441 
SER 'L-peptide linking' y SERINE ? 'C3 H7 N O3'      105.093 
THR 'L-peptide linking' y THREONINE ? 'C4 H9 N O3'      119.119 
TRP 'L-peptide linking' y TRYPTOPHAN ? 'C11 H12 N2 O2'   204.225 
TYR 'L-peptide linking' y TYROSINE ? 'C9 H11 N O3'     181.189 
VAL 'L-peptide linking' y VALINE ? 'C5 H11 N O2'     117.146 
# 
loop_
_pdbx_poly_seq_scheme.asym_id 
_pdbx_poly_seq_scheme.entity_id 
_pdbx_poly_seq_scheme.seq_id 
_pdbx_poly_seq_scheme.mon_id 
_pdbx_poly_seq_scheme.ndb_seq_num 
_pdbx_poly_seq_scheme.pdb_seq_num 
_pdbx_poly_seq_scheme.auth_seq_num 
_pdbx_poly_seq_scheme.pdb_mon_id 
_pdbx_poly_seq_scheme.auth_mon_id 
_pdbx_poly_seq_scheme.pdb_strand_id 
_pdbx_poly_seq_scheme.pdb_ins_code 
_pdbx_poly_seq_scheme.hetero 
A 1 1   GLY 1   -3  ?   ?   ?   A . n 
A 1 2   SER 2   -2  ?   ?   ?   A . n 
A 1 3   HIS 3   -1  ?   ?   ?   A . n 
A 1 4   GLY 4   0   ?   ?   ?   A . n 
A 1 5   MET 5   1   ?   ?   ?   A . n 
A 1 6   ALA 6   2   ?   ?   ?   A . n 
A 1 7   ASP 7   3   ?   ?   ?   A . n 
A 1 8   GLU 8   4   ?   ?   ?   A . n 
A 1 9   GLU 9   5   ?   ?   ?   A . n 
A 1 10  LYS 10  6   6   LYS LYS A . n 
A 1 11  LEU 11  7   7   LEU LEU A . n 
A 1 12  PRO 12  8   8   PRO PRO A . n 
A 1 13  PRO 13  9   9   PRO PRO A . n 
A 1 14  GLY 14  10  10  GLY GLY A . n 
A 1 15  TRP 15  11  11  TRP TRP A . n 
A 1 16  GLU 16  12  12  GLU GLU A . n 
A 1 17  LYS 17  13  13  LYS LYS A . n 
A 1 18  ALA 18  14  14  ALA ALA A . n 
A 1 19  MET 19  15  15  MET MET A . n 
A 1 20  SER 20  16  16  SER SER A . n 
A 1 21  ARG 21  17  17  ARG ARG A . n 
A 1 22  SER 22  18  18  SER SER A . n 
A 1 23  SER 23  19  19  SER SER A . n 
A 1 24  GLY 24  20  20  GLY GLY A . n 
A 1 25  ARG 25  21  21  ARG ARG A . n 
A 1 26  VAL 26  22  22  VAL VAL A . n 
A 1 27  TYR 27  23  23  TYR TYR A . n 
A 1 28  TYR 28  24  24  TYR TYR A . n 
A 1 29  PHE 29  25  25  PHE PHE A . n 
A 1 30  ASN 30  26  26  ASN ASN A . n 
A 1 31  HIS 31  27  27  HIS HIS A . n 
A 1 32  ILE 32  28  28  ILE ILE A . n 
A 1 33  THR 33  29  29  THR THR A . n 
A 1 34  ASN 34  30  30  ASN ASN A . n 
A 1 35  ALA 35  31  31  ALA ALA A . n 
A 1 36  SER 36  32  32  SER SER A . n 
A 1 37  GLN 37  33  33  GLN GLN A . n 
A 1 38  TRP 38  34  34  TRP TRP A . n 
A 1 39  GLU 39  35  35  GLU GLU A . n 
A 1 40  ARG 40  36  36  ARG ARG A . n 
A 1 41  PRO 41  37  37  PRO PRO A . n 
A 1 42  SER 42  38  38  SER SER A . n 
A 1 43  GLY 43  39  ?   ?   ?   A . n 
A 1 44  ASN 44  40  ?   ?   ?   A . n 
A 1 45  SER 45  41  ?   ?   ?   A . n 
A 1 46  SER 46  42  ?   ?   ?   A . n 
A 1 47  SER 47  43  ?   ?   ?   A . n 
A 1 48  GLY 48  44  ?   ?   ?   A . n 
A 1 49  GLY 49  45  ?   ?   ?   A . n 
A 1 50  LYS 50  46  ?   ?   ?   A . n 
A 1 51  ASN 51  47  ?   ?   ?   A . n 
A 1 52  GLY 52  48  ?   ?   ?   A . n 
A 1 53  GLN 53  49  ?   ?   ?   A . n 
A 1 54  GLY 54  50  50  GLY GLY A . n 
A 1 55  GLU 55  51  51  GLU GLU A . n 
A 1 56  PRO 56  52  52  PRO PRO A . n 
A 1 57  ALA 57  53  53  ALA ALA A . n 
A 1 58  ARG 58  54  54  ARG ARG A . n 
A 1 59  VAL 59  55  55  VAL VAL A . n 
A 1 60  ARG 60  56  56  ARG ARG A . n 
A 1 61  CYS 61  57  57  CYS CYS A . n 
A 1 62  SER 62  58  58  SER SER A . n 
A 1 63  HIS 63  59  59  HIS HIS A . n 
A 1 64  LEU 64  60  60  LEU LEU A . n 
A 1 65  LEU 65  61  61  LEU LEU A . n 
A 1 66  VAL 66  62  62  VAL VAL A . n 
A 1 67  LYS 67  63  63  LYS LYS A . n 
A 1 68  HIS 68  64  64  HIS HIS A . n 
A 1 69  SER 69  65  65  SER SER A . n 
A 1 70  GLN 70  66  66  GLN GLN A . n 
A 1 71  SER 71  67  67  SER SER A . n 
A 1 72  ARG 72  68  68  ARG ARG A . n 
A 1 73  ARG 73  69  69  ARG ARG A . n 
A 1 74  PRO 74  70  70  PRO PRO A . n 
A 1 75  SER 75  71  71  SER SER A . n 
A 1 76  SER 76  72  72  SER SER A . n 
A 1 77  TRP 77  73  73  TRP TRP A . n 
A 1 78  ARG 78  74  74  ARG ARG A . n 
A 1 79  GLN 79  75  75  GLN GLN A . n 
A 1 80  GLU 80  76  76  GLU GLU A . n 
A 1 81  LYS 81  77  77  LYS LYS A . n 
A 1 82  ILE 82  78  78  ILE ILE A . n 
A 1 83  THR 83  79  79  THR THR A . n 
A 1 84  ARG 84  80  80  ARG ARG A . n 
A 1 85  THR 85  81  81  THR THR A . n 
A 1 86  LYS 86  82  82  LYS LYS A . n 
A 1 87  GLU 87  83  83  GLU GLU A . n 
A 1 88  GLU 88  84  84  GLU GLU A . n 
A 1 89  ALA 89  85  85  ALA ALA A . n 
A 1 90  LEU 90  86  86  LEU LEU A . n 
A 1 91  GLU 91  87  87  GLU GLU A . n 
A 1 92  LEU 92  88  88  LEU LEU A . n 
A 1 93  ILE 93  89  89  ILE ILE A . n 
A 1 94  ASN 94  90  90  ASN ASN A . n 
A 1 95  GLY 95  91  91  GLY GLY A . n 
A 1 96  TYR 96  92  92  TYR TYR A . n 
A 1 97  ILE 97  93  93  ILE ILE A . n 
A 1 98  GLN 98  94  94  GLN GLN A . n 
A 1 99  LYS 99  95  95  LYS LYS A . n 
A 1 100 ILE 100 96  96  ILE ILE A . n 
A 1 101 LYS 101 97  97  LYS LYS A . n 
A 1 102 SER 102 98  98  SER SER A . n 
A 1 103 GLY 103 99  99  GLY GLY A . n 
A 1 104 GLU 104 100 100 GLU GLU A . n 
A 1 105 GLU 105 101 101 GLU GLU A . n 
A 1 106 ASP 106 102 102 ASP ASP A . n 
A 1 107 PHE 107 103 103 PHE PHE A . n 
A 1 108 GLU 108 104 104 GLU GLU A . n 
A 1 109 SER 109 105 105 SER SER A . n 
A 1 110 LEU 110 106 106 LEU LEU A . n 
A 1 111 ALA 111 107 107 ALA ALA A . n 
A 1 112 SER 112 108 108 SER SER A . n 
A 1 113 GLN 113 109 109 GLN GLN A . n 
A 1 114 PHE 114 110 110 PHE PHE A . n 
A 1 115 SER 115 111 111 SER SER A . n 
A 1 116 ASP 116 112 112 ASP ASP A . n 
A 1 117 CYS 117 113 113 CYS CYS A . n 
A 1 118 SER 118 114 114 SER SER A . n 
A 1 119 SER 119 115 115 SER SER A . n 
A 1 120 ALA 120 116 116 ALA ALA A . n 
A 1 121 LYS 121 117 117 LYS LYS A . n 
A 1 122 ALA 122 118 118 ALA ALA A . n 
A 1 123 ARG 123 119 119 ARG ARG A . n 
A 1 124 GLY 124 120 120 GLY GLY A . n 
A 1 125 ASP 125 121 121 ASP ASP A . n 
A 1 126 LEU 126 122 122 LEU LEU A . n 
A 1 127 GLY 127 123 123 GLY GLY A . n 
A 1 128 ALA 128 124 124 ALA ALA A . n 
A 1 129 PHE 129 125 125 PHE PHE A . n 
A 1 130 SER 130 126 126 SER SER A . n 
A 1 131 ARG 131 127 127 ARG ARG A . n 
A 1 132 GLY 132 128 128 GLY GLY A . n 
A 1 133 GLN 133 129 129 GLN GLN A . n 
A 1 134 MET 134 130 130 MET MET A . n 
A 1 135 GLN 135 131 131 GLN GLN A . n 
A 1 136 LYS 136 132 132 LYS LYS A . n 
A 1 137 PRO 137 133 133 PRO PRO A . n 
A 1 138 PHE 138 134 134 PHE PHE A . n 
A 1 139 GLU 139 135 135 GLU GLU A . n 
A 1 140 ASP 140 136 136 ASP ASP A . n 
A 1 141 ALA 141 137 137 ALA ALA A . n 
A 1 142 SER 142 138 138 SER SER A . n 
A 1 143 PHE 143 139 139 PHE PHE A . n 
A 1 144 ALA 144 140 140 ALA ALA A . n 
A 1 145 LEU 145 141 141 LEU LEU A . n 
A 1 146 ARG 146 142 142 ARG ARG A . n 
A 1 147 THR 147 143 143 THR THR A . n 
A 1 148 GLY 148 144 144 GLY GLY A . n 
A 1 149 GLU 149 145 145 GLU GLU A . n 
A 1 150 MET 150 146 146 MET MET A . n 
A 1 151 SER 151 147 147 SER SER A . n 
A 1 152 GLY 152 148 148 GLY GLY A . n 
A 1 153 PRO 153 149 149 PRO PRO A . n 
A 1 154 VAL 154 150 150 VAL VAL A . n 
A 1 155 PHE 155 151 151 PHE PHE A . n 
A 1 156 THR 156 152 152 THR THR A . n 
A 1 157 ASP 157 153 153 ASP ASP A . n 
A 1 158 SER 158 154 154 SER SER A . n 
A 1 159 GLY 159 155 155 GLY GLY A . n 
A 1 160 ILE 160 156 156 ILE ILE A . n 
A 1 161 HIS 161 157 157 HIS HIS A . n 
A 1 162 ILE 162 158 158 ILE ILE A . n 
A 1 163 ILE 163 159 159 ILE ILE A . n 
A 1 164 LEU 164 160 160 LEU LEU A . n 
A 1 165 ARG 165 161 161 ARG ARG A . n 
A 1 166 THR 166 162 162 THR THR A . n 
A 1 167 GLU 167 163 163 GLU GLU A . n 
# 
loop_
_pdbx_nonpoly_scheme.asym_id 
_pdbx_nonpoly_scheme.entity_id 
_pdbx_nonpoly_scheme.mon_id 
_pdbx_nonpoly_scheme.ndb_seq_num 
_pdbx_nonpoly_scheme.pdb_seq_num 
_pdbx_nonpoly_scheme.auth_seq_num 
_pdbx_nonpoly_scheme.pdb_mon_id 
_pdbx_nonpoly_scheme.auth_mon_id 
_pdbx_nonpoly_scheme.pdb_strand_id 
_pdbx_nonpoly_scheme.pdb_ins_code 
B 2 RZD 1  164 1   RZD RZD A . 
C 3 PE8 1  300 300 PE8 PE8 A . 
D 4 HOH 1  165 1   HOH HOH A . 
D 4 HOH 2  166 2   HOH HOH A . 
D 4 HOH 3  167 3   HOH HOH A . 
D 4 HOH 4  168 4   HOH HOH A . 
D 4 HOH 5  169 5   HOH HOH A . 
D 4 HOH 6  170 6   HOH HOH A . 
D 4 HOH 7  171 7   HOH HOH A . 
D 4 HOH 8  172 8   HOH HOH A . 
D 4 HOH 9  173 9   HOH HOH A . 
D 4 HOH 10 174 10  HOH HOH A . 
D 4 HOH 11 175 11  HOH HOH A . 
D 4 HOH 12 176 12  HOH HOH A . 
D 4 HOH 13 177 13  HOH HOH A . 
D 4 HOH 14 178 14  HOH HOH A . 
D 4 HOH 15 179 15  HOH HOH A . 
D 4 HOH 16 180 16  HOH HOH A . 
D 4 HOH 17 181 17  HOH HOH A . 
D 4 HOH 18 182 18  HOH HOH A . 
D 4 HOH 19 183 19  HOH HOH A . 
D 4 HOH 20 184 20  HOH HOH A . 
D 4 HOH 21 185 21  HOH HOH A . 
D 4 HOH 22 186 22  HOH HOH A . 
D 4 HOH 23 187 23  HOH HOH A . 
D 4 HOH 24 188 24  HOH HOH A . 
D 4 HOH 25 189 25  HOH HOH A . 
D 4 HOH 26 190 26  HOH HOH A . 
D 4 HOH 27 191 27  HOH HOH A . 
D 4 HOH 28 192 28  HOH HOH A . 
D 4 HOH 29 193 29  HOH HOH A . 
D 4 HOH 30 194 30  HOH HOH A . 
D 4 HOH 31 195 31  HOH HOH A . 
D 4 HOH 32 196 32  HOH HOH A . 
D 4 HOH 33 197 33  HOH HOH A . 
D 4 HOH 34 198 34  HOH HOH A . 
D 4 HOH 35 199 35  HOH HOH A . 
D 4 HOH 36 200 36  HOH HOH A . 
D 4 HOH 37 201 37  HOH HOH A . 
D 4 HOH 38 202 38  HOH HOH A . 
D 4 HOH 39 203 39  HOH HOH A . 
D 4 HOH 40 204 40  HOH HOH A . 
D 4 HOH 41 205 41  HOH HOH A . 
D 4 HOH 42 206 42  HOH HOH A . 
D 4 HOH 43 207 43  HOH HOH A . 
D 4 HOH 44 208 44  HOH HOH A . 
D 4 HOH 45 209 45  HOH HOH A . 
D 4 HOH 46 210 46  HOH HOH A . 
D 4 HOH 47 211 47  HOH HOH A . 
D 4 HOH 48 212 48  HOH HOH A . 
D 4 HOH 49 213 49  HOH HOH A . 
D 4 HOH 50 214 50  HOH HOH A . 
D 4 HOH 51 215 51  HOH HOH A . 
D 4 HOH 52 216 52  HOH HOH A . 
D 4 HOH 53 217 53  HOH HOH A . 
D 4 HOH 54 218 54  HOH HOH A . 
D 4 HOH 55 219 55  HOH HOH A . 
D 4 HOH 56 220 56  HOH HOH A . 
D 4 HOH 57 221 57  HOH HOH A . 
D 4 HOH 58 222 58  HOH HOH A . 
D 4 HOH 59 223 59  HOH HOH A . 
D 4 HOH 60 224 60  HOH HOH A . 
D 4 HOH 61 225 61  HOH HOH A . 
D 4 HOH 62 226 62  HOH HOH A . 
D 4 HOH 63 227 63  HOH HOH A . 
D 4 HOH 64 228 64  HOH HOH A . 
D 4 HOH 65 229 65  HOH HOH A . 
D 4 HOH 66 230 66  HOH HOH A . 
D 4 HOH 67 231 67  HOH HOH A . 
D 4 HOH 68 232 68  HOH HOH A . 
D 4 HOH 69 233 69  HOH HOH A . 
D 4 HOH 70 234 70  HOH HOH A . 
D 4 HOH 71 235 71  HOH HOH A . 
D 4 HOH 72 236 72  HOH HOH A . 
D 4 HOH 73 237 73  HOH HOH A . 
D 4 HOH 74 238 74  HOH HOH A . 
D 4 HOH 75 239 75  HOH HOH A . 
D 4 HOH 76 240 76  HOH HOH A . 
D 4 HOH 77 241 77  HOH HOH A . 
D 4 HOH 78 242 78  HOH HOH A . 
D 4 HOH 79 243 79  HOH HOH A . 
D 4 HOH 80 244 80  HOH HOH A . 
D 4 HOH 81 245 81  HOH HOH A . 
D 4 HOH 82 246 82  HOH HOH A . 
D 4 HOH 83 247 83  HOH HOH A . 
D 4 HOH 84 248 84  HOH HOH A . 
D 4 HOH 85 249 85  HOH HOH A . 
D 4 HOH 86 250 86  HOH HOH A . 
# 
loop_
_software.name 
_software.classification 
_software.version 
_software.citation_id 
_software.pdbx_ordinal 
HKL-2000 'data collection' .                 ? 1 
AMoRE    phasing           .                 ? 2 
PHENIX   refinement        '(phenix.refine)' ? 3 
HKL-2000 'data reduction'  .                 ? 4 
HKL-2000 'data scaling'    .                 ? 5 
# 
_cell.entry_id           3NTP 
_cell.length_a           68.847 
_cell.length_b           68.847 
_cell.length_c           79.782 
_cell.angle_alpha        90.00 
_cell.angle_beta         90.00 
_cell.angle_gamma        120.00 
_cell.Z_PDB              6 
_cell.pdbx_unique_axis   ? 
_cell.length_a_esd       ? 
_cell.length_b_esd       ? 
_cell.length_c_esd       ? 
_cell.angle_alpha_esd    ? 
_cell.angle_beta_esd     ? 
_cell.angle_gamma_esd    ? 
# 
_symmetry.entry_id                         3NTP 
_symmetry.space_group_name_H-M             'P 31 2 1' 
_symmetry.pdbx_full_space_group_name_H-M   ? 
_symmetry.cell_setting                     ? 
_symmetry.Int_Tables_number                152 
_symmetry.space_group_name_Hall            ? 
# 
_exptl.entry_id          3NTP 
_exptl.method            'X-RAY DIFFRACTION' 
_exptl.crystals_number   1 
# 
_exptl_crystal.id                    1 
_exptl_crystal.density_meas          ? 
_exptl_crystal.density_Matthews      2.95 
_exptl_crystal.density_percent_sol   58.26 
_exptl_crystal.description           ? 
_exptl_crystal.F_000                 ? 
_exptl_crystal.preparation           ? 
# 
_exptl_crystal_grow.crystal_id      1 
_exptl_crystal_grow.method          'VAPOR DIFFUSION, HANGING DROP' 
_exptl_crystal_grow.temp            277.0 
_exptl_crystal_grow.temp_details    ? 
_exptl_crystal_grow.pH              7.5 
_exptl_crystal_grow.pdbx_details    
'2M Ammonium Sulfate, 1% PEG400, 100mM HEPES, pH 7.5, VAPOR DIFFUSION, HANGING DROP, temperature 277.0K' 
_exptl_crystal_grow.pdbx_pH_range   ? 
# 
_diffrn.id                     1 
_diffrn.ambient_temp           100 
_diffrn.ambient_temp_details   ? 
_diffrn.crystal_id             1 
# 
_diffrn_detector.diffrn_id              1 
_diffrn_detector.detector               CCD 
_diffrn_detector.type                   'ADSC QUANTUM 315' 
_diffrn_detector.pdbx_collection_date   2007-03-12 
_diffrn_detector.details                mirror 
# 
_diffrn_radiation.diffrn_id                        1 
_diffrn_radiation.wavelength_id                    1 
_diffrn_radiation.pdbx_monochromatic_or_laue_m_l   M 
_diffrn_radiation.monochromator                    GRAPHITE 
_diffrn_radiation.pdbx_diffrn_protocol             'SINGLE WAVELENGTH' 
_diffrn_radiation.pdbx_scattering_type             x-ray 
# 
_diffrn_radiation_wavelength.id           1 
_diffrn_radiation_wavelength.wavelength   1.0 
_diffrn_radiation_wavelength.wt           1.0 
# 
_diffrn_source.diffrn_id                   1 
_diffrn_source.source                      SYNCHROTRON 
_diffrn_source.type                        'APS BEAMLINE 14-BM-C' 
_diffrn_source.pdbx_synchrotron_site       APS 
_diffrn_source.pdbx_synchrotron_beamline   14-BM-C 
_diffrn_source.pdbx_wavelength             1.0 
_diffrn_source.pdbx_wavelength_list        ? 
# 
_reflns.entry_id                     3NTP 
_reflns.observed_criterion_sigma_I   -3 
_reflns.observed_criterion_sigma_F   -3 
_reflns.d_resolution_low             47.8 
_reflns.d_resolution_high            1.76 
_reflns.number_obs                   21065 
_reflns.number_all                   22197 
_reflns.percent_possible_obs         94.9 
_reflns.pdbx_Rmerge_I_obs            ? 
_reflns.pdbx_Rsym_value              0.056 
_reflns.pdbx_netI_over_sigmaI        45.5 
_reflns.B_iso_Wilson_estimate        ? 
_reflns.pdbx_redundancy              9.1 
_reflns.R_free_details               ? 
_reflns.limit_h_max                  ? 
_reflns.limit_h_min                  ? 
_reflns.limit_k_max                  ? 
_reflns.limit_k_min                  ? 
_reflns.limit_l_max                  ? 
_reflns.limit_l_min                  ? 
_reflns.observed_criterion_F_max     ? 
_reflns.observed_criterion_F_min     ? 
_reflns.pdbx_chi_squared             ? 
_reflns.pdbx_scaling_rejects         ? 
_reflns.pdbx_ordinal                 1 
_reflns.pdbx_diffrn_id               1 
# 
_reflns_shell.d_res_high             1.76 
_reflns_shell.d_res_low              1.82 
_reflns_shell.percent_possible_all   58.6 
_reflns_shell.Rmerge_I_obs           ? 
_reflns_shell.pdbx_Rsym_value        0.303 
_reflns_shell.meanI_over_sigI_obs    2.5 
_reflns_shell.pdbx_redundancy        4.6 
_reflns_shell.percent_possible_obs   ? 
_reflns_shell.number_unique_all      1271 
_reflns_shell.number_measured_all    ? 
_reflns_shell.number_measured_obs    ? 
_reflns_shell.number_unique_obs      ? 
_reflns_shell.pdbx_chi_squared       ? 
_reflns_shell.pdbx_ordinal           1 
_reflns_shell.pdbx_diffrn_id         1 
# 
_refine.entry_id                                 3NTP 
_refine.ls_number_reflns_obs                     19742 
_refine.ls_number_reflns_all                     21037 
_refine.pdbx_ls_sigma_I                          ? 
_refine.pdbx_ls_sigma_F                          1.00 
_refine.pdbx_data_cutoff_high_absF               ? 
_refine.pdbx_data_cutoff_low_absF                ? 
_refine.pdbx_data_cutoff_high_rms_absF           ? 
_refine.ls_d_res_low                             26.061 
_refine.ls_d_res_high                            1.762 
_refine.ls_percent_reflns_obs                    89.35 
_refine.ls_R_factor_obs                          0.2328 
_refine.ls_R_factor_all                          ? 
_refine.ls_R_factor_R_work                       0.2312 
_refine.ls_R_factor_R_free                       0.2656 
_refine.ls_R_factor_R_free_error                 ? 
_refine.ls_R_factor_R_free_error_details         ? 
_refine.ls_percent_reflns_R_free                 4.76 
_refine.ls_number_reflns_R_free                  940 
_refine.ls_number_parameters                     ? 
_refine.ls_number_restraints                     ? 
_refine.occupancy_min                            ? 
_refine.occupancy_max                            ? 
_refine.correlation_coeff_Fo_to_Fc               ? 
_refine.correlation_coeff_Fo_to_Fc_free          ? 
_refine.B_iso_mean                               ? 
_refine.aniso_B[1][1]                            4.7120 
_refine.aniso_B[2][2]                            4.7120 
_refine.aniso_B[3][3]                            -9.4239 
_refine.aniso_B[1][2]                            -0.0000 
_refine.aniso_B[1][3]                            -0.0000 
_refine.aniso_B[2][3]                            0.0000 
_refine.solvent_model_details                    'FLAT BULK SOLVENT MODEL' 
_refine.solvent_model_param_ksol                 0.358 
_refine.solvent_model_param_bsol                 33.773 
_refine.pdbx_solvent_vdw_probe_radii             1.11 
_refine.pdbx_solvent_ion_probe_radii             ? 
_refine.pdbx_solvent_shrinkage_radii             0.90 
_refine.pdbx_ls_cross_valid_method               THROUGHOUT 
_refine.details                                  ? 
_refine.pdbx_starting_model                      'PDB entry 2tik' 
_refine.pdbx_method_to_determine_struct          'MOLECULAR REPLACEMENT' 
_refine.pdbx_isotropic_thermal_model             ? 
_refine.pdbx_stereochemistry_target_values       ML 
_refine.pdbx_stereochem_target_val_spec_case     ? 
_refine.pdbx_R_Free_selection_details            random 
_refine.pdbx_overall_ESU_R_Free                  ? 
_refine.overall_SU_ML                            0.22 
_refine.overall_SU_B                             ? 
_refine.overall_SU_R_Cruickshank_DPI             ? 
_refine.ls_redundancy_reflns_obs                 ? 
_refine.B_iso_min                                ? 
_refine.B_iso_max                                ? 
_refine.overall_SU_R_free                        ? 
_refine.ls_wR_factor_R_free                      ? 
_refine.ls_wR_factor_R_work                      ? 
_refine.overall_FOM_free_R_set                   ? 
_refine.overall_FOM_work_R_set                   ? 
_refine.pdbx_overall_phase_error                 ? 
_refine.pdbx_refine_id                           'X-RAY DIFFRACTION' 
_refine.pdbx_diffrn_id                           1 
_refine.pdbx_overall_ESU_R                       ? 
_refine.pdbx_TLS_residual_ADP_flag               ? 
_refine.pdbx_overall_SU_R_free_Cruickshank_DPI   ? 
_refine.pdbx_overall_SU_R_Blow_DPI               ? 
_refine.pdbx_overall_SU_R_free_Blow_DPI          ? 
# 
_refine_hist.pdbx_refine_id                   'X-RAY DIFFRACTION' 
_refine_hist.cycle_id                         LAST 
_refine_hist.pdbx_number_atoms_protein        1169 
_refine_hist.pdbx_number_atoms_nucleic_acid   0 
_refine_hist.pdbx_number_atoms_ligand         56 
_refine_hist.number_atoms_solvent             86 
_refine_hist.number_atoms_total               1311 
_refine_hist.d_res_high                       1.762 
_refine_hist.d_res_low                        26.061 
# 
loop_
_refine_ls_restr.type 
_refine_ls_restr.dev_ideal 
_refine_ls_restr.dev_ideal_target 
_refine_ls_restr.weight 
_refine_ls_restr.number 
_refine_ls_restr.pdbx_refine_id 
_refine_ls_restr.pdbx_restraint_function 
f_bond_d           0.005  ? ? 1251 'X-RAY DIFFRACTION' ? 
f_angle_d          1.248  ? ? 1671 'X-RAY DIFFRACTION' ? 
f_dihedral_angle_d 17.024 ? ? 490  'X-RAY DIFFRACTION' ? 
f_chiral_restr     0.061  ? ? 166  'X-RAY DIFFRACTION' ? 
f_plane_restr      0.003  ? ? 214  'X-RAY DIFFRACTION' ? 
# 
loop_
_refine_ls_shell.pdbx_total_number_of_bins_used 
_refine_ls_shell.d_res_high 
_refine_ls_shell.d_res_low 
_refine_ls_shell.number_reflns_R_work 
_refine_ls_shell.R_factor_R_work 
_refine_ls_shell.percent_reflns_obs 
_refine_ls_shell.R_factor_R_free 
_refine_ls_shell.R_factor_R_free_error 
_refine_ls_shell.percent_reflns_R_free 
_refine_ls_shell.number_reflns_R_free 
_refine_ls_shell.number_reflns_all 
_refine_ls_shell.R_factor_all 
_refine_ls_shell.number_reflns_obs 
_refine_ls_shell.redundancy_reflns_obs 
_refine_ls_shell.pdbx_refine_id 
. 1.762  1.8545  1673 0.2890 56.00 0.2484 . . 60  . . . . 'X-RAY DIFFRACTION' 
. 1.8545 1.9707  2454 0.2830 83.00 0.3615 . . 129 . . . . 'X-RAY DIFFRACTION' 
. 1.9707 2.1228  2802 0.2610 95.00 0.3118 . . 157 . . . . 'X-RAY DIFFRACTION' 
. 2.1228 2.3363  2856 0.2464 97.00 0.2664 . . 160 . . . . 'X-RAY DIFFRACTION' 
. 2.3363 2.6740  2898 0.2516 96.00 0.2686 . . 133 . . . . 'X-RAY DIFFRACTION' 
. 2.6740 3.3679  2976 0.2439 98.00 0.2612 . . 150 . . . . 'X-RAY DIFFRACTION' 
. 3.3679 26.0643 3143 0.1974 99.00 0.2413 . . 151 . . . . 'X-RAY DIFFRACTION' 
# 
_struct.entry_id                  3NTP 
_struct.title                     'Human Pin1 complexed with reduced amide inhibitor' 
_struct.pdbx_model_details        ? 
_struct.pdbx_CASP_flag            ? 
_struct.pdbx_model_type_details   ? 
# 
_struct_keywords.entry_id        3NTP 
_struct_keywords.pdbx_keywords   'Isomerase/Isomerase inhibitor' 
_struct_keywords.text            'prolyl isomerase, phosphorylation regulation, Isomerase-Isomerase inhibitor complex' 
# 
loop_
_struct_asym.id 
_struct_asym.pdbx_blank_PDB_chainid_flag 
_struct_asym.pdbx_modified 
_struct_asym.entity_id 
_struct_asym.details 
A N N 1 ? 
B N N 2 ? 
C N N 3 ? 
D N N 4 ? 
# 
_struct_ref.id                         1 
_struct_ref.db_name                    UNP 
_struct_ref.db_code                    PIN1_HUMAN 
_struct_ref.pdbx_db_accession          Q13526 
_struct_ref.entity_id                  1 
_struct_ref.pdbx_seq_one_letter_code   
;MADEEKLPPGWEKRMSRSSGRVYYFNHITNASQWERPSGNSSSGGKNGQGEPARVRCSHLLVKHSQSRRPSSWRQEKITR
TKEEALELINGYIQKIKSGEEDFESLASQFSDCSSAKARGDLGAFSRGQMQKPFEDASFALRTGEMSGPVFTDSGIHIIL
RTE
;
_struct_ref.pdbx_align_begin           1 
_struct_ref.pdbx_db_isoform            ? 
# 
_struct_ref_seq.align_id                      1 
_struct_ref_seq.ref_id                        1 
_struct_ref_seq.pdbx_PDB_id_code              3NTP 
_struct_ref_seq.pdbx_strand_id                A 
_struct_ref_seq.seq_align_beg                 5 
_struct_ref_seq.pdbx_seq_align_beg_ins_code   ? 
_struct_ref_seq.seq_align_end                 167 
_struct_ref_seq.pdbx_seq_align_end_ins_code   ? 
_struct_ref_seq.pdbx_db_accession             Q13526 
_struct_ref_seq.db_align_beg                  1 
_struct_ref_seq.pdbx_db_align_beg_ins_code    ? 
_struct_ref_seq.db_align_end                  163 
_struct_ref_seq.pdbx_db_align_end_ins_code    ? 
_struct_ref_seq.pdbx_auth_seq_align_beg       1 
_struct_ref_seq.pdbx_auth_seq_align_end       163 
# 
loop_
_struct_ref_seq_dif.align_id 
_struct_ref_seq_dif.pdbx_pdb_id_code 
_struct_ref_seq_dif.mon_id 
_struct_ref_seq_dif.pdbx_pdb_strand_id 
_struct_ref_seq_dif.seq_num 
_struct_ref_seq_dif.pdbx_pdb_ins_code 
_struct_ref_seq_dif.pdbx_seq_db_name 
_struct_ref_seq_dif.pdbx_seq_db_accession_code 
_struct_ref_seq_dif.db_mon_id 
_struct_ref_seq_dif.pdbx_seq_db_seq_num 
_struct_ref_seq_dif.details 
_struct_ref_seq_dif.pdbx_auth_seq_num 
_struct_ref_seq_dif.pdbx_ordinal 
1 3NTP GLY A 1  ? UNP Q13526 ?   ?  'expression tag'      -3 1 
1 3NTP SER A 2  ? UNP Q13526 ?   ?  'expression tag'      -2 2 
1 3NTP HIS A 3  ? UNP Q13526 ?   ?  'expression tag'      -1 3 
1 3NTP GLY A 4  ? UNP Q13526 ?   ?  'expression tag'      0  4 
1 3NTP ALA A 18 ? UNP Q13526 ARG 14 'engineered mutation' 14 5 
# 
_pdbx_struct_assembly.id                   1 
_pdbx_struct_assembly.details              author_and_software_defined_assembly 
_pdbx_struct_assembly.method_details       PISA 
_pdbx_struct_assembly.oligomeric_details   monomeric 
_pdbx_struct_assembly.oligomeric_count     1 
# 
_pdbx_struct_assembly_gen.assembly_id       1 
_pdbx_struct_assembly_gen.oper_expression   1 
_pdbx_struct_assembly_gen.asym_id_list      A,B,C,D 
# 
_pdbx_struct_oper_list.id                   1 
_pdbx_struct_oper_list.type                 'identity operation' 
_pdbx_struct_oper_list.name                 1_555 
_pdbx_struct_oper_list.symmetry_operation   x,y,z 
_pdbx_struct_oper_list.matrix[1][1]         1.0000000000 
_pdbx_struct_oper_list.matrix[1][2]         0.0000000000 
_pdbx_struct_oper_list.matrix[1][3]         0.0000000000 
_pdbx_struct_oper_list.vector[1]            0.0000000000 
_pdbx_struct_oper_list.matrix[2][1]         0.0000000000 
_pdbx_struct_oper_list.matrix[2][2]         1.0000000000 
_pdbx_struct_oper_list.matrix[2][3]         0.0000000000 
_pdbx_struct_oper_list.vector[2]            0.0000000000 
_pdbx_struct_oper_list.matrix[3][1]         0.0000000000 
_pdbx_struct_oper_list.matrix[3][2]         0.0000000000 
_pdbx_struct_oper_list.matrix[3][3]         1.0000000000 
_pdbx_struct_oper_list.vector[3]            0.0000000000 
# 
_struct_biol.id        1 
_struct_biol.details   ? 
# 
loop_
_struct_conf.conf_type_id 
_struct_conf.id 
_struct_conf.pdbx_PDB_helix_id 
_struct_conf.beg_label_comp_id 
_struct_conf.beg_label_asym_id 
_struct_conf.beg_label_seq_id 
_struct_conf.pdbx_beg_PDB_ins_code 
_struct_conf.end_label_comp_id 
_struct_conf.end_label_asym_id 
_struct_conf.end_label_seq_id 
_struct_conf.pdbx_end_PDB_ins_code 
_struct_conf.beg_auth_comp_id 
_struct_conf.beg_auth_asym_id 
_struct_conf.beg_auth_seq_id 
_struct_conf.end_auth_comp_id 
_struct_conf.end_auth_asym_id 
_struct_conf.end_auth_seq_id 
_struct_conf.pdbx_PDB_helix_class 
_struct_conf.details 
_struct_conf.pdbx_PDB_helix_length 
HELX_P HELX_P1 1 THR A 85  ? SER A 102 ? THR A 81  SER A 98  1 ? 18 
HELX_P HELX_P2 2 ASP A 106 ? SER A 115 ? ASP A 102 SER A 111 1 ? 10 
HELX_P HELX_P3 3 CYS A 117 ? ARG A 123 ? CYS A 113 ARG A 119 5 ? 7  
HELX_P HELX_P4 4 GLN A 135 ? LEU A 145 ? GLN A 131 LEU A 141 1 ? 11 
# 
_struct_conf_type.id          HELX_P 
_struct_conf_type.criteria    ? 
_struct_conf_type.reference   ? 
# 
loop_
_struct_sheet.id 
_struct_sheet.type 
_struct_sheet.number_strands 
_struct_sheet.details 
A ? 3 ? 
B ? 4 ? 
# 
loop_
_struct_sheet_order.sheet_id 
_struct_sheet_order.range_id_1 
_struct_sheet_order.range_id_2 
_struct_sheet_order.offset 
_struct_sheet_order.sense 
A 1 2 ? anti-parallel 
A 2 3 ? anti-parallel 
B 1 2 ? anti-parallel 
B 2 3 ? anti-parallel 
B 3 4 ? anti-parallel 
# 
loop_
_struct_sheet_range.sheet_id 
_struct_sheet_range.id 
_struct_sheet_range.beg_label_comp_id 
_struct_sheet_range.beg_label_asym_id 
_struct_sheet_range.beg_label_seq_id 
_struct_sheet_range.pdbx_beg_PDB_ins_code 
_struct_sheet_range.end_label_comp_id 
_struct_sheet_range.end_label_asym_id 
_struct_sheet_range.end_label_seq_id 
_struct_sheet_range.pdbx_end_PDB_ins_code 
_struct_sheet_range.beg_auth_comp_id 
_struct_sheet_range.beg_auth_asym_id 
_struct_sheet_range.beg_auth_seq_id 
_struct_sheet_range.end_auth_comp_id 
_struct_sheet_range.end_auth_asym_id 
_struct_sheet_range.end_auth_seq_id 
A 1 TRP A 15  ? MET A 19  ? TRP A 11  MET A 15  
A 2 VAL A 26  ? ASN A 30  ? VAL A 22  ASN A 26  
A 3 SER A 36  ? GLN A 37  ? SER A 32  GLN A 33  
B 1 ASP A 125 ? SER A 130 ? ASP A 121 SER A 126 
B 2 ARG A 58  ? VAL A 66  ? ARG A 54  VAL A 62  
B 3 GLY A 159 ? GLU A 167 ? GLY A 155 GLU A 163 
B 4 VAL A 154 ? THR A 156 ? VAL A 150 THR A 152 
# 
loop_
_pdbx_struct_sheet_hbond.sheet_id 
_pdbx_struct_sheet_hbond.range_id_1 
_pdbx_struct_sheet_hbond.range_id_2 
_pdbx_struct_sheet_hbond.range_1_label_atom_id 
_pdbx_struct_sheet_hbond.range_1_label_comp_id 
_pdbx_struct_sheet_hbond.range_1_label_asym_id 
_pdbx_struct_sheet_hbond.range_1_label_seq_id 
_pdbx_struct_sheet_hbond.range_1_PDB_ins_code 
_pdbx_struct_sheet_hbond.range_1_auth_atom_id 
_pdbx_struct_sheet_hbond.range_1_auth_comp_id 
_pdbx_struct_sheet_hbond.range_1_auth_asym_id 
_pdbx_struct_sheet_hbond.range_1_auth_seq_id 
_pdbx_struct_sheet_hbond.range_2_label_atom_id 
_pdbx_struct_sheet_hbond.range_2_label_comp_id 
_pdbx_struct_sheet_hbond.range_2_label_asym_id 
_pdbx_struct_sheet_hbond.range_2_label_seq_id 
_pdbx_struct_sheet_hbond.range_2_PDB_ins_code 
_pdbx_struct_sheet_hbond.range_2_auth_atom_id 
_pdbx_struct_sheet_hbond.range_2_auth_comp_id 
_pdbx_struct_sheet_hbond.range_2_auth_asym_id 
_pdbx_struct_sheet_hbond.range_2_auth_seq_id 
A 1 2 N ALA A 18  ? N ALA A 14  O TYR A 27  ? O TYR A 23  
A 2 3 N TYR A 28  ? N TYR A 24  O GLN A 37  ? O GLN A 33  
B 1 2 O PHE A 129 ? O PHE A 125 N VAL A 59  ? N VAL A 55  
B 2 3 N SER A 62  ? N SER A 58  O LEU A 164 ? O LEU A 160 
B 3 4 O HIS A 161 ? O HIS A 157 N VAL A 154 ? N VAL A 150 
# 
loop_
_struct_site.id 
_struct_site.pdbx_evidence_code 
_struct_site.pdbx_auth_asym_id 
_struct_site.pdbx_auth_comp_id 
_struct_site.pdbx_auth_seq_id 
_struct_site.pdbx_auth_ins_code 
_struct_site.pdbx_num_residues 
_struct_site.details 
AC1 Software A RZD 164 ? 13 'BINDING SITE FOR RESIDUE RZD A 164' 
AC2 Software A PE8 300 ? 15 'BINDING SITE FOR RESIDUE PE8 A 300' 
# 
loop_
_struct_site_gen.id 
_struct_site_gen.site_id 
_struct_site_gen.pdbx_num_res 
_struct_site_gen.label_comp_id 
_struct_site_gen.label_asym_id 
_struct_site_gen.label_seq_id 
_struct_site_gen.pdbx_auth_ins_code 
_struct_site_gen.auth_comp_id 
_struct_site_gen.auth_asym_id 
_struct_site_gen.auth_seq_id 
_struct_site_gen.label_atom_id 
_struct_site_gen.label_alt_id 
_struct_site_gen.symmetry 
_struct_site_gen.details 
1  AC1 13 LYS A 67  ? LYS A 63  . ? 1_555 ? 
2  AC1 13 ARG A 72  ? ARG A 68  . ? 1_555 ? 
3  AC1 13 ARG A 73  ? ARG A 69  . ? 1_555 ? 
4  AC1 13 CYS A 117 ? CYS A 113 . ? 1_555 ? 
5  AC1 13 LEU A 126 ? LEU A 122 . ? 1_555 ? 
6  AC1 13 GLN A 133 ? GLN A 129 . ? 1_555 ? 
7  AC1 13 MET A 134 ? MET A 130 . ? 1_555 ? 
8  AC1 13 GLN A 135 ? GLN A 131 . ? 1_555 ? 
9  AC1 13 PHE A 138 ? PHE A 134 . ? 1_555 ? 
10 AC1 13 SER A 158 ? SER A 154 . ? 1_555 ? 
11 AC1 13 HOH D .   ? HOH A 166 . ? 1_555 ? 
12 AC1 13 HOH D .   ? HOH A 183 . ? 1_555 ? 
13 AC1 13 HOH D .   ? HOH A 241 . ? 1_555 ? 
14 AC2 15 TYR A 27  ? TYR A 23  . ? 1_555 ? 
15 AC2 15 ALA A 35  ? ALA A 31  . ? 1_555 ? 
16 AC2 15 SER A 36  ? SER A 32  . ? 1_555 ? 
17 AC2 15 GLN A 37  ? GLN A 33  . ? 1_555 ? 
18 AC2 15 TRP A 38  ? TRP A 34  . ? 1_555 ? 
19 AC2 15 ILE A 97  ? ILE A 93  . ? 1_555 ? 
20 AC2 15 LYS A 101 ? LYS A 97  . ? 1_555 ? 
21 AC2 15 LYS A 101 ? LYS A 97  . ? 4_557 ? 
22 AC2 15 SER A 102 ? SER A 98  . ? 4_557 ? 
23 AC2 15 MET A 150 ? MET A 146 . ? 1_555 ? 
24 AC2 15 SER A 151 ? SER A 147 . ? 1_555 ? 
25 AC2 15 GLY A 152 ? GLY A 148 . ? 1_555 ? 
26 AC2 15 HOH D .   ? HOH A 168 . ? 1_555 ? 
27 AC2 15 HOH D .   ? HOH A 215 . ? 1_555 ? 
28 AC2 15 HOH D .   ? HOH A 245 . ? 1_555 ? 
# 
_pdbx_validate_close_contact.id               1 
_pdbx_validate_close_contact.PDB_model_num    1 
_pdbx_validate_close_contact.auth_atom_id_1   O 
_pdbx_validate_close_contact.auth_asym_id_1   A 
_pdbx_validate_close_contact.auth_comp_id_1   THR 
_pdbx_validate_close_contact.auth_seq_id_1    79 
_pdbx_validate_close_contact.PDB_ins_code_1   ? 
_pdbx_validate_close_contact.label_alt_id_1   ? 
_pdbx_validate_close_contact.auth_atom_id_2   O 
_pdbx_validate_close_contact.auth_asym_id_2   A 
_pdbx_validate_close_contact.auth_comp_id_2   HOH 
_pdbx_validate_close_contact.auth_seq_id_2    238 
_pdbx_validate_close_contact.PDB_ins_code_2   ? 
_pdbx_validate_close_contact.label_alt_id_2   ? 
_pdbx_validate_close_contact.dist             2.19 
# 
_pdbx_validate_rmsd_angle.id                         1 
_pdbx_validate_rmsd_angle.PDB_model_num              1 
_pdbx_validate_rmsd_angle.auth_atom_id_1             C 
_pdbx_validate_rmsd_angle.auth_asym_id_1             A 
_pdbx_validate_rmsd_angle.auth_comp_id_1             ARG 
_pdbx_validate_rmsd_angle.auth_seq_id_1              36 
_pdbx_validate_rmsd_angle.PDB_ins_code_1             ? 
_pdbx_validate_rmsd_angle.label_alt_id_1             ? 
_pdbx_validate_rmsd_angle.auth_atom_id_2             N 
_pdbx_validate_rmsd_angle.auth_asym_id_2             A 
_pdbx_validate_rmsd_angle.auth_comp_id_2             PRO 
_pdbx_validate_rmsd_angle.auth_seq_id_2              37 
_pdbx_validate_rmsd_angle.PDB_ins_code_2             ? 
_pdbx_validate_rmsd_angle.label_alt_id_2             ? 
_pdbx_validate_rmsd_angle.auth_atom_id_3             CA 
_pdbx_validate_rmsd_angle.auth_asym_id_3             A 
_pdbx_validate_rmsd_angle.auth_comp_id_3             PRO 
_pdbx_validate_rmsd_angle.auth_seq_id_3              37 
_pdbx_validate_rmsd_angle.PDB_ins_code_3             ? 
_pdbx_validate_rmsd_angle.label_alt_id_3             ? 
_pdbx_validate_rmsd_angle.angle_value                128.40 
_pdbx_validate_rmsd_angle.angle_target_value         119.30 
_pdbx_validate_rmsd_angle.angle_deviation            9.10 
_pdbx_validate_rmsd_angle.angle_standard_deviation   1.50 
_pdbx_validate_rmsd_angle.linker_flag                Y 
# 
loop_
_pdbx_validate_torsion.id 
_pdbx_validate_torsion.PDB_model_num 
_pdbx_validate_torsion.auth_comp_id 
_pdbx_validate_torsion.auth_asym_id 
_pdbx_validate_torsion.auth_seq_id 
_pdbx_validate_torsion.PDB_ins_code 
_pdbx_validate_torsion.label_alt_id 
_pdbx_validate_torsion.phi 
_pdbx_validate_torsion.psi 
1 1 LEU A 7   ? ? 72.48  118.64 
2 1 PRO A 37  ? ? -36.31 -84.71 
3 1 ASP A 112 ? ? -86.77 36.07  
# 
loop_
_pdbx_unobs_or_zero_occ_residues.id 
_pdbx_unobs_or_zero_occ_residues.PDB_model_num 
_pdbx_unobs_or_zero_occ_residues.polymer_flag 
_pdbx_unobs_or_zero_occ_residues.occupancy_flag 
_pdbx_unobs_or_zero_occ_residues.auth_asym_id 
_pdbx_unobs_or_zero_occ_residues.auth_comp_id 
_pdbx_unobs_or_zero_occ_residues.auth_seq_id 
_pdbx_unobs_or_zero_occ_residues.PDB_ins_code 
_pdbx_unobs_or_zero_occ_residues.label_asym_id 
_pdbx_unobs_or_zero_occ_residues.label_comp_id 
_pdbx_unobs_or_zero_occ_residues.label_seq_id 
1  1 Y 1 A GLY -3 ? A GLY 1  
2  1 Y 1 A SER -2 ? A SER 2  
3  1 Y 1 A HIS -1 ? A HIS 3  
4  1 Y 1 A GLY 0  ? A GLY 4  
5  1 Y 1 A MET 1  ? A MET 5  
6  1 Y 1 A ALA 2  ? A ALA 6  
7  1 Y 1 A ASP 3  ? A ASP 7  
8  1 Y 1 A GLU 4  ? A GLU 8  
9  1 Y 1 A GLU 5  ? A GLU 9  
10 1 Y 1 A GLY 39 ? A GLY 43 
11 1 Y 1 A ASN 40 ? A ASN 44 
12 1 Y 1 A SER 41 ? A SER 45 
13 1 Y 1 A SER 42 ? A SER 46 
14 1 Y 1 A SER 43 ? A SER 47 
15 1 Y 1 A GLY 44 ? A GLY 48 
16 1 Y 1 A GLY 45 ? A GLY 49 
17 1 Y 1 A LYS 46 ? A LYS 50 
18 1 Y 1 A ASN 47 ? A ASN 51 
19 1 Y 1 A GLY 48 ? A GLY 52 
20 1 Y 1 A GLN 49 ? A GLN 53 
# 
loop_
_chem_comp_atom.comp_id 
_chem_comp_atom.atom_id 
_chem_comp_atom.type_symbol 
_chem_comp_atom.pdbx_aromatic_flag 
_chem_comp_atom.pdbx_stereo_config 
_chem_comp_atom.pdbx_ordinal 
ALA N    N N N 1   
ALA CA   C N S 2   
ALA C    C N N 3   
ALA O    O N N 4   
ALA CB   C N N 5   
ALA OXT  O N N 6   
ALA H    H N N 7   
ALA H2   H N N 8   
ALA HA   H N N 9   
ALA HB1  H N N 10  
ALA HB2  H N N 11  
ALA HB3  H N N 12  
ALA HXT  H N N 13  
ARG N    N N N 14  
ARG CA   C N S 15  
ARG C    C N N 16  
ARG O    O N N 17  
ARG CB   C N N 18  
ARG CG   C N N 19  
ARG CD   C N N 20  
ARG NE   N N N 21  
ARG CZ   C N N 22  
ARG NH1  N N N 23  
ARG NH2  N N N 24  
ARG OXT  O N N 25  
ARG H    H N N 26  
ARG H2   H N N 27  
ARG HA   H N N 28  
ARG HB2  H N N 29  
ARG HB3  H N N 30  
ARG HG2  H N N 31  
ARG HG3  H N N 32  
ARG HD2  H N N 33  
ARG HD3  H N N 34  
ARG HE   H N N 35  
ARG HH11 H N N 36  
ARG HH12 H N N 37  
ARG HH21 H N N 38  
ARG HH22 H N N 39  
ARG HXT  H N N 40  
ASN N    N N N 41  
ASN CA   C N S 42  
ASN C    C N N 43  
ASN O    O N N 44  
ASN CB   C N N 45  
ASN CG   C N N 46  
ASN OD1  O N N 47  
ASN ND2  N N N 48  
ASN OXT  O N N 49  
ASN H    H N N 50  
ASN H2   H N N 51  
ASN HA   H N N 52  
ASN HB2  H N N 53  
ASN HB3  H N N 54  
ASN HD21 H N N 55  
ASN HD22 H N N 56  
ASN HXT  H N N 57  
ASP N    N N N 58  
ASP CA   C N S 59  
ASP C    C N N 60  
ASP O    O N N 61  
ASP CB   C N N 62  
ASP CG   C N N 63  
ASP OD1  O N N 64  
ASP OD2  O N N 65  
ASP OXT  O N N 66  
ASP H    H N N 67  
ASP H2   H N N 68  
ASP HA   H N N 69  
ASP HB2  H N N 70  
ASP HB3  H N N 71  
ASP HD2  H N N 72  
ASP HXT  H N N 73  
CYS N    N N N 74  
CYS CA   C N R 75  
CYS C    C N N 76  
CYS O    O N N 77  
CYS CB   C N N 78  
CYS SG   S N N 79  
CYS OXT  O N N 80  
CYS H    H N N 81  
CYS H2   H N N 82  
CYS HA   H N N 83  
CYS HB2  H N N 84  
CYS HB3  H N N 85  
CYS HG   H N N 86  
CYS HXT  H N N 87  
GLN N    N N N 88  
GLN CA   C N S 89  
GLN C    C N N 90  
GLN O    O N N 91  
GLN CB   C N N 92  
GLN CG   C N N 93  
GLN CD   C N N 94  
GLN OE1  O N N 95  
GLN NE2  N N N 96  
GLN OXT  O N N 97  
GLN H    H N N 98  
GLN H2   H N N 99  
GLN HA   H N N 100 
GLN HB2  H N N 101 
GLN HB3  H N N 102 
GLN HG2  H N N 103 
GLN HG3  H N N 104 
GLN HE21 H N N 105 
GLN HE22 H N N 106 
GLN HXT  H N N 107 
GLU N    N N N 108 
GLU CA   C N S 109 
GLU C    C N N 110 
GLU O    O N N 111 
GLU CB   C N N 112 
GLU CG   C N N 113 
GLU CD   C N N 114 
GLU OE1  O N N 115 
GLU OE2  O N N 116 
GLU OXT  O N N 117 
GLU H    H N N 118 
GLU H2   H N N 119 
GLU HA   H N N 120 
GLU HB2  H N N 121 
GLU HB3  H N N 122 
GLU HG2  H N N 123 
GLU HG3  H N N 124 
GLU HE2  H N N 125 
GLU HXT  H N N 126 
GLY N    N N N 127 
GLY CA   C N N 128 
GLY C    C N N 129 
GLY O    O N N 130 
GLY OXT  O N N 131 
GLY H    H N N 132 
GLY H2   H N N 133 
GLY HA2  H N N 134 
GLY HA3  H N N 135 
GLY HXT  H N N 136 
HIS N    N N N 137 
HIS CA   C N S 138 
HIS C    C N N 139 
HIS O    O N N 140 
HIS CB   C N N 141 
HIS CG   C Y N 142 
HIS ND1  N Y N 143 
HIS CD2  C Y N 144 
HIS CE1  C Y N 145 
HIS NE2  N Y N 146 
HIS OXT  O N N 147 
HIS H    H N N 148 
HIS H2   H N N 149 
HIS HA   H N N 150 
HIS HB2  H N N 151 
HIS HB3  H N N 152 
HIS HD1  H N N 153 
HIS HD2  H N N 154 
HIS HE1  H N N 155 
HIS HE2  H N N 156 
HIS HXT  H N N 157 
HOH O    O N N 158 
HOH H1   H N N 159 
HOH H2   H N N 160 
ILE N    N N N 161 
ILE CA   C N S 162 
ILE C    C N N 163 
ILE O    O N N 164 
ILE CB   C N S 165 
ILE CG1  C N N 166 
ILE CG2  C N N 167 
ILE CD1  C N N 168 
ILE OXT  O N N 169 
ILE H    H N N 170 
ILE H2   H N N 171 
ILE HA   H N N 172 
ILE HB   H N N 173 
ILE HG12 H N N 174 
ILE HG13 H N N 175 
ILE HG21 H N N 176 
ILE HG22 H N N 177 
ILE HG23 H N N 178 
ILE HD11 H N N 179 
ILE HD12 H N N 180 
ILE HD13 H N N 181 
ILE HXT  H N N 182 
LEU N    N N N 183 
LEU CA   C N S 184 
LEU C    C N N 185 
LEU O    O N N 186 
LEU CB   C N N 187 
LEU CG   C N N 188 
LEU CD1  C N N 189 
LEU CD2  C N N 190 
LEU OXT  O N N 191 
LEU H    H N N 192 
LEU H2   H N N 193 
LEU HA   H N N 194 
LEU HB2  H N N 195 
LEU HB3  H N N 196 
LEU HG   H N N 197 
LEU HD11 H N N 198 
LEU HD12 H N N 199 
LEU HD13 H N N 200 
LEU HD21 H N N 201 
LEU HD22 H N N 202 
LEU HD23 H N N 203 
LEU HXT  H N N 204 
LYS N    N N N 205 
LYS CA   C N S 206 
LYS C    C N N 207 
LYS O    O N N 208 
LYS CB   C N N 209 
LYS CG   C N N 210 
LYS CD   C N N 211 
LYS CE   C N N 212 
LYS NZ   N N N 213 
LYS OXT  O N N 214 
LYS H    H N N 215 
LYS H2   H N N 216 
LYS HA   H N N 217 
LYS HB2  H N N 218 
LYS HB3  H N N 219 
LYS HG2  H N N 220 
LYS HG3  H N N 221 
LYS HD2  H N N 222 
LYS HD3  H N N 223 
LYS HE2  H N N 224 
LYS HE3  H N N 225 
LYS HZ1  H N N 226 
LYS HZ2  H N N 227 
LYS HZ3  H N N 228 
LYS HXT  H N N 229 
MET N    N N N 230 
MET CA   C N S 231 
MET C    C N N 232 
MET O    O N N 233 
MET CB   C N N 234 
MET CG   C N N 235 
MET SD   S N N 236 
MET CE   C N N 237 
MET OXT  O N N 238 
MET H    H N N 239 
MET H2   H N N 240 
MET HA   H N N 241 
MET HB2  H N N 242 
MET HB3  H N N 243 
MET HG2  H N N 244 
MET HG3  H N N 245 
MET HE1  H N N 246 
MET HE2  H N N 247 
MET HE3  H N N 248 
MET HXT  H N N 249 
PE8 O1   O N N 250 
PE8 C2   C N N 251 
PE8 C3   C N N 252 
PE8 O4   O N N 253 
PE8 C5   C N N 254 
PE8 C6   C N N 255 
PE8 O7   O N N 256 
PE8 C8   C N N 257 
PE8 C9   C N N 258 
PE8 O10  O N N 259 
PE8 C11  C N N 260 
PE8 C12  C N N 261 
PE8 O13  O N N 262 
PE8 C14  C N N 263 
PE8 C15  C N N 264 
PE8 O16  O N N 265 
PE8 C17  C N N 266 
PE8 C18  C N N 267 
PE8 O19  O N N 268 
PE8 C20  C N N 269 
PE8 C21  C N N 270 
PE8 O22  O N N 271 
PE8 C23  C N N 272 
PE8 C24  C N N 273 
PE8 O25  O N N 274 
PE8 HO1  H N N 275 
PE8 H21  H N N 276 
PE8 H22  H N N 277 
PE8 H31  H N N 278 
PE8 H32  H N N 279 
PE8 H51  H N N 280 
PE8 H52  H N N 281 
PE8 H61  H N N 282 
PE8 H62  H N N 283 
PE8 H81  H N N 284 
PE8 H82  H N N 285 
PE8 H91  H N N 286 
PE8 H92  H N N 287 
PE8 H111 H N N 288 
PE8 H112 H N N 289 
PE8 H121 H N N 290 
PE8 H122 H N N 291 
PE8 H141 H N N 292 
PE8 H142 H N N 293 
PE8 H151 H N N 294 
PE8 H152 H N N 295 
PE8 H171 H N N 296 
PE8 H172 H N N 297 
PE8 H181 H N N 298 
PE8 H182 H N N 299 
PE8 H201 H N N 300 
PE8 H202 H N N 301 
PE8 H211 H N N 302 
PE8 H212 H N N 303 
PE8 H231 H N N 304 
PE8 H232 H N N 305 
PE8 H241 H N N 306 
PE8 H242 H N N 307 
PE8 H25  H N N 308 
PHE N    N N N 309 
PHE CA   C N S 310 
PHE C    C N N 311 
PHE O    O N N 312 
PHE CB   C N N 313 
PHE CG   C Y N 314 
PHE CD1  C Y N 315 
PHE CD2  C Y N 316 
PHE CE1  C Y N 317 
PHE CE2  C Y N 318 
PHE CZ   C Y N 319 
PHE OXT  O N N 320 
PHE H    H N N 321 
PHE H2   H N N 322 
PHE HA   H N N 323 
PHE HB2  H N N 324 
PHE HB3  H N N 325 
PHE HD1  H N N 326 
PHE HD2  H N N 327 
PHE HE1  H N N 328 
PHE HE2  H N N 329 
PHE HZ   H N N 330 
PHE HXT  H N N 331 
PRO N    N N N 332 
PRO CA   C N S 333 
PRO C    C N N 334 
PRO O    O N N 335 
PRO CB   C N N 336 
PRO CG   C N N 337 
PRO CD   C N N 338 
PRO OXT  O N N 339 
PRO H    H N N 340 
PRO HA   H N N 341 
PRO HB2  H N N 342 
PRO HB3  H N N 343 
PRO HG2  H N N 344 
PRO HG3  H N N 345 
PRO HD2  H N N 346 
PRO HD3  H N N 347 
PRO HXT  H N N 348 
RZD P    P N N 349 
RZD C1   C N S 350 
RZD N1   N N N 351 
RZD O1   O N N 352 
RZD C2   C N N 353 
RZD N2   N N N 354 
RZD O2   O N N 355 
RZD C3   C N N 356 
RZD N3   N Y N 357 
RZD C4   C N N 358 
RZD N4   N N N 359 
RZD C5   C N N 360 
RZD C6   C N N 361 
RZD C7   C N N 362 
RZD C8   C N N 363 
RZD C9   C N R 364 
RZD C10  C N N 365 
RZD C11  C N N 366 
RZD C12  C N N 367 
RZD O1P  O N N 368 
RZD C21  C Y N 369 
RZD C22  C Y N 370 
RZD C23  C Y N 371 
RZD C24  C Y N 372 
RZD C25  C Y N 373 
RZD C26  C Y N 374 
RZD C27  C Y N 375 
RZD C28  C Y N 376 
RZD O2P  O N N 377 
RZD O3P  O N N 378 
RZD O4P  O N N 379 
RZD H1   H N N 380 
RZD H2   H N N 381 
RZD H2A  H N N 382 
RZD HN2  H N N 383 
RZD H3   H N N 384 
RZD H3A  H N N 385 
RZD HN3  H N N 386 
RZD H4   H N N 387 
RZD H4A  H N N 388 
RZD HN4  H N N 389 
RZD H5   H N N 390 
RZD H5A  H N N 391 
RZD H7   H N N 392 
RZD H7A  H N N 393 
RZD H8   H N N 394 
RZD H8A  H N N 395 
RZD H9   H N N 396 
RZD H10  H N N 397 
RZD H10A H N N 398 
RZD H12  H N N 399 
RZD H12A H N N 400 
RZD H12B H N N 401 
RZD H22  H N N 402 
RZD H25  H N N 403 
RZD H26  H N N 404 
RZD H27  H N N 405 
RZD H28  H N N 406 
RZD HO1P H N N 407 
RZD HO2P H N N 408 
SER N    N N N 409 
SER CA   C N S 410 
SER C    C N N 411 
SER O    O N N 412 
SER CB   C N N 413 
SER OG   O N N 414 
SER OXT  O N N 415 
SER H    H N N 416 
SER H2   H N N 417 
SER HA   H N N 418 
SER HB2  H N N 419 
SER HB3  H N N 420 
SER HG   H N N 421 
SER HXT  H N N 422 
THR N    N N N 423 
THR CA   C N S 424 
THR C    C N N 425 
THR O    O N N 426 
THR CB   C N R 427 
THR OG1  O N N 428 
THR CG2  C N N 429 
THR OXT  O N N 430 
THR H    H N N 431 
THR H2   H N N 432 
THR HA   H N N 433 
THR HB   H N N 434 
THR HG1  H N N 435 
THR HG21 H N N 436 
THR HG22 H N N 437 
THR HG23 H N N 438 
THR HXT  H N N 439 
TRP N    N N N 440 
TRP CA   C N S 441 
TRP C    C N N 442 
TRP O    O N N 443 
TRP CB   C N N 444 
TRP CG   C Y N 445 
TRP CD1  C Y N 446 
TRP CD2  C Y N 447 
TRP NE1  N Y N 448 
TRP CE2  C Y N 449 
TRP CE3  C Y N 450 
TRP CZ2  C Y N 451 
TRP CZ3  C Y N 452 
TRP CH2  C Y N 453 
TRP OXT  O N N 454 
TRP H    H N N 455 
TRP H2   H N N 456 
TRP HA   H N N 457 
TRP HB2  H N N 458 
TRP HB3  H N N 459 
TRP HD1  H N N 460 
TRP HE1  H N N 461 
TRP HE3  H N N 462 
TRP HZ2  H N N 463 
TRP HZ3  H N N 464 
TRP HH2  H N N 465 
TRP HXT  H N N 466 
TYR N    N N N 467 
TYR CA   C N S 468 
TYR C    C N N 469 
TYR O    O N N 470 
TYR CB   C N N 471 
TYR CG   C Y N 472 
TYR CD1  C Y N 473 
TYR CD2  C Y N 474 
TYR CE1  C Y N 475 
TYR CE2  C Y N 476 
TYR CZ   C Y N 477 
TYR OH   O N N 478 
TYR OXT  O N N 479 
TYR H    H N N 480 
TYR H2   H N N 481 
TYR HA   H N N 482 
TYR HB2  H N N 483 
TYR HB3  H N N 484 
TYR HD1  H N N 485 
TYR HD2  H N N 486 
TYR HE1  H N N 487 
TYR HE2  H N N 488 
TYR HH   H N N 489 
TYR HXT  H N N 490 
VAL N    N N N 491 
VAL CA   C N S 492 
VAL C    C N N 493 
VAL O    O N N 494 
VAL CB   C N N 495 
VAL CG1  C N N 496 
VAL CG2  C N N 497 
VAL OXT  O N N 498 
VAL H    H N N 499 
VAL H2   H N N 500 
VAL HA   H N N 501 
VAL HB   H N N 502 
VAL HG11 H N N 503 
VAL HG12 H N N 504 
VAL HG13 H N N 505 
VAL HG21 H N N 506 
VAL HG22 H N N 507 
VAL HG23 H N N 508 
VAL HXT  H N N 509 
# 
loop_
_chem_comp_bond.comp_id 
_chem_comp_bond.atom_id_1 
_chem_comp_bond.atom_id_2 
_chem_comp_bond.value_order 
_chem_comp_bond.pdbx_aromatic_flag 
_chem_comp_bond.pdbx_stereo_config 
_chem_comp_bond.pdbx_ordinal 
ALA N   CA   sing N N 1   
ALA N   H    sing N N 2   
ALA N   H2   sing N N 3   
ALA CA  C    sing N N 4   
ALA CA  CB   sing N N 5   
ALA CA  HA   sing N N 6   
ALA C   O    doub N N 7   
ALA C   OXT  sing N N 8   
ALA CB  HB1  sing N N 9   
ALA CB  HB2  sing N N 10  
ALA CB  HB3  sing N N 11  
ALA OXT HXT  sing N N 12  
ARG N   CA   sing N N 13  
ARG N   H    sing N N 14  
ARG N   H2   sing N N 15  
ARG CA  C    sing N N 16  
ARG CA  CB   sing N N 17  
ARG CA  HA   sing N N 18  
ARG C   O    doub N N 19  
ARG C   OXT  sing N N 20  
ARG CB  CG   sing N N 21  
ARG CB  HB2  sing N N 22  
ARG CB  HB3  sing N N 23  
ARG CG  CD   sing N N 24  
ARG CG  HG2  sing N N 25  
ARG CG  HG3  sing N N 26  
ARG CD  NE   sing N N 27  
ARG CD  HD2  sing N N 28  
ARG CD  HD3  sing N N 29  
ARG NE  CZ   sing N N 30  
ARG NE  HE   sing N N 31  
ARG CZ  NH1  sing N N 32  
ARG CZ  NH2  doub N N 33  
ARG NH1 HH11 sing N N 34  
ARG NH1 HH12 sing N N 35  
ARG NH2 HH21 sing N N 36  
ARG NH2 HH22 sing N N 37  
ARG OXT HXT  sing N N 38  
ASN N   CA   sing N N 39  
ASN N   H    sing N N 40  
ASN N   H2   sing N N 41  
ASN CA  C    sing N N 42  
ASN CA  CB   sing N N 43  
ASN CA  HA   sing N N 44  
ASN C   O    doub N N 45  
ASN C   OXT  sing N N 46  
ASN CB  CG   sing N N 47  
ASN CB  HB2  sing N N 48  
ASN CB  HB3  sing N N 49  
ASN CG  OD1  doub N N 50  
ASN CG  ND2  sing N N 51  
ASN ND2 HD21 sing N N 52  
ASN ND2 HD22 sing N N 53  
ASN OXT HXT  sing N N 54  
ASP N   CA   sing N N 55  
ASP N   H    sing N N 56  
ASP N   H2   sing N N 57  
ASP CA  C    sing N N 58  
ASP CA  CB   sing N N 59  
ASP CA  HA   sing N N 60  
ASP C   O    doub N N 61  
ASP C   OXT  sing N N 62  
ASP CB  CG   sing N N 63  
ASP CB  HB2  sing N N 64  
ASP CB  HB3  sing N N 65  
ASP CG  OD1  doub N N 66  
ASP CG  OD2  sing N N 67  
ASP OD2 HD2  sing N N 68  
ASP OXT HXT  sing N N 69  
CYS N   CA   sing N N 70  
CYS N   H    sing N N 71  
CYS N   H2   sing N N 72  
CYS CA  C    sing N N 73  
CYS CA  CB   sing N N 74  
CYS CA  HA   sing N N 75  
CYS C   O    doub N N 76  
CYS C   OXT  sing N N 77  
CYS CB  SG   sing N N 78  
CYS CB  HB2  sing N N 79  
CYS CB  HB3  sing N N 80  
CYS SG  HG   sing N N 81  
CYS OXT HXT  sing N N 82  
GLN N   CA   sing N N 83  
GLN N   H    sing N N 84  
GLN N   H2   sing N N 85  
GLN CA  C    sing N N 86  
GLN CA  CB   sing N N 87  
GLN CA  HA   sing N N 88  
GLN C   O    doub N N 89  
GLN C   OXT  sing N N 90  
GLN CB  CG   sing N N 91  
GLN CB  HB2  sing N N 92  
GLN CB  HB3  sing N N 93  
GLN CG  CD   sing N N 94  
GLN CG  HG2  sing N N 95  
GLN CG  HG3  sing N N 96  
GLN CD  OE1  doub N N 97  
GLN CD  NE2  sing N N 98  
GLN NE2 HE21 sing N N 99  
GLN NE2 HE22 sing N N 100 
GLN OXT HXT  sing N N 101 
GLU N   CA   sing N N 102 
GLU N   H    sing N N 103 
GLU N   H2   sing N N 104 
GLU CA  C    sing N N 105 
GLU CA  CB   sing N N 106 
GLU CA  HA   sing N N 107 
GLU C   O    doub N N 108 
GLU C   OXT  sing N N 109 
GLU CB  CG   sing N N 110 
GLU CB  HB2  sing N N 111 
GLU CB  HB3  sing N N 112 
GLU CG  CD   sing N N 113 
GLU CG  HG2  sing N N 114 
GLU CG  HG3  sing N N 115 
GLU CD  OE1  doub N N 116 
GLU CD  OE2  sing N N 117 
GLU OE2 HE2  sing N N 118 
GLU OXT HXT  sing N N 119 
GLY N   CA   sing N N 120 
GLY N   H    sing N N 121 
GLY N   H2   sing N N 122 
GLY CA  C    sing N N 123 
GLY CA  HA2  sing N N 124 
GLY CA  HA3  sing N N 125 
GLY C   O    doub N N 126 
GLY C   OXT  sing N N 127 
GLY OXT HXT  sing N N 128 
HIS N   CA   sing N N 129 
HIS N   H    sing N N 130 
HIS N   H2   sing N N 131 
HIS CA  C    sing N N 132 
HIS CA  CB   sing N N 133 
HIS CA  HA   sing N N 134 
HIS C   O    doub N N 135 
HIS C   OXT  sing N N 136 
HIS CB  CG   sing N N 137 
HIS CB  HB2  sing N N 138 
HIS CB  HB3  sing N N 139 
HIS CG  ND1  sing Y N 140 
HIS CG  CD2  doub Y N 141 
HIS ND1 CE1  doub Y N 142 
HIS ND1 HD1  sing N N 143 
HIS CD2 NE2  sing Y N 144 
HIS CD2 HD2  sing N N 145 
HIS CE1 NE2  sing Y N 146 
HIS CE1 HE1  sing N N 147 
HIS NE2 HE2  sing N N 148 
HIS OXT HXT  sing N N 149 
HOH O   H1   sing N N 150 
HOH O   H2   sing N N 151 
ILE N   CA   sing N N 152 
ILE N   H    sing N N 153 
ILE N   H2   sing N N 154 
ILE CA  C    sing N N 155 
ILE CA  CB   sing N N 156 
ILE CA  HA   sing N N 157 
ILE C   O    doub N N 158 
ILE C   OXT  sing N N 159 
ILE CB  CG1  sing N N 160 
ILE CB  CG2  sing N N 161 
ILE CB  HB   sing N N 162 
ILE CG1 CD1  sing N N 163 
ILE CG1 HG12 sing N N 164 
ILE CG1 HG13 sing N N 165 
ILE CG2 HG21 sing N N 166 
ILE CG2 HG22 sing N N 167 
ILE CG2 HG23 sing N N 168 
ILE CD1 HD11 sing N N 169 
ILE CD1 HD12 sing N N 170 
ILE CD1 HD13 sing N N 171 
ILE OXT HXT  sing N N 172 
LEU N   CA   sing N N 173 
LEU N   H    sing N N 174 
LEU N   H2   sing N N 175 
LEU CA  C    sing N N 176 
LEU CA  CB   sing N N 177 
LEU CA  HA   sing N N 178 
LEU C   O    doub N N 179 
LEU C   OXT  sing N N 180 
LEU CB  CG   sing N N 181 
LEU CB  HB2  sing N N 182 
LEU CB  HB3  sing N N 183 
LEU CG  CD1  sing N N 184 
LEU CG  CD2  sing N N 185 
LEU CG  HG   sing N N 186 
LEU CD1 HD11 sing N N 187 
LEU CD1 HD12 sing N N 188 
LEU CD1 HD13 sing N N 189 
LEU CD2 HD21 sing N N 190 
LEU CD2 HD22 sing N N 191 
LEU CD2 HD23 sing N N 192 
LEU OXT HXT  sing N N 193 
LYS N   CA   sing N N 194 
LYS N   H    sing N N 195 
LYS N   H2   sing N N 196 
LYS CA  C    sing N N 197 
LYS CA  CB   sing N N 198 
LYS CA  HA   sing N N 199 
LYS C   O    doub N N 200 
LYS C   OXT  sing N N 201 
LYS CB  CG   sing N N 202 
LYS CB  HB2  sing N N 203 
LYS CB  HB3  sing N N 204 
LYS CG  CD   sing N N 205 
LYS CG  HG2  sing N N 206 
LYS CG  HG3  sing N N 207 
LYS CD  CE   sing N N 208 
LYS CD  HD2  sing N N 209 
LYS CD  HD3  sing N N 210 
LYS CE  NZ   sing N N 211 
LYS CE  HE2  sing N N 212 
LYS CE  HE3  sing N N 213 
LYS NZ  HZ1  sing N N 214 
LYS NZ  HZ2  sing N N 215 
LYS NZ  HZ3  sing N N 216 
LYS OXT HXT  sing N N 217 
MET N   CA   sing N N 218 
MET N   H    sing N N 219 
MET N   H2   sing N N 220 
MET CA  C    sing N N 221 
MET CA  CB   sing N N 222 
MET CA  HA   sing N N 223 
MET C   O    doub N N 224 
MET C   OXT  sing N N 225 
MET CB  CG   sing N N 226 
MET CB  HB2  sing N N 227 
MET CB  HB3  sing N N 228 
MET CG  SD   sing N N 229 
MET CG  HG2  sing N N 230 
MET CG  HG3  sing N N 231 
MET SD  CE   sing N N 232 
MET CE  HE1  sing N N 233 
MET CE  HE2  sing N N 234 
MET CE  HE3  sing N N 235 
MET OXT HXT  sing N N 236 
PE8 O1  C2   sing N N 237 
PE8 O1  HO1  sing N N 238 
PE8 C2  C3   sing N N 239 
PE8 C2  H21  sing N N 240 
PE8 C2  H22  sing N N 241 
PE8 C3  O4   sing N N 242 
PE8 C3  H31  sing N N 243 
PE8 C3  H32  sing N N 244 
PE8 O4  C5   sing N N 245 
PE8 C5  C6   sing N N 246 
PE8 C5  H51  sing N N 247 
PE8 C5  H52  sing N N 248 
PE8 C6  O7   sing N N 249 
PE8 C6  H61  sing N N 250 
PE8 C6  H62  sing N N 251 
PE8 O7  C8   sing N N 252 
PE8 C8  C9   sing N N 253 
PE8 C8  H81  sing N N 254 
PE8 C8  H82  sing N N 255 
PE8 C9  O10  sing N N 256 
PE8 C9  H91  sing N N 257 
PE8 C9  H92  sing N N 258 
PE8 O10 C11  sing N N 259 
PE8 C11 C12  sing N N 260 
PE8 C11 H111 sing N N 261 
PE8 C11 H112 sing N N 262 
PE8 C12 O13  sing N N 263 
PE8 C12 H121 sing N N 264 
PE8 C12 H122 sing N N 265 
PE8 O13 C14  sing N N 266 
PE8 C14 C15  sing N N 267 
PE8 C14 H141 sing N N 268 
PE8 C14 H142 sing N N 269 
PE8 C15 O16  sing N N 270 
PE8 C15 H151 sing N N 271 
PE8 C15 H152 sing N N 272 
PE8 O16 C17  sing N N 273 
PE8 C17 C18  sing N N 274 
PE8 C17 H171 sing N N 275 
PE8 C17 H172 sing N N 276 
PE8 C18 O19  sing N N 277 
PE8 C18 H181 sing N N 278 
PE8 C18 H182 sing N N 279 
PE8 O19 C20  sing N N 280 
PE8 C20 C21  sing N N 281 
PE8 C20 H201 sing N N 282 
PE8 C20 H202 sing N N 283 
PE8 C21 O22  sing N N 284 
PE8 C21 H211 sing N N 285 
PE8 C21 H212 sing N N 286 
PE8 O22 C23  sing N N 287 
PE8 C23 C24  sing N N 288 
PE8 C23 H231 sing N N 289 
PE8 C23 H232 sing N N 290 
PE8 C24 O25  sing N N 291 
PE8 C24 H241 sing N N 292 
PE8 C24 H242 sing N N 293 
PE8 O25 H25  sing N N 294 
PHE N   CA   sing N N 295 
PHE N   H    sing N N 296 
PHE N   H2   sing N N 297 
PHE CA  C    sing N N 298 
PHE CA  CB   sing N N 299 
PHE CA  HA   sing N N 300 
PHE C   O    doub N N 301 
PHE C   OXT  sing N N 302 
PHE CB  CG   sing N N 303 
PHE CB  HB2  sing N N 304 
PHE CB  HB3  sing N N 305 
PHE CG  CD1  doub Y N 306 
PHE CG  CD2  sing Y N 307 
PHE CD1 CE1  sing Y N 308 
PHE CD1 HD1  sing N N 309 
PHE CD2 CE2  doub Y N 310 
PHE CD2 HD2  sing N N 311 
PHE CE1 CZ   doub Y N 312 
PHE CE1 HE1  sing N N 313 
PHE CE2 CZ   sing Y N 314 
PHE CE2 HE2  sing N N 315 
PHE CZ  HZ   sing N N 316 
PHE OXT HXT  sing N N 317 
PRO N   CA   sing N N 318 
PRO N   CD   sing N N 319 
PRO N   H    sing N N 320 
PRO CA  C    sing N N 321 
PRO CA  CB   sing N N 322 
PRO CA  HA   sing N N 323 
PRO C   O    doub N N 324 
PRO C   OXT  sing N N 325 
PRO CB  CG   sing N N 326 
PRO CB  HB2  sing N N 327 
PRO CB  HB3  sing N N 328 
PRO CG  CD   sing N N 329 
PRO CG  HG2  sing N N 330 
PRO CG  HG3  sing N N 331 
PRO CD  HD2  sing N N 332 
PRO CD  HD3  sing N N 333 
PRO OXT HXT  sing N N 334 
RZD P   O1P  sing N N 335 
RZD P   O2P  sing N N 336 
RZD P   O3P  doub N N 337 
RZD P   O4P  sing N N 338 
RZD C1  N1   sing N N 339 
RZD C1  C4   sing N N 340 
RZD C1  C6   sing N N 341 
RZD N1  C2   sing N N 342 
RZD N1  C5   sing N N 343 
RZD O1  C6   doub N N 344 
RZD C2  C3   sing N N 345 
RZD N2  C6   sing N N 346 
RZD N2  C7   sing N N 347 
RZD O2  C11  doub N N 348 
RZD C3  C4   sing N N 349 
RZD N3  C22  sing Y N 350 
RZD N3  C23  sing Y N 351 
RZD N4  C9   sing N N 352 
RZD N4  C11  sing N N 353 
RZD C5  C9   sing N N 354 
RZD C7  C8   sing N N 355 
RZD C8  C21  sing N N 356 
RZD C9  C10  sing N N 357 
RZD C10 O4P  sing N N 358 
RZD C11 C12  sing N N 359 
RZD C21 C22  doub Y N 360 
RZD C21 C24  sing Y N 361 
RZD C23 C24  doub Y N 362 
RZD C23 C28  sing Y N 363 
RZD C24 C25  sing Y N 364 
RZD C25 C26  doub Y N 365 
RZD C26 C27  sing Y N 366 
RZD C27 C28  doub Y N 367 
RZD C1  H1   sing N N 368 
RZD C2  H2   sing N N 369 
RZD C2  H2A  sing N N 370 
RZD N2  HN2  sing N N 371 
RZD C3  H3   sing N N 372 
RZD C3  H3A  sing N N 373 
RZD N3  HN3  sing N N 374 
RZD C4  H4   sing N N 375 
RZD C4  H4A  sing N N 376 
RZD N4  HN4  sing N N 377 
RZD C5  H5   sing N N 378 
RZD C5  H5A  sing N N 379 
RZD C7  H7   sing N N 380 
RZD C7  H7A  sing N N 381 
RZD C8  H8   sing N N 382 
RZD C8  H8A  sing N N 383 
RZD C9  H9   sing N N 384 
RZD C10 H10  sing N N 385 
RZD C10 H10A sing N N 386 
RZD C12 H12  sing N N 387 
RZD C12 H12A sing N N 388 
RZD C12 H12B sing N N 389 
RZD C22 H22  sing N N 390 
RZD C25 H25  sing N N 391 
RZD C26 H26  sing N N 392 
RZD C27 H27  sing N N 393 
RZD C28 H28  sing N N 394 
RZD O1P HO1P sing N N 395 
RZD O2P HO2P sing N N 396 
SER N   CA   sing N N 397 
SER N   H    sing N N 398 
SER N   H2   sing N N 399 
SER CA  C    sing N N 400 
SER CA  CB   sing N N 401 
SER CA  HA   sing N N 402 
SER C   O    doub N N 403 
SER C   OXT  sing N N 404 
SER CB  OG   sing N N 405 
SER CB  HB2  sing N N 406 
SER CB  HB3  sing N N 407 
SER OG  HG   sing N N 408 
SER OXT HXT  sing N N 409 
THR N   CA   sing N N 410 
THR N   H    sing N N 411 
THR N   H2   sing N N 412 
THR CA  C    sing N N 413 
THR CA  CB   sing N N 414 
THR CA  HA   sing N N 415 
THR C   O    doub N N 416 
THR C   OXT  sing N N 417 
THR CB  OG1  sing N N 418 
THR CB  CG2  sing N N 419 
THR CB  HB   sing N N 420 
THR OG1 HG1  sing N N 421 
THR CG2 HG21 sing N N 422 
THR CG2 HG22 sing N N 423 
THR CG2 HG23 sing N N 424 
THR OXT HXT  sing N N 425 
TRP N   CA   sing N N 426 
TRP N   H    sing N N 427 
TRP N   H2   sing N N 428 
TRP CA  C    sing N N 429 
TRP CA  CB   sing N N 430 
TRP CA  HA   sing N N 431 
TRP C   O    doub N N 432 
TRP C   OXT  sing N N 433 
TRP CB  CG   sing N N 434 
TRP CB  HB2  sing N N 435 
TRP CB  HB3  sing N N 436 
TRP CG  CD1  doub Y N 437 
TRP CG  CD2  sing Y N 438 
TRP CD1 NE1  sing Y N 439 
TRP CD1 HD1  sing N N 440 
TRP CD2 CE2  doub Y N 441 
TRP CD2 CE3  sing Y N 442 
TRP NE1 CE2  sing Y N 443 
TRP NE1 HE1  sing N N 444 
TRP CE2 CZ2  sing Y N 445 
TRP CE3 CZ3  doub Y N 446 
TRP CE3 HE3  sing N N 447 
TRP CZ2 CH2  doub Y N 448 
TRP CZ2 HZ2  sing N N 449 
TRP CZ3 CH2  sing Y N 450 
TRP CZ3 HZ3  sing N N 451 
TRP CH2 HH2  sing N N 452 
TRP OXT HXT  sing N N 453 
TYR N   CA   sing N N 454 
TYR N   H    sing N N 455 
TYR N   H2   sing N N 456 
TYR CA  C    sing N N 457 
TYR CA  CB   sing N N 458 
TYR CA  HA   sing N N 459 
TYR C   O    doub N N 460 
TYR C   OXT  sing N N 461 
TYR CB  CG   sing N N 462 
TYR CB  HB2  sing N N 463 
TYR CB  HB3  sing N N 464 
TYR CG  CD1  doub Y N 465 
TYR CG  CD2  sing Y N 466 
TYR CD1 CE1  sing Y N 467 
TYR CD1 HD1  sing N N 468 
TYR CD2 CE2  doub Y N 469 
TYR CD2 HD2  sing N N 470 
TYR CE1 CZ   doub Y N 471 
TYR CE1 HE1  sing N N 472 
TYR CE2 CZ   sing Y N 473 
TYR CE2 HE2  sing N N 474 
TYR CZ  OH   sing N N 475 
TYR OH  HH   sing N N 476 
TYR OXT HXT  sing N N 477 
VAL N   CA   sing N N 478 
VAL N   H    sing N N 479 
VAL N   H2   sing N N 480 
VAL CA  C    sing N N 481 
VAL CA  CB   sing N N 482 
VAL CA  HA   sing N N 483 
VAL C   O    doub N N 484 
VAL C   OXT  sing N N 485 
VAL CB  CG1  sing N N 486 
VAL CB  CG2  sing N N 487 
VAL CB  HB   sing N N 488 
VAL CG1 HG11 sing N N 489 
VAL CG1 HG12 sing N N 490 
VAL CG1 HG13 sing N N 491 
VAL CG2 HG21 sing N N 492 
VAL CG2 HG22 sing N N 493 
VAL CG2 HG23 sing N N 494 
VAL OXT HXT  sing N N 495 
# 
_pdbx_initial_refinement_model.accession_code   2ITK 
_pdbx_initial_refinement_model.id               1 
_pdbx_initial_refinement_model.entity_id_list   ? 
_pdbx_initial_refinement_model.type             'experimental model' 
_pdbx_initial_refinement_model.source_name      PDB 
_pdbx_initial_refinement_model.details          ? 
# 
_atom_sites.entry_id                    3NTP 
_atom_sites.fract_transf_matrix[1][1]   -0.01318880 
_atom_sites.fract_transf_matrix[1][2]   -0.00615579 
_atom_sites.fract_transf_matrix[1][3]   -0.00833440 
_atom_sites.fract_transf_matrix[2][1]   -0.00117958 
_atom_sites.fract_transf_matrix[2][2]   -0.01648935 
_atom_sites.fract_transf_matrix[2][3]   -0.00283016 
_atom_sites.fract_transf_matrix[3][1]   -0.00617441 
_atom_sites.fract_transf_matrix[3][2]   -0.00141464 
_atom_sites.fract_transf_matrix[3][3]   0.01081557 
_atom_sites.fract_transf_vector[1]      0.364989 
_atom_sites.fract_transf_vector[2]      0.604900 
_atom_sites.fract_transf_vector[3]      0.981384 
# 
loop_
_atom_type.symbol 
C 
N 
O 
P 
S 
# 
loop_
_atom_site.group_PDB 
_atom_site.id 
_atom_site.type_symbol 
_atom_site.label_atom_id 
_atom_site.label_alt_id 
_atom_site.label_comp_id 
_atom_site.label_asym_id 
_atom_site.label_entity_id 
_atom_site.label_seq_id 
_atom_site.pdbx_PDB_ins_code 
_atom_site.Cartn_x 
_atom_site.Cartn_y 
_atom_site.Cartn_z 
_atom_site.occupancy 
_atom_site.B_iso_or_equiv 
_atom_site.pdbx_formal_charge 
_atom_site.auth_seq_id 
_atom_site.auth_comp_id 
_atom_site.auth_asym_id 
_atom_site.auth_atom_id 
_atom_site.pdbx_PDB_model_num 
ATOM   1    N N   . LYS A 1 10  ? 6.428   23.848  -3.990  1.00 58.31 ? 6   LYS A N   1 
ATOM   2    C CA  . LYS A 1 10  ? 5.409   23.183  -3.179  1.00 58.80 ? 6   LYS A CA  1 
ATOM   3    C C   . LYS A 1 10  ? 5.229   21.715  -3.566  1.00 55.56 ? 6   LYS A C   1 
ATOM   4    O O   . LYS A 1 10  ? 6.047   21.150  -4.293  1.00 58.99 ? 6   LYS A O   1 
ATOM   5    C CB  . LYS A 1 10  ? 4.075   23.931  -3.266  1.00 60.04 ? 6   LYS A CB  1 
ATOM   6    C CG  . LYS A 1 10  ? 3.919   25.036  -2.228  1.00 60.00 ? 6   LYS A CG  1 
ATOM   7    C CD  . LYS A 1 10  ? 2.784   25.976  -2.595  1.00 60.78 ? 6   LYS A CD  1 
ATOM   8    C CE  . LYS A 1 10  ? 3.102   26.735  -3.875  1.00 62.95 ? 6   LYS A CE  1 
ATOM   9    N NZ  . LYS A 1 10  ? 1.906   27.424  -4.435  1.00 62.04 ? 6   LYS A NZ  1 
ATOM   10   N N   . LEU A 1 11  ? 4.149   21.112  -3.078  1.00 55.22 ? 7   LEU A N   1 
ATOM   11   C CA  . LEU A 1 11  ? 3.920   19.676  -3.220  1.00 45.67 ? 7   LEU A CA  1 
ATOM   12   C C   . LEU A 1 11  ? 4.857   18.887  -2.314  1.00 44.40 ? 7   LEU A C   1 
ATOM   13   O O   . LEU A 1 11  ? 6.078   18.961  -2.449  1.00 44.12 ? 7   LEU A O   1 
ATOM   14   C CB  . LEU A 1 11  ? 4.067   19.209  -4.673  1.00 46.35 ? 7   LEU A CB  1 
ATOM   15   C CG  . LEU A 1 11  ? 2.969   19.599  -5.664  1.00 44.65 ? 7   LEU A CG  1 
ATOM   16   C CD1 . LEU A 1 11  ? 3.065   18.749  -6.918  1.00 42.22 ? 7   LEU A CD1 1 
ATOM   17   C CD2 . LEU A 1 11  ? 1.596   19.461  -5.025  1.00 45.79 ? 7   LEU A CD2 1 
ATOM   18   N N   . PRO A 1 12  ? 4.277   18.128  -1.381  1.00 41.73 ? 8   PRO A N   1 
ATOM   19   C CA  . PRO A 1 12  ? 4.994   17.302  -0.405  1.00 39.91 ? 8   PRO A CA  1 
ATOM   20   C C   . PRO A 1 12  ? 5.884   16.264  -1.079  1.00 40.05 ? 8   PRO A C   1 
ATOM   21   O O   . PRO A 1 12  ? 5.721   15.999  -2.273  1.00 37.61 ? 8   PRO A O   1 
ATOM   22   C CB  . PRO A 1 12  ? 3.862   16.611  0.361   1.00 39.80 ? 8   PRO A CB  1 
ATOM   23   C CG  . PRO A 1 12  ? 2.687   17.508  0.185   1.00 43.28 ? 8   PRO A CG  1 
ATOM   24   C CD  . PRO A 1 12  ? 2.819   18.056  -1.198  1.00 44.45 ? 8   PRO A CD  1 
ATOM   25   N N   . PRO A 1 13  ? 6.821   15.678  -0.317  1.00 39.99 ? 9   PRO A N   1 
ATOM   26   C CA  . PRO A 1 13  ? 7.790   14.700  -0.823  1.00 38.72 ? 9   PRO A CA  1 
ATOM   27   C C   . PRO A 1 13  ? 7.167   13.600  -1.682  1.00 37.39 ? 9   PRO A C   1 
ATOM   28   O O   . PRO A 1 13  ? 6.222   12.929  -1.253  1.00 33.98 ? 9   PRO A O   1 
ATOM   29   C CB  . PRO A 1 13  ? 8.372   14.096  0.460   1.00 38.39 ? 9   PRO A CB  1 
ATOM   30   C CG  . PRO A 1 13  ? 8.284   15.200  1.447   1.00 39.17 ? 9   PRO A CG  1 
ATOM   31   C CD  . PRO A 1 13  ? 7.024   15.962  1.115   1.00 38.68 ? 9   PRO A CD  1 
ATOM   32   N N   . GLY A 1 14  ? 7.705   13.423  -2.886  1.00 34.35 ? 10  GLY A N   1 
ATOM   33   C CA  . GLY A 1 14  ? 7.273   12.365  -3.781  1.00 33.76 ? 10  GLY A CA  1 
ATOM   34   C C   . GLY A 1 14  ? 6.176   12.773  -4.745  1.00 29.29 ? 10  GLY A C   1 
ATOM   35   O O   . GLY A 1 14  ? 5.995   12.143  -5.782  1.00 30.04 ? 10  GLY A O   1 
ATOM   36   N N   . TRP A 1 15  ? 5.446   13.831  -4.412  1.00 34.07 ? 11  TRP A N   1 
ATOM   37   C CA  . TRP A 1 15  ? 4.286   14.225  -5.205  1.00 32.46 ? 11  TRP A CA  1 
ATOM   38   C C   . TRP A 1 15  ? 4.673   14.927  -6.495  1.00 33.59 ? 11  TRP A C   1 
ATOM   39   O O   . TRP A 1 15  ? 5.623   15.712  -6.535  1.00 38.55 ? 11  TRP A O   1 
ATOM   40   C CB  . TRP A 1 15  ? 3.326   15.087  -4.383  1.00 30.02 ? 11  TRP A CB  1 
ATOM   41   C CG  . TRP A 1 15  ? 2.526   14.294  -3.393  1.00 32.73 ? 11  TRP A CG  1 
ATOM   42   C CD1 . TRP A 1 15  ? 2.748   14.194  -2.056  1.00 30.23 ? 11  TRP A CD1 1 
ATOM   43   C CD2 . TRP A 1 15  ? 1.382   13.477  -3.676  1.00 32.48 ? 11  TRP A CD2 1 
ATOM   44   N NE1 . TRP A 1 15  ? 1.810   13.369  -1.479  1.00 32.55 ? 11  TRP A NE1 1 
ATOM   45   C CE2 . TRP A 1 15  ? 0.958   12.917  -2.451  1.00 30.37 ? 11  TRP A CE2 1 
ATOM   46   C CE3 . TRP A 1 15  ? 0.674   13.164  -4.840  1.00 29.64 ? 11  TRP A CE3 1 
ATOM   47   C CZ2 . TRP A 1 15  ? -0.143  12.064  -2.359  1.00 28.97 ? 11  TRP A CZ2 1 
ATOM   48   C CZ3 . TRP A 1 15  ? -0.422  12.316  -4.747  1.00 28.60 ? 11  TRP A CZ3 1 
ATOM   49   C CH2 . TRP A 1 15  ? -0.819  11.779  -3.512  1.00 28.68 ? 11  TRP A CH2 1 
ATOM   50   N N   . GLU A 1 16  ? 3.914   14.641  -7.547  1.00 31.63 ? 12  GLU A N   1 
ATOM   51   C CA  . GLU A 1 16  ? 4.221   15.102  -8.891  1.00 34.42 ? 12  GLU A CA  1 
ATOM   52   C C   . GLU A 1 16  ? 2.922   15.398  -9.633  1.00 36.39 ? 12  GLU A C   1 
ATOM   53   O O   . GLU A 1 16  ? 1.909   14.734  -9.413  1.00 32.20 ? 12  GLU A O   1 
ATOM   54   C CB  . GLU A 1 16  ? 5.006   14.012  -9.619  1.00 36.84 ? 12  GLU A CB  1 
ATOM   55   C CG  . GLU A 1 16  ? 5.248   14.243  -11.086 1.00 45.69 ? 12  GLU A CG  1 
ATOM   56   C CD  . GLU A 1 16  ? 6.118   13.153  -11.685 1.00 53.34 ? 12  GLU A CD  1 
ATOM   57   O OE1 . GLU A 1 16  ? 5.691   11.975  -11.677 1.00 50.93 ? 12  GLU A OE1 1 
ATOM   58   O OE2 . GLU A 1 16  ? 7.234   13.474  -12.148 1.00 55.40 ? 12  GLU A OE2 1 
ATOM   59   N N   . LYS A 1 17  ? 2.946   16.402  -10.500 1.00 35.01 ? 13  LYS A N   1 
ATOM   60   C CA  . LYS A 1 17  ? 1.760   16.745  -11.273 1.00 36.90 ? 13  LYS A CA  1 
ATOM   61   C C   . LYS A 1 17  ? 1.738   15.957  -12.577 1.00 33.34 ? 13  LYS A C   1 
ATOM   62   O O   . LYS A 1 17  ? 2.771   15.771  -13.223 1.00 39.06 ? 13  LYS A O   1 
ATOM   63   C CB  . LYS A 1 17  ? 1.691   18.255  -11.527 1.00 39.70 ? 13  LYS A CB  1 
ATOM   64   C CG  . LYS A 1 17  ? 0.400   18.710  -12.190 1.00 44.26 ? 13  LYS A CG  1 
ATOM   65   C CD  . LYS A 1 17  ? 0.255   20.234  -12.195 1.00 47.47 ? 13  LYS A CD  1 
ATOM   66   C CE  . LYS A 1 17  ? -0.402  20.743  -10.914 1.00 48.02 ? 13  LYS A CE  1 
ATOM   67   N NZ  . LYS A 1 17  ? -1.000  22.105  -11.090 1.00 52.01 ? 13  LYS A NZ  1 
ATOM   68   N N   . ALA A 1 18  ? 0.560   15.473  -12.954 1.00 32.57 ? 14  ALA A N   1 
ATOM   69   C CA  . ALA A 1 18  ? 0.433   14.644  -14.145 1.00 33.71 ? 14  ALA A CA  1 
ATOM   70   C C   . ALA A 1 18  ? -0.806  14.974  -14.973 1.00 35.38 ? 14  ALA A C   1 
ATOM   71   O O   . ALA A 1 18  ? -1.659  15.770  -14.567 1.00 27.85 ? 14  ALA A O   1 
ATOM   72   C CB  . ALA A 1 18  ? 0.441   13.172  -13.767 1.00 35.38 ? 14  ALA A CB  1 
ATOM   73   N N   . MET A 1 19  ? -0.896  14.337  -16.134 1.00 37.29 ? 15  MET A N   1 
ATOM   74   C CA  . MET A 1 19  ? -1.975  14.593  -17.077 1.00 33.05 ? 15  MET A CA  1 
ATOM   75   C C   . MET A 1 19  ? -2.830  13.348  -17.292 1.00 35.42 ? 15  MET A C   1 
ATOM   76   O O   . MET A 1 19  ? -2.332  12.316  -17.735 1.00 34.48 ? 15  MET A O   1 
ATOM   77   C CB  . MET A 1 19  ? -1.383  15.067  -18.407 1.00 36.38 ? 15  MET A CB  1 
ATOM   78   C CG  . MET A 1 19  ? -2.414  15.420  -19.451 1.00 41.18 ? 15  MET A CG  1 
ATOM   79   S SD  . MET A 1 19  ? -3.621  16.554  -18.764 1.00 49.14 ? 15  MET A SD  1 
ATOM   80   C CE  . MET A 1 19  ? -2.560  17.872  -18.168 1.00 43.34 ? 15  MET A CE  1 
ATOM   81   N N   . SER A 1 20  ? -4.119  13.441  -16.979 1.00 30.07 ? 16  SER A N   1 
ATOM   82   C CA  . SER A 1 20  ? -5.020  12.310  -17.184 1.00 32.57 ? 16  SER A CA  1 
ATOM   83   C C   . SER A 1 20  ? -5.157  11.960  -18.663 1.00 36.63 ? 16  SER A C   1 
ATOM   84   O O   . SER A 1 20  ? -5.369  12.835  -19.499 1.00 32.99 ? 16  SER A O   1 
ATOM   85   C CB  . SER A 1 20  ? -6.401  12.589  -16.609 1.00 34.57 ? 16  SER A CB  1 
ATOM   86   O OG  . SER A 1 20  ? -7.305  11.581  -17.036 1.00 37.72 ? 16  SER A OG  1 
ATOM   87   N N   . ARG A 1 21  ? -5.057  10.674  -18.971 1.00 35.99 ? 17  ARG A N   1 
ATOM   88   C CA  . ARG A 1 21  ? -5.078  10.214  -20.354 1.00 41.48 ? 17  ARG A CA  1 
ATOM   89   C C   . ARG A 1 21  ? -6.502  10.084  -20.879 1.00 43.27 ? 17  ARG A C   1 
ATOM   90   O O   . ARG A 1 21  ? -6.731  10.049  -22.087 1.00 39.47 ? 17  ARG A O   1 
ATOM   91   C CB  . ARG A 1 21  ? -4.338  8.881   -20.473 1.00 40.56 ? 17  ARG A CB  1 
ATOM   92   C CG  . ARG A 1 21  ? -3.982  8.493   -21.891 1.00 42.67 ? 17  ARG A CG  1 
ATOM   93   C CD  . ARG A 1 21  ? -2.695  7.691   -21.910 1.00 45.43 ? 17  ARG A CD  1 
ATOM   94   N NE  . ARG A 1 21  ? -1.596  8.446   -21.315 1.00 47.59 ? 17  ARG A NE  1 
ATOM   95   C CZ  . ARG A 1 21  ? -0.347  8.002   -21.223 1.00 41.91 ? 17  ARG A CZ  1 
ATOM   96   N NH1 . ARG A 1 21  ? -0.030  6.799   -21.691 1.00 40.34 ? 17  ARG A NH1 1 
ATOM   97   N NH2 . ARG A 1 21  ? 0.586   8.759   -20.661 1.00 41.15 ? 17  ARG A NH2 1 
ATOM   98   N N   . SER A 1 22  ? -7.457  10.005  -19.962 1.00 38.83 ? 18  SER A N   1 
ATOM   99   C CA  . SER A 1 22  ? -8.863  9.912   -20.329 1.00 42.35 ? 18  SER A CA  1 
ATOM   100  C C   . SER A 1 22  ? -9.508  11.293  -20.380 1.00 42.66 ? 18  SER A C   1 
ATOM   101  O O   . SER A 1 22  ? -10.197 11.630  -21.345 1.00 46.13 ? 18  SER A O   1 
ATOM   102  C CB  . SER A 1 22  ? -9.623  9.030   -19.328 1.00 44.98 ? 18  SER A CB  1 
ATOM   103  O OG  . SER A 1 22  ? -9.290  7.657   -19.472 1.00 52.42 ? 18  SER A OG  1 
ATOM   104  N N   . SER A 1 23  ? -9.260  12.095  -19.346 1.00 40.20 ? 19  SER A N   1 
ATOM   105  C CA  . SER A 1 23  ? -9.978  13.351  -19.139 1.00 38.22 ? 19  SER A CA  1 
ATOM   106  C C   . SER A 1 23  ? -9.251  14.564  -19.691 1.00 34.90 ? 19  SER A C   1 
ATOM   107  O O   . SER A 1 23  ? -9.878  15.539  -20.102 1.00 36.58 ? 19  SER A O   1 
ATOM   108  C CB  . SER A 1 23  ? -10.193 13.586  -17.642 1.00 33.80 ? 19  SER A CB  1 
ATOM   109  O OG  . SER A 1 23  ? -9.985  12.391  -16.910 1.00 39.88 ? 19  SER A OG  1 
ATOM   110  N N   . GLY A 1 24  ? -7.922  14.513  -19.670 1.00 38.61 ? 20  GLY A N   1 
ATOM   111  C CA  . GLY A 1 24  ? -7.115  15.683  -19.958 1.00 32.88 ? 20  GLY A CA  1 
ATOM   112  C C   . GLY A 1 24  ? -6.941  16.533  -18.708 1.00 34.73 ? 20  GLY A C   1 
ATOM   113  O O   . GLY A 1 24  ? -6.209  17.521  -18.705 1.00 33.31 ? 20  GLY A O   1 
ATOM   114  N N   . ARG A 1 25  ? -7.628  16.154  -17.636 1.00 31.06 ? 21  ARG A N   1 
ATOM   115  C CA  . ARG A 1 25  ? -7.507  16.877  -16.377 1.00 29.72 ? 21  ARG A CA  1 
ATOM   116  C C   . ARG A 1 25  ? -6.212  16.557  -15.641 1.00 25.04 ? 21  ARG A C   1 
ATOM   117  O O   . ARG A 1 25  ? -5.717  15.434  -15.666 1.00 27.66 ? 21  ARG A O   1 
ATOM   118  C CB  . ARG A 1 25  ? -8.697  16.594  -15.461 1.00 30.63 ? 21  ARG A CB  1 
ATOM   119  C CG  . ARG A 1 25  ? -9.635  17.773  -15.267 1.00 31.45 ? 21  ARG A CG  1 
ATOM   120  C CD  . ARG A 1 25  ? -10.595 17.471  -14.127 1.00 33.38 ? 21  ARG A CD  1 
ATOM   121  N NE  . ARG A 1 25  ? -11.264 16.201  -14.373 1.00 32.13 ? 21  ARG A NE  1 
ATOM   122  C CZ  . ARG A 1 25  ? -11.521 15.287  -13.446 1.00 31.87 ? 21  ARG A CZ  1 
ATOM   123  N NH1 . ARG A 1 25  ? -11.167 15.482  -12.180 1.00 32.80 ? 21  ARG A NH1 1 
ATOM   124  N NH2 . ARG A 1 25  ? -12.134 14.167  -13.796 1.00 35.69 ? 21  ARG A NH2 1 
ATOM   125  N N   . VAL A 1 26  ? -5.673  17.568  -14.979 1.00 25.93 ? 22  VAL A N   1 
ATOM   126  C CA  . VAL A 1 26  ? -4.479  17.401  -14.172 1.00 25.30 ? 22  VAL A CA  1 
ATOM   127  C C   . VAL A 1 26  ? -4.796  16.505  -12.976 1.00 24.30 ? 22  VAL A C   1 
ATOM   128  O O   . VAL A 1 26  ? -5.904  16.530  -12.449 1.00 25.28 ? 22  VAL A O   1 
ATOM   129  C CB  . VAL A 1 26  ? -3.978  18.769  -13.678 1.00 31.36 ? 22  VAL A CB  1 
ATOM   130  C CG1 . VAL A 1 26  ? -3.030  18.613  -12.501 1.00 37.49 ? 22  VAL A CG1 1 
ATOM   131  C CG2 . VAL A 1 26  ? -3.318  19.532  -14.824 1.00 35.44 ? 22  VAL A CG2 1 
ATOM   132  N N   . TYR A 1 27  ? -3.835  15.687  -12.572 1.00 24.12 ? 23  TYR A N   1 
ATOM   133  C CA  . TYR A 1 27  ? -3.952  14.966  -11.311 1.00 24.43 ? 23  TYR A CA  1 
ATOM   134  C C   . TYR A 1 27  ? -2.585  14.892  -10.656 1.00 26.89 ? 23  TYR A C   1 
ATOM   135  O O   . TYR A 1 27  ? -1.607  15.411  -11.189 1.00 26.94 ? 23  TYR A O   1 
ATOM   136  C CB  . TYR A 1 27  ? -4.548  13.573  -11.502 1.00 22.59 ? 23  TYR A CB  1 
ATOM   137  C CG  . TYR A 1 27  ? -3.646  12.582  -12.198 1.00 25.31 ? 23  TYR A CG  1 
ATOM   138  C CD1 . TYR A 1 27  ? -3.468  12.628  -13.576 1.00 30.05 ? 23  TYR A CD1 1 
ATOM   139  C CD2 . TYR A 1 27  ? -2.989  11.583  -11.484 1.00 26.08 ? 23  TYR A CD2 1 
ATOM   140  C CE1 . TYR A 1 27  ? -2.654  11.721  -14.221 1.00 31.34 ? 23  TYR A CE1 1 
ATOM   141  C CE2 . TYR A 1 27  ? -2.170  10.664  -12.129 1.00 29.71 ? 23  TYR A CE2 1 
ATOM   142  C CZ  . TYR A 1 27  ? -2.009  10.741  -13.499 1.00 32.89 ? 23  TYR A CZ  1 
ATOM   143  O OH  . TYR A 1 27  ? -1.197  9.843   -14.155 1.00 36.71 ? 23  TYR A OH  1 
ATOM   144  N N   . TYR A 1 28  ? -2.526  14.261  -9.491  1.00 25.25 ? 24  TYR A N   1 
ATOM   145  C CA  . TYR A 1 28  ? -1.294  14.209  -8.722  1.00 26.42 ? 24  TYR A CA  1 
ATOM   146  C C   . TYR A 1 28  ? -0.924  12.764  -8.416  1.00 26.03 ? 24  TYR A C   1 
ATOM   147  O O   . TYR A 1 28  ? -1.783  11.938  -8.105  1.00 21.70 ? 24  TYR A O   1 
ATOM   148  C CB  . TYR A 1 28  ? -1.440  15.027  -7.439  1.00 29.22 ? 24  TYR A CB  1 
ATOM   149  C CG  . TYR A 1 28  ? -1.746  16.480  -7.714  1.00 29.47 ? 24  TYR A CG  1 
ATOM   150  C CD1 . TYR A 1 28  ? -3.057  16.918  -7.871  1.00 31.78 ? 24  TYR A CD1 1 
ATOM   151  C CD2 . TYR A 1 28  ? -0.722  17.410  -7.846  1.00 33.36 ? 24  TYR A CD2 1 
ATOM   152  C CE1 . TYR A 1 28  ? -3.339  18.249  -8.138  1.00 33.75 ? 24  TYR A CE1 1 
ATOM   153  C CE2 . TYR A 1 28  ? -0.989  18.739  -8.108  1.00 35.94 ? 24  TYR A CE2 1 
ATOM   154  C CZ  . TYR A 1 28  ? -2.296  19.154  -8.255  1.00 38.96 ? 24  TYR A CZ  1 
ATOM   155  O OH  . TYR A 1 28  ? -2.557  20.477  -8.517  1.00 43.17 ? 24  TYR A OH  1 
ATOM   156  N N   . PHE A 1 29  ? 0.363   12.473  -8.522  1.00 25.02 ? 25  PHE A N   1 
ATOM   157  C CA  . PHE A 1 29  ? 0.885   11.125  -8.378  1.00 25.83 ? 25  PHE A CA  1 
ATOM   158  C C   . PHE A 1 29  ? 2.115   11.208  -7.486  1.00 26.71 ? 25  PHE A C   1 
ATOM   159  O O   . PHE A 1 29  ? 2.874   12.172  -7.552  1.00 28.78 ? 25  PHE A O   1 
ATOM   160  C CB  . PHE A 1 29  ? 1.255   10.568  -9.760  1.00 31.39 ? 25  PHE A CB  1 
ATOM   161  C CG  . PHE A 1 29  ? 2.043   9.285   -9.717  1.00 30.16 ? 25  PHE A CG  1 
ATOM   162  C CD1 . PHE A 1 29  ? 1.439   8.095   -9.326  1.00 29.05 ? 25  PHE A CD1 1 
ATOM   163  C CD2 . PHE A 1 29  ? 3.381   9.267   -10.078 1.00 30.80 ? 25  PHE A CD2 1 
ATOM   164  C CE1 . PHE A 1 29  ? 2.161   6.908   -9.288  1.00 29.00 ? 25  PHE A CE1 1 
ATOM   165  C CE2 . PHE A 1 29  ? 4.107   8.084   -10.043 1.00 32.72 ? 25  PHE A CE2 1 
ATOM   166  C CZ  . PHE A 1 29  ? 3.494   6.904   -9.640  1.00 31.88 ? 25  PHE A CZ  1 
ATOM   167  N N   . ASN A 1 30  ? 2.300   10.207  -6.639  1.00 25.92 ? 26  ASN A N   1 
ATOM   168  C CA  . ASN A 1 30  ? 3.445   10.169  -5.739  1.00 25.15 ? 26  ASN A CA  1 
ATOM   169  C C   . ASN A 1 30  ? 4.332   8.985   -6.099  1.00 23.20 ? 26  ASN A C   1 
ATOM   170  O O   . ASN A 1 30  ? 3.886   7.839   -6.078  1.00 22.48 ? 26  ASN A O   1 
ATOM   171  C CB  . ASN A 1 30  ? 2.971   10.088  -4.283  1.00 26.47 ? 26  ASN A CB  1 
ATOM   172  C CG  . ASN A 1 30  ? 4.101   10.300  -3.295  1.00 24.66 ? 26  ASN A CG  1 
ATOM   173  O OD1 . ASN A 1 30  ? 5.070   9.544   -3.275  1.00 25.77 ? 26  ASN A OD1 1 
ATOM   174  N ND2 . ASN A 1 30  ? 3.987   11.337  -2.477  1.00 25.60 ? 26  ASN A ND2 1 
ATOM   175  N N   . HIS A 1 31  ? 5.583   9.253   -6.463  1.00 22.45 ? 27  HIS A N   1 
ATOM   176  C CA  . HIS A 1 31  ? 6.422   8.183   -6.996  1.00 24.32 ? 27  HIS A CA  1 
ATOM   177  C C   . HIS A 1 31  ? 7.088   7.347   -5.905  1.00 25.22 ? 27  HIS A C   1 
ATOM   178  O O   . HIS A 1 31  ? 7.796   6.383   -6.208  1.00 25.28 ? 27  HIS A O   1 
ATOM   179  C CB  . HIS A 1 31  ? 7.472   8.724   -7.978  1.00 24.29 ? 27  HIS A CB  1 
ATOM   180  C CG  . HIS A 1 31  ? 8.481   9.625   -7.342  1.00 26.84 ? 27  HIS A CG  1 
ATOM   181  N ND1 . HIS A 1 31  ? 8.474   10.993  -7.528  1.00 33.12 ? 27  HIS A ND1 1 
ATOM   182  C CD2 . HIS A 1 31  ? 9.526   9.360   -6.523  1.00 30.22 ? 27  HIS A CD2 1 
ATOM   183  C CE1 . HIS A 1 31  ? 9.477   11.530  -6.845  1.00 33.73 ? 27  HIS A CE1 1 
ATOM   184  N NE2 . HIS A 1 31  ? 10.125  10.559  -6.229  1.00 32.07 ? 27  HIS A NE2 1 
ATOM   185  N N   . ILE A 1 32  ? 6.865   7.725   -4.647  1.00 26.00 ? 28  ILE A N   1 
ATOM   186  C CA  . ILE A 1 32  ? 7.348   6.951   -3.505  1.00 24.76 ? 28  ILE A CA  1 
ATOM   187  C C   . ILE A 1 32  ? 6.256   5.994   -3.018  1.00 23.16 ? 28  ILE A C   1 
ATOM   188  O O   . ILE A 1 32  ? 6.527   4.839   -2.712  1.00 24.34 ? 28  ILE A O   1 
ATOM   189  C CB  . ILE A 1 32  ? 7.759   7.851   -2.315  1.00 27.07 ? 28  ILE A CB  1 
ATOM   190  C CG1 . ILE A 1 32  ? 8.706   8.969   -2.754  1.00 29.96 ? 28  ILE A CG1 1 
ATOM   191  C CG2 . ILE A 1 32  ? 8.407   7.012   -1.210  1.00 25.63 ? 28  ILE A CG2 1 
ATOM   192  C CD1 . ILE A 1 32  ? 10.020  8.465   -3.288  1.00 39.81 ? 28  ILE A CD1 1 
ATOM   193  N N   . THR A 1 33  ? 5.020   6.483   -2.959  1.00 22.30 ? 29  THR A N   1 
ATOM   194  C CA  . THR A 1 33  ? 3.907   5.693   -2.422  1.00 21.74 ? 29  THR A CA  1 
ATOM   195  C C   . THR A 1 33  ? 3.012   5.079   -3.497  1.00 23.98 ? 29  THR A C   1 
ATOM   196  O O   . THR A 1 33  ? 2.168   4.240   -3.188  1.00 21.72 ? 29  THR A O   1 
ATOM   197  C CB  . THR A 1 33  ? 3.008   6.546   -1.524  1.00 22.75 ? 29  THR A CB  1 
ATOM   198  O OG1 . THR A 1 33  ? 2.383   7.553   -2.325  1.00 20.07 ? 29  THR A OG1 1 
ATOM   199  C CG2 . THR A 1 33  ? 3.814   7.216   -0.424  1.00 24.49 ? 29  THR A CG2 1 
ATOM   200  N N   . ASN A 1 34  ? 3.192   5.511   -4.747  1.00 20.56 ? 30  ASN A N   1 
ATOM   201  C CA  . ASN A 1 34  ? 2.314   5.134   -5.861  1.00 20.03 ? 30  ASN A CA  1 
ATOM   202  C C   . ASN A 1 34  ? 0.852   5.550   -5.672  1.00 20.71 ? 30  ASN A C   1 
ATOM   203  O O   . ASN A 1 34  ? -0.039  5.049   -6.359  1.00 20.93 ? 30  ASN A O   1 
ATOM   204  C CB  . ASN A 1 34  ? 2.429   3.641   -6.192  1.00 19.10 ? 30  ASN A CB  1 
ATOM   205  C CG  . ASN A 1 34  ? 3.773   3.289   -6.820  1.00 22.81 ? 30  ASN A CG  1 
ATOM   206  O OD1 . ASN A 1 34  ? 4.323   2.203   -6.598  1.00 21.76 ? 30  ASN A OD1 1 
ATOM   207  N ND2 . ASN A 1 34  ? 4.309   4.211   -7.607  1.00 18.30 ? 30  ASN A ND2 1 
ATOM   208  N N   . ALA A 1 35  ? 0.615   6.474   -4.750  1.00 18.73 ? 31  ALA A N   1 
ATOM   209  C CA  . ALA A 1 35  ? -0.708  7.078   -4.613  1.00 20.79 ? 31  ALA A CA  1 
ATOM   210  C C   . ALA A 1 35  ? -1.000  8.001   -5.794  1.00 22.58 ? 31  ALA A C   1 
ATOM   211  O O   . ALA A 1 35  ? -0.099  8.614   -6.372  1.00 22.24 ? 31  ALA A O   1 
ATOM   212  C CB  . ALA A 1 35  ? -0.822  7.847   -3.315  1.00 23.16 ? 31  ALA A CB  1 
ATOM   213  N N   . SER A 1 36  ? -2.267  8.081   -6.163  1.00 20.81 ? 32  SER A N   1 
ATOM   214  C CA  . SER A 1 36  ? -2.694  9.044   -7.165  1.00 20.30 ? 32  SER A CA  1 
ATOM   215  C C   . SER A 1 36  ? -4.069  9.593   -6.798  1.00 25.64 ? 32  SER A C   1 
ATOM   216  O O   . SER A 1 36  ? -4.898  8.884   -6.222  1.00 23.43 ? 32  SER A O   1 
ATOM   217  C CB  . SER A 1 36  ? -2.673  8.433   -8.569  1.00 23.08 ? 32  SER A CB  1 
ATOM   218  O OG  . SER A 1 36  ? -3.432  7.247   -8.635  1.00 27.50 ? 32  SER A OG  1 
ATOM   219  N N   . GLN A 1 37  ? -4.299  10.866  -7.101  1.00 22.63 ? 33  GLN A N   1 
ATOM   220  C CA  . GLN A 1 37  ? -5.557  11.505  -6.736  1.00 24.13 ? 33  GLN A CA  1 
ATOM   221  C C   . GLN A 1 37  ? -5.766  12.767  -7.561  1.00 25.98 ? 33  GLN A C   1 
ATOM   222  O O   . GLN A 1 37  ? -4.808  13.342  -8.076  1.00 23.39 ? 33  GLN A O   1 
ATOM   223  C CB  . GLN A 1 37  ? -5.565  11.845  -5.246  1.00 23.36 ? 33  GLN A CB  1 
ATOM   224  C CG  . GLN A 1 37  ? -4.487  12.829  -4.826  1.00 24.92 ? 33  GLN A CG  1 
ATOM   225  C CD  . GLN A 1 37  ? -4.397  12.965  -3.323  1.00 29.89 ? 33  GLN A CD  1 
ATOM   226  O OE1 . GLN A 1 37  ? -4.283  14.068  -2.787  1.00 32.91 ? 33  GLN A OE1 1 
ATOM   227  N NE2 . GLN A 1 37  ? -4.457  11.835  -2.631  1.00 27.02 ? 33  GLN A NE2 1 
ATOM   228  N N   . TRP A 1 38  ? -7.019  13.191  -7.686  1.00 24.24 ? 34  TRP A N   1 
ATOM   229  C CA  . TRP A 1 38  ? -7.335  14.414  -8.421  1.00 24.46 ? 34  TRP A CA  1 
ATOM   230  C C   . TRP A 1 38  ? -6.940  15.636  -7.614  1.00 26.92 ? 34  TRP A C   1 
ATOM   231  O O   . TRP A 1 38  ? -6.426  16.619  -8.154  1.00 26.59 ? 34  TRP A O   1 
ATOM   232  C CB  . TRP A 1 38  ? -8.832  14.487  -8.739  1.00 23.46 ? 34  TRP A CB  1 
ATOM   233  C CG  . TRP A 1 38  ? -9.287  13.425  -9.688  1.00 24.41 ? 34  TRP A CG  1 
ATOM   234  C CD1 . TRP A 1 38  ? -10.144 12.404  -9.419  1.00 24.31 ? 34  TRP A CD1 1 
ATOM   235  C CD2 . TRP A 1 38  ? -8.899  13.272  -11.060 1.00 23.27 ? 34  TRP A CD2 1 
ATOM   236  N NE1 . TRP A 1 38  ? -10.324 11.629  -10.538 1.00 24.54 ? 34  TRP A NE1 1 
ATOM   237  C CE2 . TRP A 1 38  ? -9.565  12.140  -11.557 1.00 25.85 ? 34  TRP A CE2 1 
ATOM   238  C CE3 . TRP A 1 38  ? -8.057  13.993  -11.915 1.00 26.09 ? 34  TRP A CE3 1 
ATOM   239  C CZ2 . TRP A 1 38  ? -9.419  11.703  -12.869 1.00 28.93 ? 34  TRP A CZ2 1 
ATOM   240  C CZ3 . TRP A 1 38  ? -7.912  13.558  -13.215 1.00 27.08 ? 34  TRP A CZ3 1 
ATOM   241  C CH2 . TRP A 1 38  ? -8.587  12.423  -13.681 1.00 29.21 ? 34  TRP A CH2 1 
ATOM   242  N N   . GLU A 1 39  ? -7.192  15.570  -6.310  1.00 27.55 ? 35  GLU A N   1 
ATOM   243  C CA  . GLU A 1 39  ? -6.992  16.710  -5.429  1.00 28.28 ? 35  GLU A CA  1 
ATOM   244  C C   . GLU A 1 39  ? -5.520  16.975  -5.142  1.00 31.40 ? 35  GLU A C   1 
ATOM   245  O O   . GLU A 1 39  ? -4.727  16.042  -5.003  1.00 30.52 ? 35  GLU A O   1 
ATOM   246  C CB  . GLU A 1 39  ? -7.752  16.496  -4.112  1.00 31.75 ? 35  GLU A CB  1 
ATOM   247  C CG  . GLU A 1 39  ? -9.248  16.211  -4.272  1.00 34.56 ? 35  GLU A CG  1 
ATOM   248  C CD  . GLU A 1 39  ? -9.555  14.776  -4.695  1.00 32.15 ? 35  GLU A CD  1 
ATOM   249  O OE1 . GLU A 1 39  ? -8.657  13.907  -4.585  1.00 29.89 ? 35  GLU A OE1 1 
ATOM   250  O OE2 . GLU A 1 39  ? -10.701 14.517  -5.135  1.00 32.32 ? 35  GLU A OE2 1 
ATOM   251  N N   . ARG A 1 40  ? -5.165  18.254  -5.041  1.00 31.47 ? 36  ARG A N   1 
ATOM   252  C CA  . ARG A 1 40  ? -3.805  18.650  -4.682  1.00 37.18 ? 36  ARG A CA  1 
ATOM   253  C C   . ARG A 1 40  ? -3.469  18.180  -3.265  1.00 37.90 ? 36  ARG A C   1 
ATOM   254  O O   . ARG A 1 40  ? -4.217  18.469  -2.330  1.00 42.96 ? 36  ARG A O   1 
ATOM   255  C CB  . ARG A 1 40  ? -3.644  20.169  -4.792  1.00 40.70 ? 36  ARG A CB  1 
ATOM   256  C CG  . ARG A 1 40  ? -2.205  20.610  -5.006  1.00 45.41 ? 36  ARG A CG  1 
ATOM   257  C CD  . ARG A 1 40  ? -2.114  22.037  -5.532  1.00 48.65 ? 36  ARG A CD  1 
ATOM   258  N NE  . ARG A 1 40  ? -0.798  22.336  -6.100  1.00 53.42 ? 36  ARG A NE  1 
ATOM   259  C CZ  . ARG A 1 40  ? 0.239   22.786  -5.398  1.00 56.90 ? 36  ARG A CZ  1 
ATOM   260  N NH1 . ARG A 1 40  ? 0.120   22.987  -4.091  1.00 59.67 ? 36  ARG A NH1 1 
ATOM   261  N NH2 . ARG A 1 40  ? 1.398   23.031  -6.000  1.00 56.14 ? 36  ARG A NH2 1 
ATOM   262  N N   . PRO A 1 41  ? -2.340  17.466  -3.114  1.00 40.09 ? 37  PRO A N   1 
ATOM   263  C CA  . PRO A 1 41  ? -1.867  16.746  -1.921  1.00 42.65 ? 37  PRO A CA  1 
ATOM   264  C C   . PRO A 1 41  ? -2.162  17.406  -0.571  1.00 50.24 ? 37  PRO A C   1 
ATOM   265  O O   . PRO A 1 41  ? -3.152  17.042  0.070   1.00 53.20 ? 37  PRO A O   1 
ATOM   266  C CB  . PRO A 1 41  ? -0.359  16.677  -2.146  1.00 41.96 ? 37  PRO A CB  1 
ATOM   267  C CG  . PRO A 1 41  ? -0.209  16.636  -3.609  1.00 38.89 ? 37  PRO A CG  1 
ATOM   268  C CD  . PRO A 1 41  ? -1.340  17.440  -4.197  1.00 39.08 ? 37  PRO A CD  1 
ATOM   269  N N   . SER A 1 42  ? -1.297  18.328  -0.153  1.00 49.49 ? 38  SER A N   1 
ATOM   270  C CA  . SER A 1 42  ? -1.353  18.938  1.174   1.00 54.16 ? 38  SER A CA  1 
ATOM   271  C C   . SER A 1 42  ? -0.458  18.202  2.155   1.00 47.45 ? 38  SER A C   1 
ATOM   272  O O   . SER A 1 42  ? 0.746   18.404  2.172   1.00 51.59 ? 38  SER A O   1 
ATOM   273  C CB  . SER A 1 42  ? -2.772  18.953  1.732   1.00 51.48 ? 38  SER A CB  1 
ATOM   274  O OG  . SER A 1 42  ? -3.022  17.798  2.526   1.00 56.94 ? 38  SER A OG  1 
ATOM   275  N N   . GLY A 1 54  ? 7.595   18.079  8.454   1.00 69.38 ? 50  GLY A N   1 
ATOM   276  C CA  . GLY A 1 54  ? 8.821   17.305  8.432   1.00 67.12 ? 50  GLY A CA  1 
ATOM   277  C C   . GLY A 1 54  ? 8.609   15.867  8.856   1.00 66.11 ? 50  GLY A C   1 
ATOM   278  O O   . GLY A 1 54  ? 7.667   15.558  9.579   1.00 67.22 ? 50  GLY A O   1 
ATOM   279  N N   . GLU A 1 55  ? 9.498   14.984  8.415   1.00 64.98 ? 51  GLU A N   1 
ATOM   280  C CA  . GLU A 1 55  ? 9.343   13.552  8.677   1.00 61.02 ? 51  GLU A CA  1 
ATOM   281  C C   . GLU A 1 55  ? 9.565   13.233  10.156  1.00 59.88 ? 51  GLU A C   1 
ATOM   282  O O   . GLU A 1 55  ? 10.551  13.671  10.748  1.00 60.07 ? 51  GLU A O   1 
ATOM   283  C CB  . GLU A 1 55  ? 10.259  12.716  7.773   1.00 54.53 ? 51  GLU A CB  1 
ATOM   284  C CG  . GLU A 1 55  ? 11.383  11.973  8.466   1.00 54.11 ? 51  GLU A CG  1 
ATOM   285  C CD  . GLU A 1 55  ? 11.855  10.792  7.635   1.00 48.63 ? 51  GLU A CD  1 
ATOM   286  O OE1 . GLU A 1 55  ? 11.559  10.771  6.418   1.00 46.91 ? 51  GLU A OE1 1 
ATOM   287  O OE2 . GLU A 1 55  ? 12.505  9.881   8.189   1.00 48.32 ? 51  GLU A OE2 1 
ATOM   288  N N   . PRO A 1 56  ? 8.630   12.477  10.754  1.00 58.29 ? 52  PRO A N   1 
ATOM   289  C CA  . PRO A 1 56  ? 8.594   12.148  12.184  1.00 53.16 ? 52  PRO A CA  1 
ATOM   290  C C   . PRO A 1 56  ? 9.566   11.038  12.540  1.00 48.41 ? 52  PRO A C   1 
ATOM   291  O O   . PRO A 1 56  ? 10.125  10.407  11.646  1.00 52.58 ? 52  PRO A O   1 
ATOM   292  C CB  . PRO A 1 56  ? 7.163   11.658  12.394  1.00 52.71 ? 52  PRO A CB  1 
ATOM   293  C CG  . PRO A 1 56  ? 6.735   11.143  11.071  1.00 49.51 ? 52  PRO A CG  1 
ATOM   294  C CD  . PRO A 1 56  ? 7.495   11.896  10.018  1.00 54.68 ? 52  PRO A CD  1 
ATOM   295  N N   . ALA A 1 57  ? 9.747   10.805  13.835  1.00 48.75 ? 53  ALA A N   1 
ATOM   296  C CA  . ALA A 1 57  ? 10.649  9.770   14.321  1.00 47.38 ? 53  ALA A CA  1 
ATOM   297  C C   . ALA A 1 57  ? 10.087  8.382   14.037  1.00 44.03 ? 53  ALA A C   1 
ATOM   298  O O   . ALA A 1 57  ? 10.800  7.489   13.575  1.00 40.61 ? 53  ALA A O   1 
ATOM   299  C CB  . ALA A 1 57  ? 10.888  9.947   15.816  1.00 47.96 ? 53  ALA A CB  1 
ATOM   300  N N   . ARG A 1 58  ? 8.799   8.211   14.320  1.00 41.31 ? 54  ARG A N   1 
ATOM   301  C CA  . ARG A 1 58  ? 8.131   6.935   14.118  1.00 37.08 ? 54  ARG A CA  1 
ATOM   302  C C   . ARG A 1 58  ? 6.795   7.132   13.414  1.00 34.05 ? 54  ARG A C   1 
ATOM   303  O O   . ARG A 1 58  ? 6.192   8.204   13.481  1.00 36.24 ? 54  ARG A O   1 
ATOM   304  C CB  . ARG A 1 58  ? 7.899   6.229   15.462  1.00 40.19 ? 54  ARG A CB  1 
ATOM   305  C CG  . ARG A 1 58  ? 9.169   5.712   16.127  1.00 42.79 ? 54  ARG A CG  1 
ATOM   306  C CD  . ARG A 1 58  ? 8.933   5.304   17.575  1.00 47.63 ? 54  ARG A CD  1 
ATOM   307  N NE  . ARG A 1 58  ? 8.367   3.962   17.700  1.00 50.16 ? 54  ARG A NE  1 
ATOM   308  C CZ  . ARG A 1 58  ? 9.054   2.838   17.494  1.00 50.06 ? 54  ARG A CZ  1 
ATOM   309  N NH1 . ARG A 1 58  ? 10.331  2.892   17.136  1.00 46.90 ? 54  ARG A NH1 1 
ATOM   310  N NH2 . ARG A 1 58  ? 8.461   1.659   17.637  1.00 49.18 ? 54  ARG A NH2 1 
ATOM   311  N N   . VAL A 1 59  ? 6.341   6.088   12.735  1.00 32.07 ? 55  VAL A N   1 
ATOM   312  C CA  . VAL A 1 59  ? 5.006   6.076   12.165  1.00 29.79 ? 55  VAL A CA  1 
ATOM   313  C C   . VAL A 1 59  ? 4.350   4.753   12.512  1.00 29.51 ? 55  VAL A C   1 
ATOM   314  O O   . VAL A 1 59  ? 5.027   3.776   12.845  1.00 31.01 ? 55  VAL A O   1 
ATOM   315  C CB  . VAL A 1 59  ? 5.017   6.248   10.623  1.00 28.81 ? 55  VAL A CB  1 
ATOM   316  C CG1 . VAL A 1 59  ? 5.718   7.546   10.229  1.00 32.50 ? 55  VAL A CG1 1 
ATOM   317  C CG2 . VAL A 1 59  ? 5.667   5.046   9.945   1.00 30.36 ? 55  VAL A CG2 1 
ATOM   318  N N   . ARG A 1 60  ? 3.027   4.726   12.443  1.00 25.85 ? 56  ARG A N   1 
ATOM   319  C CA  . ARG A 1 60  ? 2.293   3.490   12.620  1.00 25.92 ? 56  ARG A CA  1 
ATOM   320  C C   . ARG A 1 60  ? 1.494   3.231   11.356  1.00 26.49 ? 56  ARG A C   1 
ATOM   321  O O   . ARG A 1 60  ? 0.795   4.118   10.876  1.00 24.70 ? 56  ARG A O   1 
ATOM   322  C CB  . ARG A 1 60  ? 1.360   3.596   13.820  1.00 26.22 ? 56  ARG A CB  1 
ATOM   323  C CG  . ARG A 1 60  ? 0.516   2.364   14.033  1.00 27.40 ? 56  ARG A CG  1 
ATOM   324  C CD  . ARG A 1 60  ? -0.389  2.528   15.238  1.00 28.34 ? 56  ARG A CD  1 
ATOM   325  N NE  . ARG A 1 60  ? -1.083  1.288   15.556  1.00 29.47 ? 56  ARG A NE  1 
ATOM   326  C CZ  . ARG A 1 60  ? -1.897  1.151   16.599  1.00 34.41 ? 56  ARG A CZ  1 
ATOM   327  N NH1 . ARG A 1 60  ? -2.106  2.180   17.410  1.00 33.26 ? 56  ARG A NH1 1 
ATOM   328  N NH2 . ARG A 1 60  ? -2.503  -0.007  16.829  1.00 33.22 ? 56  ARG A NH2 1 
ATOM   329  N N   . CYS A 1 61  ? 1.613   2.029   10.804  1.00 24.31 ? 57  CYS A N   1 
ATOM   330  C CA  . CYS A 1 61  ? 0.875   1.685   9.596   1.00 23.62 ? 57  CYS A CA  1 
ATOM   331  C C   . CYS A 1 61  ? 0.172   0.350   9.696   1.00 23.42 ? 57  CYS A C   1 
ATOM   332  O O   . CYS A 1 61  ? 0.541   -0.508  10.499  1.00 22.71 ? 57  CYS A O   1 
ATOM   333  C CB  . CYS A 1 61  ? 1.795   1.676   8.370   1.00 23.12 ? 57  CYS A CB  1 
ATOM   334  S SG  . CYS A 1 61  ? 2.563   3.262   8.025   1.00 25.82 ? 57  CYS A SG  1 
ATOM   335  N N   . SER A 1 62  ? -0.855  0.191   8.868   1.00 19.71 ? 58  SER A N   1 
ATOM   336  C CA  . SER A 1 62  ? -1.428  -1.104  8.583   1.00 19.68 ? 58  SER A CA  1 
ATOM   337  C C   . SER A 1 62  ? -1.124  -1.394  7.121   1.00 20.60 ? 58  SER A C   1 
ATOM   338  O O   . SER A 1 62  ? -0.838  -0.480  6.344   1.00 21.75 ? 58  SER A O   1 
ATOM   339  C CB  . SER A 1 62  ? -2.935  -1.083  8.806   1.00 22.15 ? 58  SER A CB  1 
ATOM   340  O OG  . SER A 1 62  ? -3.239  -0.699  10.133  1.00 20.58 ? 58  SER A OG  1 
ATOM   341  N N   . HIS A 1 63  ? -1.188  -2.660  6.740   1.00 20.30 ? 59  HIS A N   1 
ATOM   342  C CA  . HIS A 1 63  ? -0.996  -3.005  5.349   1.00 22.44 ? 59  HIS A CA  1 
ATOM   343  C C   . HIS A 1 63  ? -1.821  -4.211  4.938   1.00 22.38 ? 59  HIS A C   1 
ATOM   344  O O   . HIS A 1 63  ? -2.330  -4.964  5.775   1.00 21.78 ? 59  HIS A O   1 
ATOM   345  C CB  . HIS A 1 63  ? 0.501   -3.181  5.020   1.00 19.24 ? 59  HIS A CB  1 
ATOM   346  C CG  . HIS A 1 63  ? 1.061   -4.531  5.361   1.00 23.66 ? 59  HIS A CG  1 
ATOM   347  N ND1 . HIS A 1 63  ? 0.913   -5.118  6.600   1.00 25.74 ? 59  HIS A ND1 1 
ATOM   348  C CD2 . HIS A 1 63  ? 1.809   -5.390  4.627   1.00 20.92 ? 59  HIS A CD2 1 
ATOM   349  C CE1 . HIS A 1 63  ? 1.524   -6.291  6.607   1.00 20.91 ? 59  HIS A CE1 1 
ATOM   350  N NE2 . HIS A 1 63  ? 2.077   -6.477  5.424   1.00 28.15 ? 59  HIS A NE2 1 
ATOM   351  N N   . LEU A 1 64  ? -1.984  -4.358  3.633   1.00 18.39 ? 60  LEU A N   1 
ATOM   352  C CA  . LEU A 1 64  ? -2.621  -5.531  3.069   1.00 18.07 ? 60  LEU A CA  1 
ATOM   353  C C   . LEU A 1 64  ? -1.600  -6.049  2.075   1.00 23.59 ? 60  LEU A C   1 
ATOM   354  O O   . LEU A 1 64  ? -1.189  -5.324  1.176   1.00 20.26 ? 60  LEU A O   1 
ATOM   355  C CB  . LEU A 1 64  ? -3.912  -5.144  2.346   1.00 18.62 ? 60  LEU A CB  1 
ATOM   356  C CG  . LEU A 1 64  ? -4.798  -6.287  1.839   1.00 20.72 ? 60  LEU A CG  1 
ATOM   357  C CD1 . LEU A 1 64  ? -6.210  -5.782  1.543   1.00 21.95 ? 60  LEU A CD1 1 
ATOM   358  C CD2 . LEU A 1 64  ? -4.196  -6.962  0.615   1.00 19.61 ? 60  LEU A CD2 1 
ATOM   359  N N   . LEU A 1 65  ? -1.182  -7.294  2.250   1.00 18.22 ? 61  LEU A N   1 
ATOM   360  C CA  . LEU A 1 65  ? -0.142  -7.859  1.408   1.00 21.31 ? 61  LEU A CA  1 
ATOM   361  C C   . LEU A 1 65  ? -0.704  -8.959  0.528   1.00 21.30 ? 61  LEU A C   1 
ATOM   362  O O   . LEU A 1 65  ? -1.420  -9.834  0.995   1.00 20.96 ? 61  LEU A O   1 
ATOM   363  C CB  . LEU A 1 65  ? 0.994   -8.400  2.280   1.00 21.31 ? 61  LEU A CB  1 
ATOM   364  C CG  . LEU A 1 65  ? 1.991   -9.370  1.630   1.00 23.10 ? 61  LEU A CG  1 
ATOM   365  C CD1 . LEU A 1 65  ? 2.799   -8.654  0.563   1.00 22.44 ? 61  LEU A CD1 1 
ATOM   366  C CD2 . LEU A 1 65  ? 2.894   -9.971  2.689   1.00 26.42 ? 61  LEU A CD2 1 
ATOM   367  N N   . VAL A 1 66  ? -0.390  -8.905  -0.764  1.00 20.42 ? 62  VAL A N   1 
ATOM   368  C CA  . VAL A 1 66  ? -0.765  -9.981  -1.662  1.00 21.60 ? 62  VAL A CA  1 
ATOM   369  C C   . VAL A 1 66  ? 0.535   -10.578 -2.194  1.00 25.59 ? 62  VAL A C   1 
ATOM   370  O O   . VAL A 1 66  ? 1.303   -9.905  -2.874  1.00 21.91 ? 62  VAL A O   1 
ATOM   371  C CB  . VAL A 1 66  ? -1.655  -9.487  -2.826  1.00 22.72 ? 62  VAL A CB  1 
ATOM   372  C CG1 . VAL A 1 66  ? -1.997  -10.637 -3.771  1.00 23.40 ? 62  VAL A CG1 1 
ATOM   373  C CG2 . VAL A 1 66  ? -2.928  -8.858  -2.282  1.00 26.14 ? 62  VAL A CG2 1 
ATOM   374  N N   . LYS A 1 67  ? 0.799   -11.829 -1.836  1.00 25.25 ? 63  LYS A N   1 
ATOM   375  C CA  . LYS A 1 67  ? 2.038   -12.479 -2.253  1.00 28.19 ? 63  LYS A CA  1 
ATOM   376  C C   . LYS A 1 67  ? 1.913   -13.078 -3.651  1.00 28.93 ? 63  LYS A C   1 
ATOM   377  O O   . LYS A 1 67  ? 0.804   -13.231 -4.176  1.00 25.58 ? 63  LYS A O   1 
ATOM   378  C CB  . LYS A 1 67  ? 2.445   -13.554 -1.237  1.00 25.63 ? 63  LYS A CB  1 
ATOM   379  C CG  . LYS A 1 67  ? 3.001   -12.993 0.071   1.00 28.48 ? 63  LYS A CG  1 
ATOM   380  C CD  . LYS A 1 67  ? 3.562   -14.109 0.954   1.00 29.79 ? 63  LYS A CD  1 
ATOM   381  C CE  . LYS A 1 67  ? 4.299   -13.551 2.161   1.00 31.65 ? 63  LYS A CE  1 
ATOM   382  N NZ  . LYS A 1 67  ? 4.844   -14.633 3.030   1.00 36.24 ? 63  LYS A NZ  1 
ATOM   383  N N   . HIS A 1 68  ? 3.059   -13.400 -4.249  1.00 30.11 ? 64  HIS A N   1 
ATOM   384  C CA  . HIS A 1 68  ? 3.118   -14.041 -5.560  1.00 33.20 ? 64  HIS A CA  1 
ATOM   385  C C   . HIS A 1 68  ? 4.255   -15.060 -5.626  1.00 33.93 ? 64  HIS A C   1 
ATOM   386  O O   . HIS A 1 68  ? 5.041   -15.188 -4.686  1.00 33.59 ? 64  HIS A O   1 
ATOM   387  C CB  . HIS A 1 68  ? 3.274   -13.006 -6.688  1.00 28.26 ? 64  HIS A CB  1 
ATOM   388  C CG  . HIS A 1 68  ? 4.335   -11.983 -6.435  1.00 29.90 ? 64  HIS A CG  1 
ATOM   389  N ND1 . HIS A 1 68  ? 5.674   -12.240 -6.621  1.00 29.85 ? 64  HIS A ND1 1 
ATOM   390  C CD2 . HIS A 1 68  ? 4.250   -10.696 -6.022  1.00 26.28 ? 64  HIS A CD2 1 
ATOM   391  C CE1 . HIS A 1 68  ? 6.372   -11.155 -6.324  1.00 33.59 ? 64  HIS A CE1 1 
ATOM   392  N NE2 . HIS A 1 68  ? 5.532   -10.209 -5.958  1.00 29.27 ? 64  HIS A NE2 1 
ATOM   393  N N   . SER A 1 69  ? 4.344   -15.771 -6.746  1.00 35.10 ? 65  SER A N   1 
ATOM   394  C CA  . SER A 1 69  ? 5.344   -16.825 -6.912  1.00 35.38 ? 65  SER A CA  1 
ATOM   395  C C   . SER A 1 69  ? 6.771   -16.335 -6.719  1.00 35.65 ? 65  SER A C   1 
ATOM   396  O O   . SER A 1 69  ? 7.664   -17.115 -6.387  1.00 39.01 ? 65  SER A O   1 
ATOM   397  C CB  . SER A 1 69  ? 5.227   -17.454 -8.290  1.00 34.60 ? 65  SER A CB  1 
ATOM   398  O OG  . SER A 1 69  ? 5.427   -16.482 -9.302  1.00 37.03 ? 65  SER A OG  1 
ATOM   399  N N   . GLN A 1 70  ? 6.990   -15.045 -6.935  1.00 32.96 ? 66  GLN A N   1 
ATOM   400  C CA  . GLN A 1 70  ? 8.326   -14.480 -6.801  1.00 35.25 ? 66  GLN A CA  1 
ATOM   401  C C   . GLN A 1 70  ? 8.584   -13.843 -5.437  1.00 32.42 ? 66  GLN A C   1 
ATOM   402  O O   . GLN A 1 70  ? 9.641   -13.250 -5.215  1.00 35.31 ? 66  GLN A O   1 
ATOM   403  C CB  . GLN A 1 70  ? 8.585   -13.483 -7.929  1.00 35.71 ? 66  GLN A CB  1 
ATOM   404  C CG  . GLN A 1 70  ? 8.758   -14.154 -9.275  1.00 40.13 ? 66  GLN A CG  1 
ATOM   405  C CD  . GLN A 1 70  ? 10.205  -14.187 -9.711  1.00 49.35 ? 66  GLN A CD  1 
ATOM   406  O OE1 . GLN A 1 70  ? 10.761  -13.164 -10.122 1.00 36.22 ? 66  GLN A OE1 1 
ATOM   407  N NE2 . GLN A 1 70  ? 10.829  -15.362 -9.622  1.00 50.63 ? 66  GLN A NE2 1 
ATOM   408  N N   . SER A 1 71  ? 7.628   -13.976 -4.519  1.00 32.16 ? 67  SER A N   1 
ATOM   409  C CA  . SER A 1 71  ? 7.824   -13.508 -3.152  1.00 33.15 ? 67  SER A CA  1 
ATOM   410  C C   . SER A 1 71  ? 8.943   -14.298 -2.486  1.00 34.29 ? 67  SER A C   1 
ATOM   411  O O   . SER A 1 71  ? 9.092   -15.492 -2.733  1.00 35.36 ? 67  SER A O   1 
ATOM   412  C CB  . SER A 1 71  ? 6.535   -13.650 -2.336  1.00 31.87 ? 67  SER A CB  1 
ATOM   413  O OG  . SER A 1 71  ? 5.520   -12.790 -2.819  1.00 29.27 ? 67  SER A OG  1 
ATOM   414  N N   . ARG A 1 72  ? 9.716   -13.633 -1.633  1.00 35.13 ? 68  ARG A N   1 
ATOM   415  C CA  . ARG A 1 72  ? 10.832  -14.274 -0.947  1.00 37.68 ? 68  ARG A CA  1 
ATOM   416  C C   . ARG A 1 72  ? 10.370  -15.456 -0.109  1.00 40.19 ? 68  ARG A C   1 
ATOM   417  O O   . ARG A 1 72  ? 11.139  -16.387 0.137   1.00 40.69 ? 68  ARG A O   1 
ATOM   418  C CB  . ARG A 1 72  ? 11.591  -13.272 -0.078  1.00 38.85 ? 68  ARG A CB  1 
ATOM   419  C CG  . ARG A 1 72  ? 10.854  -12.841 1.183   1.00 38.95 ? 68  ARG A CG  1 
ATOM   420  C CD  . ARG A 1 72  ? 11.681  -11.829 1.973   1.00 41.46 ? 68  ARG A CD  1 
ATOM   421  N NE  . ARG A 1 72  ? 11.020  -11.431 3.212   1.00 41.96 ? 68  ARG A NE  1 
ATOM   422  C CZ  . ARG A 1 72  ? 11.500  -10.524 4.059   1.00 43.86 ? 68  ARG A CZ  1 
ATOM   423  N NH1 . ARG A 1 72  ? 12.653  -9.920  3.804   1.00 48.42 ? 68  ARG A NH1 1 
ATOM   424  N NH2 . ARG A 1 72  ? 10.826  -10.222 5.165   1.00 46.82 ? 68  ARG A NH2 1 
ATOM   425  N N   . ARG A 1 73  ? 9.111   -15.418 0.324   1.00 40.52 ? 69  ARG A N   1 
ATOM   426  C CA  . ARG A 1 73  ? 8.504   -16.526 1.061   1.00 36.22 ? 69  ARG A CA  1 
ATOM   427  C C   . ARG A 1 73  ? 7.084   -16.788 0.554   1.00 37.89 ? 69  ARG A C   1 
ATOM   428  O O   . ARG A 1 73  ? 6.113   -16.241 1.090   1.00 35.91 ? 69  ARG A O   1 
ATOM   429  C CB  . ARG A 1 73  ? 8.496   -16.228 2.559   1.00 38.32 ? 69  ARG A CB  1 
ATOM   430  C CG  . ARG A 1 73  ? 7.867   -17.322 3.397   1.00 43.99 ? 69  ARG A CG  1 
ATOM   431  C CD  . ARG A 1 73  ? 7.652   -16.879 4.839   1.00 42.45 ? 69  ARG A CD  1 
ATOM   432  N NE  . ARG A 1 73  ? 6.648   -17.711 5.499   1.00 49.21 ? 69  ARG A NE  1 
ATOM   433  C CZ  . ARG A 1 73  ? 5.454   -17.279 5.901   1.00 50.69 ? 69  ARG A CZ  1 
ATOM   434  N NH1 . ARG A 1 73  ? 5.108   -16.008 5.727   1.00 44.10 ? 69  ARG A NH1 1 
ATOM   435  N NH2 . ARG A 1 73  ? 4.607   -18.119 6.491   1.00 48.97 ? 69  ARG A NH2 1 
ATOM   436  N N   . PRO A 1 74  ? 6.961   -17.630 -0.485  1.00 36.54 ? 70  PRO A N   1 
ATOM   437  C CA  . PRO A 1 74  ? 5.735   -17.884 -1.254  1.00 36.00 ? 70  PRO A CA  1 
ATOM   438  C C   . PRO A 1 74  ? 4.693   -18.725 -0.525  1.00 36.87 ? 70  PRO A C   1 
ATOM   439  O O   . PRO A 1 74  ? 4.181   -19.696 -1.091  1.00 38.52 ? 70  PRO A O   1 
ATOM   440  C CB  . PRO A 1 74  ? 6.240   -18.662 -2.480  1.00 35.39 ? 70  PRO A CB  1 
ATOM   441  C CG  . PRO A 1 74  ? 7.722   -18.511 -2.471  1.00 35.86 ? 70  PRO A CG  1 
ATOM   442  C CD  . PRO A 1 74  ? 8.107   -18.366 -1.042  1.00 38.35 ? 70  PRO A CD  1 
ATOM   443  N N   . SER A 1 75  ? 4.367   -18.347 0.705   1.00 33.84 ? 71  SER A N   1 
ATOM   444  C CA  . SER A 1 75  ? 3.346   -19.046 1.469   1.00 36.28 ? 71  SER A CA  1 
ATOM   445  C C   . SER A 1 75  ? 2.774   -18.112 2.525   1.00 32.65 ? 71  SER A C   1 
ATOM   446  O O   . SER A 1 75  ? 3.406   -17.117 2.886   1.00 34.77 ? 71  SER A O   1 
ATOM   447  C CB  . SER A 1 75  ? 3.927   -20.289 2.143   1.00 40.93 ? 71  SER A CB  1 
ATOM   448  O OG  . SER A 1 75  ? 4.635   -19.940 3.318   1.00 44.09 ? 71  SER A OG  1 
ATOM   449  N N   . SER A 1 76  ? 1.583   -18.433 3.016   1.00 31.63 ? 72  SER A N   1 
ATOM   450  C CA  . SER A 1 76  ? 0.954   -17.622 4.060   1.00 36.01 ? 72  SER A CA  1 
ATOM   451  C C   . SER A 1 76  ? -0.141  -18.395 4.783   1.00 33.49 ? 72  SER A C   1 
ATOM   452  O O   . SER A 1 76  ? -0.465  -19.526 4.419   1.00 32.33 ? 72  SER A O   1 
ATOM   453  C CB  . SER A 1 76  ? 0.351   -16.351 3.457   1.00 31.19 ? 72  SER A CB  1 
ATOM   454  O OG  . SER A 1 76  ? -0.901  -16.635 2.853   1.00 27.77 ? 72  SER A OG  1 
ATOM   455  N N   . TRP A 1 77  ? -0.727  -17.770 5.800   1.00 35.00 ? 73  TRP A N   1 
ATOM   456  C CA  . TRP A 1 77  ? -1.828  -18.380 6.529   1.00 33.43 ? 73  TRP A CA  1 
ATOM   457  C C   . TRP A 1 77  ? -3.016  -18.663 5.608   1.00 34.49 ? 73  TRP A C   1 
ATOM   458  O O   . TRP A 1 77  ? -3.846  -19.521 5.905   1.00 34.17 ? 73  TRP A O   1 
ATOM   459  C CB  . TRP A 1 77  ? -2.257  -17.491 7.704   1.00 31.09 ? 73  TRP A CB  1 
ATOM   460  C CG  . TRP A 1 77  ? -2.975  -16.240 7.287   1.00 31.82 ? 73  TRP A CG  1 
ATOM   461  C CD1 . TRP A 1 77  ? -2.417  -15.014 7.054   1.00 29.28 ? 73  TRP A CD1 1 
ATOM   462  C CD2 . TRP A 1 77  ? -4.383  -16.092 7.053   1.00 33.46 ? 73  TRP A CD2 1 
ATOM   463  N NE1 . TRP A 1 77  ? -3.393  -14.113 6.690   1.00 29.33 ? 73  TRP A NE1 1 
ATOM   464  C CE2 . TRP A 1 77  ? -4.606  -14.751 6.680   1.00 30.70 ? 73  TRP A CE2 1 
ATOM   465  C CE3 . TRP A 1 77  ? -5.475  -16.966 7.122   1.00 34.47 ? 73  TRP A CE3 1 
ATOM   466  C CZ2 . TRP A 1 77  ? -5.875  -14.262 6.379   1.00 30.66 ? 73  TRP A CZ2 1 
ATOM   467  C CZ3 . TRP A 1 77  ? -6.737  -16.477 6.820   1.00 32.13 ? 73  TRP A CZ3 1 
ATOM   468  C CH2 . TRP A 1 77  ? -6.925  -15.138 6.451   1.00 31.07 ? 73  TRP A CH2 1 
ATOM   469  N N   . ARG A 1 78  ? -3.091  -17.947 4.486   1.00 32.98 ? 74  ARG A N   1 
ATOM   470  C CA  . ARG A 1 78  ? -4.209  -18.104 3.552   1.00 34.30 ? 74  ARG A CA  1 
ATOM   471  C C   . ARG A 1 78  ? -4.058  -19.347 2.688   1.00 35.70 ? 74  ARG A C   1 
ATOM   472  O O   . ARG A 1 78  ? -5.035  -20.037 2.397   1.00 35.75 ? 74  ARG A O   1 
ATOM   473  C CB  . ARG A 1 78  ? -4.350  -16.881 2.638   1.00 32.74 ? 74  ARG A CB  1 
ATOM   474  C CG  . ARG A 1 78  ? -4.655  -15.586 3.359   1.00 31.65 ? 74  ARG A CG  1 
ATOM   475  C CD  . ARG A 1 78  ? -5.339  -14.593 2.431   1.00 27.71 ? 74  ARG A CD  1 
ATOM   476  N NE  . ARG A 1 78  ? -6.689  -15.025 2.084   1.00 28.92 ? 74  ARG A NE  1 
ATOM   477  C CZ  . ARG A 1 78  ? -7.146  -15.123 0.842   1.00 33.00 ? 74  ARG A CZ  1 
ATOM   478  N NH1 . ARG A 1 78  ? -6.365  -14.795 -0.181  1.00 35.65 ? 74  ARG A NH1 1 
ATOM   479  N NH2 . ARG A 1 78  ? -8.391  -15.524 0.622   1.00 38.53 ? 74  ARG A NH2 1 
ATOM   480  N N   . GLN A 1 79  ? -2.833  -19.615 2.253   1.00 37.51 ? 75  GLN A N   1 
ATOM   481  C CA  . GLN A 1 79  ? -2.578  -20.798 1.445   1.00 37.29 ? 75  GLN A CA  1 
ATOM   482  C C   . GLN A 1 79  ? -1.128  -21.247 1.555   1.00 35.78 ? 75  GLN A C   1 
ATOM   483  O O   . GLN A 1 79  ? -0.200  -20.438 1.564   1.00 34.63 ? 75  GLN A O   1 
ATOM   484  C CB  . GLN A 1 79  ? -2.996  -20.587 -0.013  1.00 41.36 ? 75  GLN A CB  1 
ATOM   485  C CG  . GLN A 1 79  ? -2.290  -19.453 -0.720  1.00 40.48 ? 75  GLN A CG  1 
ATOM   486  C CD  . GLN A 1 79  ? -2.667  -19.360 -2.189  1.00 41.39 ? 75  GLN A CD  1 
ATOM   487  O OE1 . GLN A 1 79  ? -2.598  -18.290 -2.791  1.00 39.18 ? 75  GLN A OE1 1 
ATOM   488  N NE2 . GLN A 1 79  ? -3.073  -20.483 -2.769  1.00 43.07 ? 75  GLN A NE2 1 
ATOM   489  N N   . GLU A 1 80  ? -0.958  -22.558 1.660   1.00 40.37 ? 76  GLU A N   1 
ATOM   490  C CA  . GLU A 1 80  ? 0.337   -23.158 1.920   1.00 38.52 ? 76  GLU A CA  1 
ATOM   491  C C   . GLU A 1 80  ? 1.298   -22.885 0.770   1.00 36.65 ? 76  GLU A C   1 
ATOM   492  O O   . GLU A 1 80  ? 2.458   -22.547 0.995   1.00 32.46 ? 76  GLU A O   1 
ATOM   493  C CB  . GLU A 1 80  ? 0.169   -24.660 2.153   1.00 39.03 ? 76  GLU A CB  1 
ATOM   494  C CG  . GLU A 1 80  ? 1.359   -25.336 2.806   1.00 39.94 ? 76  GLU A CG  1 
ATOM   495  C CD  . GLU A 1 80  ? 1.033   -26.743 3.255   1.00 40.91 ? 76  GLU A CD  1 
ATOM   496  O OE1 . GLU A 1 80  ? -0.094  -27.205 2.974   1.00 39.00 ? 76  GLU A OE1 1 
ATOM   497  O OE2 . GLU A 1 80  ? 1.897   -27.380 3.895   1.00 42.74 ? 76  GLU A OE2 1 
ATOM   498  N N   . LYS A 1 81  ? 0.807   -23.021 -0.457  1.00 38.18 ? 77  LYS A N   1 
ATOM   499  C CA  . LYS A 1 81  ? 1.609   -22.711 -1.637  1.00 40.23 ? 77  LYS A CA  1 
ATOM   500  C C   . LYS A 1 81  ? 0.968   -21.610 -2.474  1.00 36.82 ? 77  LYS A C   1 
ATOM   501  O O   . LYS A 1 81  ? -0.068  -21.817 -3.109  1.00 36.88 ? 77  LYS A O   1 
ATOM   502  C CB  . LYS A 1 81  ? 1.823   -23.953 -2.501  1.00 41.93 ? 77  LYS A CB  1 
ATOM   503  C CG  . LYS A 1 81  ? 2.626   -23.675 -3.757  1.00 43.83 ? 77  LYS A CG  1 
ATOM   504  C CD  . LYS A 1 81  ? 2.898   -24.939 -4.545  1.00 45.05 ? 77  LYS A CD  1 
ATOM   505  C CE  . LYS A 1 81  ? 4.033   -24.713 -5.531  1.00 45.59 ? 77  LYS A CE  1 
ATOM   506  N NZ  . LYS A 1 81  ? 5.233   -24.156 -4.838  1.00 50.81 ? 77  LYS A NZ  1 
ATOM   507  N N   . ILE A 1 82  ? 1.588   -20.439 -2.482  1.00 33.90 ? 78  ILE A N   1 
ATOM   508  C CA  . ILE A 1 82  ? 1.070   -19.334 -3.276  1.00 33.92 ? 78  ILE A CA  1 
ATOM   509  C C   . ILE A 1 82  ? 1.629   -19.406 -4.690  1.00 35.14 ? 78  ILE A C   1 
ATOM   510  O O   . ILE A 1 82  ? 2.844   -19.395 -4.892  1.00 34.69 ? 78  ILE A O   1 
ATOM   511  C CB  . ILE A 1 82  ? 1.388   -17.983 -2.635  1.00 34.60 ? 78  ILE A CB  1 
ATOM   512  C CG1 . ILE A 1 82  ? 0.596   -17.838 -1.332  1.00 32.20 ? 78  ILE A CG1 1 
ATOM   513  C CG2 . ILE A 1 82  ? 1.065   -16.848 -3.606  1.00 34.02 ? 78  ILE A CG2 1 
ATOM   514  C CD1 . ILE A 1 82  ? 1.122   -16.783 -0.408  1.00 34.28 ? 78  ILE A CD1 1 
ATOM   515  N N   . THR A 1 83  ? 0.722   -19.472 -5.659  1.00 31.90 ? 79  THR A N   1 
ATOM   516  C CA  . THR A 1 83  ? 1.077   -19.783 -7.037  1.00 37.55 ? 79  THR A CA  1 
ATOM   517  C C   . THR A 1 83  ? 0.694   -18.699 -8.047  1.00 40.20 ? 79  THR A C   1 
ATOM   518  O O   . THR A 1 83  ? 1.053   -18.789 -9.222  1.00 35.67 ? 79  THR A O   1 
ATOM   519  C CB  . THR A 1 83  ? 0.390   -21.079 -7.471  1.00 37.39 ? 79  THR A CB  1 
ATOM   520  O OG1 . THR A 1 83  ? -1.029  -20.938 -7.304  1.00 39.11 ? 79  THR A OG1 1 
ATOM   521  C CG2 . THR A 1 83  ? 0.877   -22.238 -6.619  1.00 39.27 ? 79  THR A CG2 1 
ATOM   522  N N   . ARG A 1 84  ? -0.047  -17.686 -7.613  1.00 37.11 ? 80  ARG A N   1 
ATOM   523  C CA  . ARG A 1 84  ? -0.439  -16.629 -8.540  1.00 32.65 ? 80  ARG A CA  1 
ATOM   524  C C   . ARG A 1 84  ? 0.789   -15.856 -8.998  1.00 32.02 ? 80  ARG A C   1 
ATOM   525  O O   . ARG A 1 84  ? 1.784   -15.769 -8.280  1.00 32.17 ? 80  ARG A O   1 
ATOM   526  C CB  . ARG A 1 84  ? -1.480  -15.694 -7.911  1.00 33.60 ? 80  ARG A CB  1 
ATOM   527  C CG  . ARG A 1 84  ? -1.065  -15.101 -6.586  1.00 33.59 ? 80  ARG A CG  1 
ATOM   528  C CD  . ARG A 1 84  ? -2.010  -13.988 -6.142  1.00 32.24 ? 80  ARG A CD  1 
ATOM   529  N NE  . ARG A 1 84  ? -3.090  -14.517 -5.324  1.00 31.23 ? 80  ARG A NE  1 
ATOM   530  C CZ  . ARG A 1 84  ? -3.015  -14.662 -4.005  1.00 30.52 ? 80  ARG A CZ  1 
ATOM   531  N NH1 . ARG A 1 84  ? -1.912  -14.306 -3.360  1.00 26.70 ? 80  ARG A NH1 1 
ATOM   532  N NH2 . ARG A 1 84  ? -4.043  -15.161 -3.333  1.00 28.35 ? 80  ARG A NH2 1 
ATOM   533  N N   . THR A 1 85  ? 0.725   -15.311 -10.209 1.00 32.32 ? 81  THR A N   1 
ATOM   534  C CA  . THR A 1 85  ? 1.829   -14.540 -10.754 1.00 32.92 ? 81  THR A CA  1 
ATOM   535  C C   . THR A 1 85  ? 1.847   -13.136 -10.172 1.00 31.08 ? 81  THR A C   1 
ATOM   536  O O   . THR A 1 85  ? 0.840   -12.657 -9.655  1.00 30.58 ? 81  THR A O   1 
ATOM   537  C CB  . THR A 1 85  ? 1.724   -14.426 -12.281 1.00 33.91 ? 81  THR A CB  1 
ATOM   538  O OG1 . THR A 1 85  ? 0.609   -13.591 -12.620 1.00 34.97 ? 81  THR A OG1 1 
ATOM   539  C CG2 . THR A 1 85  ? 1.534   -15.803 -12.907 1.00 34.10 ? 81  THR A CG2 1 
ATOM   540  N N   . LYS A 1 86  ? 2.998   -12.481 -10.263 1.00 32.42 ? 82  LYS A N   1 
ATOM   541  C CA  . LYS A 1 86  ? 3.127   -11.091 -9.853  1.00 33.33 ? 82  LYS A CA  1 
ATOM   542  C C   . LYS A 1 86  ? 2.083   -10.211 -10.546 1.00 34.67 ? 82  LYS A C   1 
ATOM   543  O O   . LYS A 1 86  ? 1.561   -9.266  -9.955  1.00 30.69 ? 82  LYS A O   1 
ATOM   544  C CB  . LYS A 1 86  ? 4.539   -10.592 -10.154 1.00 36.27 ? 82  LYS A CB  1 
ATOM   545  C CG  . LYS A 1 86  ? 4.824   -9.172  -9.704  1.00 37.99 ? 82  LYS A CG  1 
ATOM   546  C CD  . LYS A 1 86  ? 6.297   -8.850  -9.892  1.00 42.99 ? 82  LYS A CD  1 
ATOM   547  C CE  . LYS A 1 86  ? 6.637   -7.423  -9.483  1.00 47.86 ? 82  LYS A CE  1 
ATOM   548  N NZ  . LYS A 1 86  ? 8.071   -7.091  -9.757  1.00 41.80 ? 82  LYS A NZ  1 
ATOM   549  N N   . GLU A 1 87  ? 1.774   -10.532 -11.798 1.00 33.86 ? 83  GLU A N   1 
ATOM   550  C CA  . GLU A 1 87  ? 0.777   -9.785  -12.551 1.00 32.91 ? 83  GLU A CA  1 
ATOM   551  C C   . GLU A 1 87  ? -0.627  -9.983  -11.977 1.00 30.78 ? 83  GLU A C   1 
ATOM   552  O O   . GLU A 1 87  ? -1.415  -9.038  -11.885 1.00 29.46 ? 83  GLU A O   1 
ATOM   553  C CB  . GLU A 1 87  ? 0.816   -10.196 -14.026 1.00 36.04 ? 83  GLU A CB  1 
ATOM   554  C CG  . GLU A 1 87  ? 2.091   -9.772  -14.762 1.00 42.90 ? 83  GLU A CG  1 
ATOM   555  C CD  . GLU A 1 87  ? 3.348   -10.520 -14.307 1.00 45.22 ? 83  GLU A CD  1 
ATOM   556  O OE1 . GLU A 1 87  ? 3.241   -11.675 -13.831 1.00 36.43 ? 83  GLU A OE1 1 
ATOM   557  O OE2 . GLU A 1 87  ? 4.454   -9.948  -14.446 1.00 51.30 ? 83  GLU A OE2 1 
ATOM   558  N N   . GLU A 1 88  ? -0.934  -11.214 -11.586 1.00 29.55 ? 84  GLU A N   1 
ATOM   559  C CA  . GLU A 1 88  ? -2.227  -11.530 -10.990 1.00 31.21 ? 84  GLU A CA  1 
ATOM   560  C C   . GLU A 1 88  ? -2.365  -10.901 -9.601  1.00 28.11 ? 84  GLU A C   1 
ATOM   561  O O   . GLU A 1 88  ? -3.444  -10.462 -9.221  1.00 28.05 ? 84  GLU A O   1 
ATOM   562  C CB  . GLU A 1 88  ? -2.430  -13.044 -10.909 1.00 32.89 ? 84  GLU A CB  1 
ATOM   563  C CG  . GLU A 1 88  ? -2.456  -13.730 -12.266 1.00 39.44 ? 84  GLU A CG  1 
ATOM   564  C CD  . GLU A 1 88  ? -2.461  -15.244 -12.154 1.00 43.19 ? 84  GLU A CD  1 
ATOM   565  O OE1 . GLU A 1 88  ? -1.851  -15.776 -11.200 1.00 39.35 ? 84  GLU A OE1 1 
ATOM   566  O OE2 . GLU A 1 88  ? -3.066  -15.901 -13.030 1.00 45.51 ? 84  GLU A OE2 1 
ATOM   567  N N   . ALA A 1 89  ? -1.262  -10.852 -8.861  1.00 25.54 ? 85  ALA A N   1 
ATOM   568  C CA  . ALA A 1 89  ? -1.240  -10.197 -7.559  1.00 28.38 ? 85  ALA A CA  1 
ATOM   569  C C   . ALA A 1 89  ? -1.541  -8.707  -7.693  1.00 26.82 ? 85  ALA A C   1 
ATOM   570  O O   . ALA A 1 89  ? -2.261  -8.132  -6.874  1.00 24.10 ? 85  ALA A O   1 
ATOM   571  C CB  . ALA A 1 89  ? 0.104   -10.408 -6.878  1.00 27.54 ? 85  ALA A CB  1 
ATOM   572  N N   . LEU A 1 90  ? -0.976  -8.086  -8.722  1.00 27.25 ? 86  LEU A N   1 
ATOM   573  C CA  . LEU A 1 90  ? -1.178  -6.658  -8.945  1.00 27.32 ? 86  LEU A CA  1 
ATOM   574  C C   . LEU A 1 90  ? -2.637  -6.363  -9.284  1.00 25.26 ? 86  LEU A C   1 
ATOM   575  O O   . LEU A 1 90  ? -3.180  -5.346  -8.856  1.00 24.24 ? 86  LEU A O   1 
ATOM   576  C CB  . LEU A 1 90  ? -0.257  -6.138  -10.051 1.00 22.80 ? 86  LEU A CB  1 
ATOM   577  C CG  . LEU A 1 90  ? -0.305  -4.626  -10.298 1.00 24.03 ? 86  LEU A CG  1 
ATOM   578  C CD1 . LEU A 1 90  ? -0.191  -3.851  -8.989  1.00 26.01 ? 86  LEU A CD1 1 
ATOM   579  C CD2 . LEU A 1 90  ? 0.795   -4.198  -11.278 1.00 25.27 ? 86  LEU A CD2 1 
ATOM   580  N N   . GLU A 1 91  ? -3.270  -7.253  -10.043 1.00 25.61 ? 87  GLU A N   1 
ATOM   581  C CA  . GLU A 1 91  ? -4.683  -7.088  -10.376 1.00 27.40 ? 87  GLU A CA  1 
ATOM   582  C C   . GLU A 1 91  ? -5.558  -7.134  -9.136  1.00 27.69 ? 87  GLU A C   1 
ATOM   583  O O   . GLU A 1 91  ? -6.511  -6.359  -9.008  1.00 26.39 ? 87  GLU A O   1 
ATOM   584  C CB  . GLU A 1 91  ? -5.143  -8.145  -11.381 1.00 29.11 ? 87  GLU A CB  1 
ATOM   585  C CG  . GLU A 1 91  ? -4.578  -7.931  -12.767 1.00 37.90 ? 87  GLU A CG  1 
ATOM   586  C CD  . GLU A 1 91  ? -4.709  -6.488  -13.210 1.00 43.54 ? 87  GLU A CD  1 
ATOM   587  O OE1 . GLU A 1 91  ? -5.822  -5.927  -13.080 1.00 48.52 ? 87  GLU A OE1 1 
ATOM   588  O OE2 . GLU A 1 91  ? -3.701  -5.912  -13.679 1.00 50.31 ? 87  GLU A OE2 1 
ATOM   589  N N   . LEU A 1 92  ? -5.243  -8.056  -8.232  1.00 25.45 ? 88  LEU A N   1 
ATOM   590  C CA  . LEU A 1 92  ? -5.948  -8.165  -6.960  1.00 25.76 ? 88  LEU A CA  1 
ATOM   591  C C   . LEU A 1 92  ? -5.775  -6.894  -6.141  1.00 22.14 ? 88  LEU A C   1 
ATOM   592  O O   . LEU A 1 92  ? -6.752  -6.330  -5.630  1.00 23.28 ? 88  LEU A O   1 
ATOM   593  C CB  . LEU A 1 92  ? -5.431  -9.372  -6.165  1.00 27.56 ? 88  LEU A CB  1 
ATOM   594  C CG  . LEU A 1 92  ? -5.814  -10.741 -6.747  1.00 30.69 ? 88  LEU A CG  1 
ATOM   595  C CD1 . LEU A 1 92  ? -5.085  -11.862 -6.022  1.00 31.24 ? 88  LEU A CD1 1 
ATOM   596  C CD2 . LEU A 1 92  ? -7.320  -10.951 -6.694  1.00 31.25 ? 88  LEU A CD2 1 
ATOM   597  N N   . ILE A 1 93  ? -4.531  -6.445  -6.018  1.00 22.43 ? 89  ILE A N   1 
ATOM   598  C CA  . ILE A 1 93  ? -4.223  -5.223  -5.286  1.00 22.59 ? 89  ILE A CA  1 
ATOM   599  C C   . ILE A 1 93  ? -5.016  -4.045  -5.857  1.00 24.44 ? 89  ILE A C   1 
ATOM   600  O O   . ILE A 1 93  ? -5.614  -3.265  -5.117  1.00 21.83 ? 89  ILE A O   1 
ATOM   601  C CB  . ILE A 1 93  ? -2.716  -4.919  -5.315  1.00 23.84 ? 89  ILE A CB  1 
ATOM   602  C CG1 . ILE A 1 93  ? -1.960  -5.830  -4.338  1.00 20.62 ? 89  ILE A CG1 1 
ATOM   603  C CG2 . ILE A 1 93  ? -2.451  -3.474  -4.946  1.00 22.65 ? 89  ILE A CG2 1 
ATOM   604  C CD1 . ILE A 1 93  ? -2.211  -5.496  -2.867  1.00 20.89 ? 89  ILE A CD1 1 
ATOM   605  N N   . ASN A 1 94  ? -5.022  -3.931  -7.181  1.00 22.72 ? 90  ASN A N   1 
ATOM   606  C CA  . ASN A 1 94  ? -5.737  -2.850  -7.850  1.00 23.07 ? 90  ASN A CA  1 
ATOM   607  C C   . ASN A 1 94  ? -7.232  -2.909  -7.556  1.00 23.36 ? 90  ASN A C   1 
ATOM   608  O O   . ASN A 1 94  ? -7.868  -1.881  -7.317  1.00 22.87 ? 90  ASN A O   1 
ATOM   609  C CB  . ASN A 1 94  ? -5.476  -2.890  -9.361  1.00 22.98 ? 90  ASN A CB  1 
ATOM   610  C CG  . ASN A 1 94  ? -4.104  -2.360  -9.734  1.00 25.68 ? 90  ASN A CG  1 
ATOM   611  O OD1 . ASN A 1 94  ? -3.470  -1.647  -8.957  1.00 29.56 ? 90  ASN A OD1 1 
ATOM   612  N ND2 . ASN A 1 94  ? -3.638  -2.702  -10.931 1.00 31.89 ? 90  ASN A ND2 1 
ATOM   613  N N   . GLY A 1 95  ? -7.782  -4.121  -7.567  1.00 23.65 ? 91  GLY A N   1 
ATOM   614  C CA  . GLY A 1 95  ? -9.173  -4.353  -7.220  1.00 22.36 ? 91  GLY A CA  1 
ATOM   615  C C   . GLY A 1 95  ? -9.527  -3.947  -5.801  1.00 25.99 ? 91  GLY A C   1 
ATOM   616  O O   . GLY A 1 95  ? -10.586 -3.368  -5.564  1.00 23.43 ? 91  GLY A O   1 
ATOM   617  N N   . TYR A 1 96  ? -8.645  -4.242  -4.851  1.00 21.98 ? 92  TYR A N   1 
ATOM   618  C CA  . TYR A 1 96  ? -8.896  -3.883  -3.460  1.00 21.78 ? 92  TYR A CA  1 
ATOM   619  C C   . TYR A 1 96  ? -8.845  -2.372  -3.302  1.00 19.95 ? 92  TYR A C   1 
ATOM   620  O O   . TYR A 1 96  ? -9.637  -1.791  -2.569  1.00 20.37 ? 92  TYR A O   1 
ATOM   621  C CB  . TYR A 1 96  ? -7.867  -4.520  -2.524  1.00 21.94 ? 92  TYR A CB  1 
ATOM   622  C CG  . TYR A 1 96  ? -7.859  -6.032  -2.517  1.00 22.69 ? 92  TYR A CG  1 
ATOM   623  C CD1 . TYR A 1 96  ? -9.039  -6.754  -2.624  1.00 22.04 ? 92  TYR A CD1 1 
ATOM   624  C CD2 . TYR A 1 96  ? -6.672  -6.734  -2.360  1.00 21.63 ? 92  TYR A CD2 1 
ATOM   625  C CE1 . TYR A 1 96  ? -9.035  -8.141  -2.601  1.00 26.57 ? 92  TYR A CE1 1 
ATOM   626  C CE2 . TYR A 1 96  ? -6.656  -8.115  -2.344  1.00 24.49 ? 92  TYR A CE2 1 
ATOM   627  C CZ  . TYR A 1 96  ? -7.834  -8.812  -2.461  1.00 25.98 ? 92  TYR A CZ  1 
ATOM   628  O OH  . TYR A 1 96  ? -7.815  -10.187 -2.441  1.00 28.73 ? 92  TYR A OH  1 
ATOM   629  N N   . ILE A 1 97  ? -7.896  -1.739  -3.981  1.00 18.10 ? 93  ILE A N   1 
ATOM   630  C CA  . ILE A 1 97  ? -7.783  -0.288  -3.927  1.00 20.36 ? 93  ILE A CA  1 
ATOM   631  C C   . ILE A 1 97  ? -9.066  0.358   -4.455  1.00 21.16 ? 93  ILE A C   1 
ATOM   632  O O   . ILE A 1 97  ? -9.558  1.326   -3.881  1.00 18.93 ? 93  ILE A O   1 
ATOM   633  C CB  . ILE A 1 97  ? -6.557  0.219   -4.711  1.00 22.06 ? 93  ILE A CB  1 
ATOM   634  C CG1 . ILE A 1 97  ? -5.272  -0.123  -3.951  1.00 19.72 ? 93  ILE A CG1 1 
ATOM   635  C CG2 . ILE A 1 97  ? -6.636  1.721   -4.929  1.00 22.15 ? 93  ILE A CG2 1 
ATOM   636  C CD1 . ILE A 1 97  ? -4.016  0.225   -4.708  1.00 22.99 ? 93  ILE A CD1 1 
ATOM   637  N N   . GLN A 1 98  ? -9.606  -0.186  -5.542  1.00 19.65 ? 94  GLN A N   1 
ATOM   638  C CA  . GLN A 1 98  ? -10.855 0.322   -6.107  1.00 23.62 ? 94  GLN A CA  1 
ATOM   639  C C   . GLN A 1 98  ? -11.999 0.203   -5.109  1.00 24.26 ? 94  GLN A C   1 
ATOM   640  O O   . GLN A 1 98  ? -12.781 1.136   -4.940  1.00 22.95 ? 94  GLN A O   1 
ATOM   641  C CB  . GLN A 1 98  ? -11.205 -0.400  -7.411  1.00 23.22 ? 94  GLN A CB  1 
ATOM   642  C CG  . GLN A 1 98  ? -10.403 0.070   -8.605  1.00 27.71 ? 94  GLN A CG  1 
ATOM   643  C CD  . GLN A 1 98  ? -10.845 -0.591  -9.903  1.00 37.54 ? 94  GLN A CD  1 
ATOM   644  O OE1 . GLN A 1 98  ? -11.160 -1.783  -9.931  1.00 39.67 ? 94  GLN A OE1 1 
ATOM   645  N NE2 . GLN A 1 98  ? -10.869 0.183   -10.983 1.00 37.66 ? 94  GLN A NE2 1 
ATOM   646  N N   . LYS A 1 99  ? -12.079 -0.944  -4.441  1.00 20.06 ? 95  LYS A N   1 
ATOM   647  C CA  . LYS A 1 99  ? -13.108 -1.193  -3.443  1.00 26.44 ? 95  LYS A CA  1 
ATOM   648  C C   . LYS A 1 99  ? -12.990 -0.232  -2.262  1.00 22.55 ? 95  LYS A C   1 
ATOM   649  O O   . LYS A 1 99  ? -13.994 0.236   -1.718  1.00 23.92 ? 95  LYS A O   1 
ATOM   650  C CB  . LYS A 1 99  ? -12.998 -2.638  -2.948  1.00 28.31 ? 95  LYS A CB  1 
ATOM   651  C CG  . LYS A 1 99  ? -14.326 -3.307  -2.703  1.00 42.09 ? 95  LYS A CG  1 
ATOM   652  C CD  . LYS A 1 99  ? -15.096 -3.439  -4.003  1.00 39.37 ? 95  LYS A CD  1 
ATOM   653  C CE  . LYS A 1 99  ? -14.415 -4.417  -4.943  1.00 46.18 ? 95  LYS A CE  1 
ATOM   654  N NZ  . LYS A 1 99  ? -14.476 -5.820  -4.437  1.00 50.76 ? 95  LYS A NZ  1 
ATOM   655  N N   . ILE A 1 100 ? -11.757 0.051   -1.856  1.00 20.90 ? 96  ILE A N   1 
ATOM   656  C CA  . ILE A 1 100 ? -11.506 0.940   -0.730  1.00 21.62 ? 96  ILE A CA  1 
ATOM   657  C C   . ILE A 1 100 ? -11.856 2.378   -1.104  1.00 19.93 ? 96  ILE A C   1 
ATOM   658  O O   . ILE A 1 100 ? -12.584 3.054   -0.379  1.00 20.89 ? 96  ILE A O   1 
ATOM   659  C CB  . ILE A 1 100 ? -10.037 0.845   -0.257  1.00 18.42 ? 96  ILE A CB  1 
ATOM   660  C CG1 . ILE A 1 100 ? -9.767  -0.516  0.395   1.00 18.40 ? 96  ILE A CG1 1 
ATOM   661  C CG2 . ILE A 1 100 ? -9.693  1.962   0.711   1.00 20.75 ? 96  ILE A CG2 1 
ATOM   662  C CD1 . ILE A 1 100 ? -8.285  -0.850  0.466   1.00 21.89 ? 96  ILE A CD1 1 
ATOM   663  N N   . LYS A 1 101 ? -11.370 2.828   -2.256  1.00 18.47 ? 97  LYS A N   1 
ATOM   664  C CA  . LYS A 1 101 ? -11.626 4.196   -2.703  1.00 20.59 ? 97  LYS A CA  1 
ATOM   665  C C   . LYS A 1 101 ? -13.107 4.494   -2.956  1.00 20.69 ? 97  LYS A C   1 
ATOM   666  O O   . LYS A 1 101 ? -13.551 5.618   -2.756  1.00 24.00 ? 97  LYS A O   1 
ATOM   667  C CB  . LYS A 1 101 ? -10.811 4.522   -3.950  1.00 20.21 ? 97  LYS A CB  1 
ATOM   668  C CG  . LYS A 1 101 ? -9.355  4.806   -3.654  1.00 21.83 ? 97  LYS A CG  1 
ATOM   669  C CD  . LYS A 1 101 ? -8.729  5.575   -4.794  1.00 23.15 ? 97  LYS A CD  1 
ATOM   670  C CE  . LYS A 1 101 ? -7.322  5.998   -4.449  1.00 25.10 ? 97  LYS A CE  1 
ATOM   671  N NZ  . LYS A 1 101 ? -6.687  6.775   -5.552  1.00 22.57 ? 97  LYS A NZ  1 
ATOM   672  N N   . SER A 1 102 ? -13.859 3.496   -3.398  1.00 22.97 ? 98  SER A N   1 
ATOM   673  C CA  . SER A 1 102 ? -15.284 3.688   -3.667  1.00 23.48 ? 98  SER A CA  1 
ATOM   674  C C   . SER A 1 102 ? -16.122 3.582   -2.395  1.00 24.14 ? 98  SER A C   1 
ATOM   675  O O   . SER A 1 102 ? -17.310 3.903   -2.397  1.00 25.37 ? 98  SER A O   1 
ATOM   676  C CB  . SER A 1 102 ? -15.766 2.660   -4.682  1.00 26.12 ? 98  SER A CB  1 
ATOM   677  O OG  . SER A 1 102 ? -15.786 1.366   -4.113  1.00 27.29 ? 98  SER A OG  1 
ATOM   678  N N   . GLY A 1 103 ? -15.506 3.123   -1.311  1.00 23.50 ? 99  GLY A N   1 
ATOM   679  C CA  . GLY A 1 103 ? -16.204 2.966   -0.045  1.00 24.47 ? 99  GLY A CA  1 
ATOM   680  C C   . GLY A 1 103 ? -16.995 1.677   0.026   1.00 27.78 ? 99  GLY A C   1 
ATOM   681  O O   . GLY A 1 103 ? -17.663 1.404   1.027   1.00 28.24 ? 99  GLY A O   1 
ATOM   682  N N   . GLU A 1 104 ? -16.911 0.876   -1.032  1.00 24.39 ? 100 GLU A N   1 
ATOM   683  C CA  . GLU A 1 104 ? -17.623 -0.395  -1.102  1.00 31.08 ? 100 GLU A CA  1 
ATOM   684  C C   . GLU A 1 104 ? -17.167 -1.349  0.005   1.00 31.89 ? 100 GLU A C   1 
ATOM   685  O O   . GLU A 1 104 ? -17.972 -2.087  0.573   1.00 33.52 ? 100 GLU A O   1 
ATOM   686  C CB  . GLU A 1 104 ? -17.449 -1.031  -2.488  1.00 31.05 ? 100 GLU A CB  1 
ATOM   687  C CG  . GLU A 1 104 ? -18.161 -0.260  -3.606  1.00 38.83 ? 100 GLU A CG  1 
ATOM   688  C CD  . GLU A 1 104 ? -17.960 -0.857  -4.999  1.00 46.15 ? 100 GLU A CD  1 
ATOM   689  O OE1 . GLU A 1 104 ? -16.835 -0.776  -5.549  1.00 42.37 ? 100 GLU A OE1 1 
ATOM   690  O OE2 . GLU A 1 104 ? -18.945 -1.387  -5.558  1.00 53.73 ? 100 GLU A OE2 1 
ATOM   691  N N   . GLU A 1 105 ? -15.874 -1.316  0.311   1.00 27.49 ? 101 GLU A N   1 
ATOM   692  C CA  . GLU A 1 105 ? -15.301 -2.099  1.399   1.00 31.94 ? 101 GLU A CA  1 
ATOM   693  C C   . GLU A 1 105 ? -14.262 -1.248  2.105   1.00 30.78 ? 101 GLU A C   1 
ATOM   694  O O   . GLU A 1 105 ? -13.626 -0.397  1.489   1.00 32.99 ? 101 GLU A O   1 
ATOM   695  C CB  . GLU A 1 105 ? -14.640 -3.369  0.864   1.00 35.61 ? 101 GLU A CB  1 
ATOM   696  C CG  . GLU A 1 105 ? -15.567 -4.563  0.730   1.00 41.39 ? 101 GLU A CG  1 
ATOM   697  C CD  . GLU A 1 105 ? -15.502 -5.487  1.929   1.00 42.21 ? 101 GLU A CD  1 
ATOM   698  O OE1 . GLU A 1 105 ? -15.535 -4.984  3.072   1.00 50.02 ? 101 GLU A OE1 1 
ATOM   699  O OE2 . GLU A 1 105 ? -15.415 -6.719  1.730   1.00 46.57 ? 101 GLU A OE2 1 
ATOM   700  N N   . ASP A 1 106 ? -14.090 -1.467  3.399   1.00 26.75 ? 102 ASP A N   1 
ATOM   701  C CA  . ASP A 1 106 ? -13.091 -0.712  4.135   1.00 28.21 ? 102 ASP A CA  1 
ATOM   702  C C   . ASP A 1 106 ? -11.762 -1.462  4.154   1.00 25.57 ? 102 ASP A C   1 
ATOM   703  O O   . ASP A 1 106 ? -11.722 -2.692  4.034   1.00 24.38 ? 102 ASP A O   1 
ATOM   704  C CB  . ASP A 1 106 ? -13.566 -0.442  5.551   1.00 34.23 ? 102 ASP A CB  1 
ATOM   705  C CG  . ASP A 1 106 ? -13.569 -1.681  6.402   1.00 37.28 ? 102 ASP A CG  1 
ATOM   706  O OD1 . ASP A 1 106 ? -14.513 -2.491  6.270   1.00 44.84 ? 102 ASP A OD1 1 
ATOM   707  O OD2 . ASP A 1 106 ? -12.637 -1.839  7.219   1.00 43.52 ? 102 ASP A OD2 1 
ATOM   708  N N   . PHE A 1 107 ? -10.682 -0.711  4.308   1.00 22.24 ? 103 PHE A N   1 
ATOM   709  C CA  . PHE A 1 107 ? -9.341  -1.281  4.303   1.00 23.32 ? 103 PHE A CA  1 
ATOM   710  C C   . PHE A 1 107 ? -9.225  -2.426  5.311   1.00 23.84 ? 103 PHE A C   1 
ATOM   711  O O   . PHE A 1 107 ? -8.787  -3.526  4.975   1.00 20.58 ? 103 PHE A O   1 
ATOM   712  C CB  . PHE A 1 107 ? -8.306  -0.202  4.618   1.00 24.37 ? 103 PHE A CB  1 
ATOM   713  C CG  . PHE A 1 107 ? -6.924  -0.740  4.835   1.00 25.94 ? 103 PHE A CG  1 
ATOM   714  C CD1 . PHE A 1 107 ? -6.529  -1.177  6.094   1.00 28.06 ? 103 PHE A CD1 1 
ATOM   715  C CD2 . PHE A 1 107 ? -6.028  -0.833  3.780   1.00 29.14 ? 103 PHE A CD2 1 
ATOM   716  C CE1 . PHE A 1 107 ? -5.263  -1.683  6.296   1.00 28.91 ? 103 PHE A CE1 1 
ATOM   717  C CE2 . PHE A 1 107 ? -4.759  -1.334  3.974   1.00 26.40 ? 103 PHE A CE2 1 
ATOM   718  C CZ  . PHE A 1 107 ? -4.378  -1.764  5.239   1.00 24.16 ? 103 PHE A CZ  1 
ATOM   719  N N   . GLU A 1 108 ? -9.627  -2.157  6.547   1.00 25.73 ? 104 GLU A N   1 
ATOM   720  C CA  . GLU A 1 108 ? -9.505  -3.127  7.637   1.00 25.74 ? 104 GLU A CA  1 
ATOM   721  C C   . GLU A 1 108 ? -10.176 -4.465  7.332   1.00 24.29 ? 104 GLU A C   1 
ATOM   722  O O   . GLU A 1 108 ? -9.651  -5.525  7.678   1.00 22.98 ? 104 GLU A O   1 
ATOM   723  C CB  . GLU A 1 108 ? -10.084 -2.544  8.933   1.00 25.23 ? 104 GLU A CB  1 
ATOM   724  C CG  . GLU A 1 108 ? -9.309  -1.360  9.494   1.00 26.93 ? 104 GLU A CG  1 
ATOM   725  C CD  . GLU A 1 108 ? -9.803  -0.018  8.979   1.00 29.03 ? 104 GLU A CD  1 
ATOM   726  O OE1 . GLU A 1 108 ? -10.499 0.021   7.938   1.00 27.16 ? 104 GLU A OE1 1 
ATOM   727  O OE2 . GLU A 1 108 ? -9.494  1.003   9.629   1.00 32.09 ? 104 GLU A OE2 1 
ATOM   728  N N   . SER A 1 109 ? -11.345 -4.407  6.702   1.00 24.84 ? 105 SER A N   1 
ATOM   729  C CA  . SER A 1 109 ? -12.108 -5.603  6.364   1.00 27.86 ? 105 SER A CA  1 
ATOM   730  C C   . SER A 1 109 ? -11.388 -6.418  5.298   1.00 24.58 ? 105 SER A C   1 
ATOM   731  O O   . SER A 1 109 ? -11.314 -7.646  5.385   1.00 22.79 ? 105 SER A O   1 
ATOM   732  C CB  . SER A 1 109 ? -13.507 -5.223  5.874   1.00 32.71 ? 105 SER A CB  1 
ATOM   733  O OG  . SER A 1 109 ? -14.212 -6.356  5.390   1.00 36.67 ? 105 SER A OG  1 
ATOM   734  N N   . LEU A 1 110 ? -10.854 -5.735  4.294   1.00 22.57 ? 106 LEU A N   1 
ATOM   735  C CA  . LEU A 1 110 ? -10.111 -6.418  3.239   1.00 22.17 ? 106 LEU A CA  1 
ATOM   736  C C   . LEU A 1 110 ? -8.805  -7.002  3.772   1.00 17.62 ? 106 LEU A C   1 
ATOM   737  O O   . LEU A 1 110 ? -8.412  -8.099  3.385   1.00 22.35 ? 106 LEU A O   1 
ATOM   738  C CB  . LEU A 1 110 ? -9.847  -5.476  2.061   1.00 20.28 ? 106 LEU A CB  1 
ATOM   739  C CG  . LEU A 1 110 ? -11.096 -4.967  1.332   1.00 22.14 ? 106 LEU A CG  1 
ATOM   740  C CD1 . LEU A 1 110 ? -10.726 -4.004  0.209   1.00 21.79 ? 106 LEU A CD1 1 
ATOM   741  C CD2 . LEU A 1 110 ? -11.913 -6.127  0.792   1.00 23.07 ? 106 LEU A CD2 1 
ATOM   742  N N   . ALA A 1 111 ? -8.128  -6.270  4.650   1.00 20.07 ? 107 ALA A N   1 
ATOM   743  C CA  . ALA A 1 111 ? -6.873  -6.756  5.210   1.00 21.39 ? 107 ALA A CA  1 
ATOM   744  C C   . ALA A 1 111 ? -7.100  -8.034  6.011   1.00 23.33 ? 107 ALA A C   1 
ATOM   745  O O   . ALA A 1 111 ? -6.346  -9.002  5.877   1.00 19.33 ? 107 ALA A O   1 
ATOM   746  C CB  . ALA A 1 111 ? -6.201  -5.691  6.060   1.00 19.37 ? 107 ALA A CB  1 
ATOM   747  N N   . SER A 1 112 ? -8.148  -8.044  6.831   1.00 21.20 ? 108 SER A N   1 
ATOM   748  C CA  . SER A 1 112 ? -8.470  -9.228  7.623   1.00 21.93 ? 108 SER A CA  1 
ATOM   749  C C   . SER A 1 112 ? -8.760  -10.435 6.744   1.00 25.03 ? 108 SER A C   1 
ATOM   750  O O   . SER A 1 112 ? -8.371  -11.555 7.068   1.00 24.99 ? 108 SER A O   1 
ATOM   751  C CB  . SER A 1 112 ? -9.675  -8.962  8.536   1.00 22.22 ? 108 SER A CB  1 
ATOM   752  O OG  . SER A 1 112 ? -9.404  -7.885  9.423   1.00 27.95 ? 108 SER A OG  1 
ATOM   753  N N   . GLN A 1 113 ? -9.448  -10.214 5.629   1.00 21.97 ? 109 GLN A N   1 
ATOM   754  C CA  . GLN A 1 113 ? -9.861  -11.329 4.788   1.00 25.92 ? 109 GLN A CA  1 
ATOM   755  C C   . GLN A 1 113 ? -8.773  -11.792 3.831   1.00 25.06 ? 109 GLN A C   1 
ATOM   756  O O   . GLN A 1 113 ? -8.647  -12.984 3.570   1.00 29.23 ? 109 GLN A O   1 
ATOM   757  C CB  . GLN A 1 113 ? -11.107 -10.964 3.985   1.00 29.22 ? 109 GLN A CB  1 
ATOM   758  C CG  . GLN A 1 113 ? -12.346 -10.749 4.823   1.00 31.01 ? 109 GLN A CG  1 
ATOM   759  C CD  . GLN A 1 113 ? -13.497 -10.192 4.009   1.00 34.03 ? 109 GLN A CD  1 
ATOM   760  O OE1 . GLN A 1 113 ? -13.855 -9.020  4.138   1.00 37.32 ? 109 GLN A OE1 1 
ATOM   761  N NE2 . GLN A 1 113 ? -14.080 -11.029 3.164   1.00 29.98 ? 109 GLN A NE2 1 
ATOM   762  N N   . PHE A 1 114 ? -7.981  -10.856 3.317   1.00 23.05 ? 110 PHE A N   1 
ATOM   763  C CA  . PHE A 1 114 ? -7.187  -11.148 2.126   1.00 24.61 ? 110 PHE A CA  1 
ATOM   764  C C   . PHE A 1 114 ? -5.676  -10.946 2.214   1.00 25.25 ? 110 PHE A C   1 
ATOM   765  O O   . PHE A 1 114 ? -4.945  -11.341 1.302   1.00 27.62 ? 110 PHE A O   1 
ATOM   766  C CB  . PHE A 1 114 ? -7.757  -10.382 0.924   1.00 23.70 ? 110 PHE A CB  1 
ATOM   767  C CG  . PHE A 1 114 ? -9.218  -10.652 0.678   1.00 26.47 ? 110 PHE A CG  1 
ATOM   768  C CD1 . PHE A 1 114 ? -9.660  -11.932 0.392   1.00 28.10 ? 110 PHE A CD1 1 
ATOM   769  C CD2 . PHE A 1 114 ? -10.150 -9.623  0.730   1.00 27.69 ? 110 PHE A CD2 1 
ATOM   770  C CE1 . PHE A 1 114 ? -11.007 -12.188 0.172   1.00 32.62 ? 110 PHE A CE1 1 
ATOM   771  C CE2 . PHE A 1 114 ? -11.497 -9.870  0.504   1.00 27.04 ? 110 PHE A CE2 1 
ATOM   772  C CZ  . PHE A 1 114 ? -11.926 -11.155 0.224   1.00 28.08 ? 110 PHE A CZ  1 
ATOM   773  N N   . SER A 1 115 ? -5.189  -10.336 3.284   1.00 22.80 ? 111 SER A N   1 
ATOM   774  C CA  . SER A 1 115 ? -3.754  -10.115 3.404   1.00 22.19 ? 111 SER A CA  1 
ATOM   775  C C   . SER A 1 115 ? -3.006  -11.419 3.691   1.00 27.10 ? 111 SER A C   1 
ATOM   776  O O   . SER A 1 115 ? -3.413  -12.202 4.552   1.00 23.96 ? 111 SER A O   1 
ATOM   777  C CB  . SER A 1 115 ? -3.442  -9.072  4.470   1.00 19.19 ? 111 SER A CB  1 
ATOM   778  O OG  . SER A 1 115 ? -2.051  -8.810  4.531   1.00 21.56 ? 111 SER A OG  1 
ATOM   779  N N   . ASP A 1 116 ? -1.915  -11.632 2.954   1.00 25.00 ? 112 ASP A N   1 
ATOM   780  C CA  . ASP A 1 116 ? -1.076  -12.826 3.082   1.00 24.91 ? 112 ASP A CA  1 
ATOM   781  C C   . ASP A 1 116 ? -0.027  -12.624 4.169   1.00 28.30 ? 112 ASP A C   1 
ATOM   782  O O   . ASP A 1 116 ? 1.115   -13.076 4.049   1.00 31.44 ? 112 ASP A O   1 
ATOM   783  C CB  . ASP A 1 116 ? -0.382  -13.142 1.749   1.00 22.84 ? 112 ASP A CB  1 
ATOM   784  C CG  . ASP A 1 116 ? -1.302  -13.842 0.758   1.00 25.20 ? 112 ASP A CG  1 
ATOM   785  O OD1 . ASP A 1 116 ? -1.970  -14.814 1.145   1.00 25.49 ? 112 ASP A OD1 1 
ATOM   786  O OD2 . ASP A 1 116 ? -1.339  -13.439 -0.426  1.00 26.11 ? 112 ASP A OD2 1 
ATOM   787  N N   . CYS A 1 117 ? -0.419  -11.923 5.222   1.00 27.83 ? 113 CYS A N   1 
ATOM   788  C CA  . CYS A 1 117 ? 0.465   -11.658 6.339   1.00 26.59 ? 113 CYS A CA  1 
ATOM   789  C C   . CYS A 1 117 ? -0.289  -11.987 7.621   1.00 28.61 ? 113 CYS A C   1 
ATOM   790  O O   . CYS A 1 117 ? -1.523  -11.927 7.655   1.00 27.44 ? 113 CYS A O   1 
ATOM   791  C CB  . CYS A 1 117 ? 0.889   -10.192 6.326   1.00 25.69 ? 113 CYS A CB  1 
ATOM   792  S SG  . CYS A 1 117 ? 2.163   -9.747  7.522   1.00 37.01 ? 113 CYS A SG  1 
ATOM   793  N N   . SER A 1 118 ? 0.448   -12.348 8.666   1.00 28.90 ? 114 SER A N   1 
ATOM   794  C CA  . SER A 1 118 ? -0.161  -12.683 9.952   1.00 29.16 ? 114 SER A CA  1 
ATOM   795  C C   . SER A 1 118 ? -0.824  -11.466 10.585  1.00 27.48 ? 114 SER A C   1 
ATOM   796  O O   . SER A 1 118 ? -1.711  -11.603 11.440  1.00 25.40 ? 114 SER A O   1 
ATOM   797  C CB  . SER A 1 118 ? 0.875   -13.277 10.913  1.00 35.68 ? 114 SER A CB  1 
ATOM   798  O OG  . SER A 1 118 ? 2.018   -12.439 11.019  1.00 40.84 ? 114 SER A OG  1 
ATOM   799  N N   . SER A 1 119 ? -0.395  -10.281 10.159  1.00 24.40 ? 115 SER A N   1 
ATOM   800  C CA  . SER A 1 119 ? -0.966  -9.035  10.656  1.00 24.71 ? 115 SER A CA  1 
ATOM   801  C C   . SER A 1 119 ? -2.416  -8.862  10.216  1.00 23.17 ? 115 SER A C   1 
ATOM   802  O O   . SER A 1 119 ? -3.110  -7.960  10.695  1.00 24.07 ? 115 SER A O   1 
ATOM   803  C CB  . SER A 1 119 ? -0.125  -7.831  10.226  1.00 26.91 ? 115 SER A CB  1 
ATOM   804  O OG  . SER A 1 119 ? -0.061  -7.730  8.813   1.00 25.52 ? 115 SER A OG  1 
ATOM   805  N N   . ALA A 1 120 ? -2.872  -9.732  9.319   1.00 20.97 ? 116 ALA A N   1 
ATOM   806  C CA  . ALA A 1 120 ? -4.276  -9.776  8.929   1.00 20.38 ? 116 ALA A CA  1 
ATOM   807  C C   . ALA A 1 120 ? -5.186  -9.949  10.148  1.00 24.08 ? 116 ALA A C   1 
ATOM   808  O O   . ALA A 1 120 ? -6.269  -9.372  10.208  1.00 18.81 ? 116 ALA A O   1 
ATOM   809  C CB  . ALA A 1 120 ? -4.517  -10.911 7.937   1.00 23.76 ? 116 ALA A CB  1 
ATOM   810  N N   . LYS A 1 121 ? -4.745  -10.752 11.113  1.00 21.16 ? 117 LYS A N   1 
ATOM   811  C CA  . LYS A 1 121 ? -5.532  -11.006 12.321  1.00 21.69 ? 117 LYS A CA  1 
ATOM   812  C C   . LYS A 1 121 ? -5.716  -9.746  13.173  1.00 19.81 ? 117 LYS A C   1 
ATOM   813  O O   . LYS A 1 121 ? -6.566  -9.720  14.066  1.00 20.70 ? 117 LYS A O   1 
ATOM   814  C CB  . LYS A 1 121 ? -4.886  -12.109 13.174  1.00 22.13 ? 117 LYS A CB  1 
ATOM   815  C CG  . LYS A 1 121 ? -4.481  -13.348 12.413  1.00 30.02 ? 117 LYS A CG  1 
ATOM   816  C CD  . LYS A 1 121 ? -5.658  -13.969 11.687  1.00 33.57 ? 117 LYS A CD  1 
ATOM   817  C CE  . LYS A 1 121 ? -5.188  -14.677 10.415  1.00 34.47 ? 117 LYS A CE  1 
ATOM   818  N NZ  . LYS A 1 121 ? -6.324  -15.281 9.677   1.00 37.10 ? 117 LYS A NZ  1 
ATOM   819  N N   . ALA A 1 122 ? -4.900  -8.725  12.907  1.00 18.81 ? 118 ALA A N   1 
ATOM   820  C CA  . ALA A 1 122 ? -5.020  -7.428  13.562  1.00 21.74 ? 118 ALA A CA  1 
ATOM   821  C C   . ALA A 1 122 ? -5.475  -6.322  12.602  1.00 20.99 ? 118 ALA A C   1 
ATOM   822  O O   . ALA A 1 122 ? -5.071  -5.166  12.747  1.00 19.61 ? 118 ALA A O   1 
ATOM   823  C CB  . ALA A 1 122 ? -3.701  -7.042  14.215  1.00 22.70 ? 118 ALA A CB  1 
ATOM   824  N N   . ARG A 1 123 ? -6.307  -6.684  11.630  1.00 19.12 ? 119 ARG A N   1 
ATOM   825  C CA  . ARG A 1 123 ? -6.810  -5.746  10.624  1.00 24.74 ? 119 ARG A CA  1 
ATOM   826  C C   . ARG A 1 123 ? -5.662  -5.050  9.890   1.00 22.97 ? 119 ARG A C   1 
ATOM   827  O O   . ARG A 1 123 ? -5.797  -3.909  9.440   1.00 21.59 ? 119 ARG A O   1 
ATOM   828  C CB  . ARG A 1 123 ? -7.747  -4.701  11.245  1.00 22.69 ? 119 ARG A CB  1 
ATOM   829  C CG  . ARG A 1 123 ? -9.119  -5.223  11.696  1.00 27.37 ? 119 ARG A CG  1 
ATOM   830  C CD  . ARG A 1 123 ? -9.687  -4.364  12.824  1.00 29.03 ? 119 ARG A CD  1 
ATOM   831  N NE  . ARG A 1 123 ? -8.719  -4.352  13.915  1.00 41.07 ? 119 ARG A NE  1 
ATOM   832  C CZ  . ARG A 1 123 ? -8.560  -5.352  14.782  1.00 29.61 ? 119 ARG A CZ  1 
ATOM   833  N NH1 . ARG A 1 123 ? -9.328  -6.441  14.708  1.00 35.61 ? 119 ARG A NH1 1 
ATOM   834  N NH2 . ARG A 1 123 ? -7.630  -5.271  15.720  1.00 26.76 ? 119 ARG A NH2 1 
ATOM   835  N N   . GLY A 1 124 ? -4.523  -5.736  9.787   1.00 21.51 ? 120 GLY A N   1 
ATOM   836  C CA  . GLY A 1 124 ? -3.399  -5.241  9.008   1.00 22.29 ? 120 GLY A CA  1 
ATOM   837  C C   . GLY A 1 124 ? -2.410  -4.411  9.799   1.00 22.28 ? 120 GLY A C   1 
ATOM   838  O O   . GLY A 1 124 ? -1.371  -4.021  9.279   1.00 21.01 ? 120 GLY A O   1 
ATOM   839  N N   . ASP A 1 125 ? -2.714  -4.162  11.070  1.00 18.78 ? 121 ASP A N   1 
ATOM   840  C CA  . ASP A 1 125 ? -1.873  -3.306  11.908  1.00 21.30 ? 121 ASP A CA  1 
ATOM   841  C C   . ASP A 1 125 ? -0.491  -3.910  12.146  1.00 24.94 ? 121 ASP A C   1 
ATOM   842  O O   . ASP A 1 125 ? -0.375  -5.060  12.565  1.00 26.92 ? 121 ASP A O   1 
ATOM   843  C CB  . ASP A 1 125 ? -2.550  -3.040  13.263  1.00 22.27 ? 121 ASP A CB  1 
ATOM   844  C CG  . ASP A 1 125 ? -1.743  -2.103  14.145  1.00 27.16 ? 121 ASP A CG  1 
ATOM   845  O OD1 . ASP A 1 125 ? -1.134  -1.151  13.614  1.00 25.71 ? 121 ASP A OD1 1 
ATOM   846  O OD2 . ASP A 1 125 ? -1.727  -2.305  15.380  1.00 31.32 ? 121 ASP A OD2 1 
ATOM   847  N N   . LEU A 1 126 ? 0.546   -3.123  11.876  1.00 23.68 ? 122 LEU A N   1 
ATOM   848  C CA  . LEU A 1 126 ? 1.926   -3.521  12.131  1.00 26.95 ? 122 LEU A CA  1 
ATOM   849  C C   . LEU A 1 126 ? 2.480   -2.859  13.382  1.00 29.00 ? 122 LEU A C   1 
ATOM   850  O O   . LEU A 1 126 ? 3.584   -3.174  13.817  1.00 30.61 ? 122 LEU A O   1 
ATOM   851  C CB  . LEU A 1 126 ? 2.814   -3.130  10.949  1.00 26.88 ? 122 LEU A CB  1 
ATOM   852  C CG  . LEU A 1 126 ? 2.501   -3.827  9.632   1.00 23.27 ? 122 LEU A CG  1 
ATOM   853  C CD1 . LEU A 1 126 ? 3.309   -3.184  8.515   1.00 24.55 ? 122 LEU A CD1 1 
ATOM   854  C CD2 . LEU A 1 126 ? 2.781   -5.320  9.729   1.00 27.06 ? 122 LEU A CD2 1 
ATOM   855  N N   . GLY A 1 127 ? 1.723   -1.927  13.949  1.00 29.90 ? 123 GLY A N   1 
ATOM   856  C CA  . GLY A 1 127 ? 2.204   -1.147  15.073  1.00 28.62 ? 123 GLY A CA  1 
ATOM   857  C C   . GLY A 1 127 ? 3.136   -0.049  14.613  1.00 32.68 ? 123 GLY A C   1 
ATOM   858  O O   . GLY A 1 127 ? 3.247   0.221   13.409  1.00 32.79 ? 123 GLY A O   1 
ATOM   859  N N   . ALA A 1 128 ? 3.816   0.588   15.562  1.00 29.47 ? 124 ALA A N   1 
ATOM   860  C CA  . ALA A 1 128 ? 4.709   1.694   15.241  1.00 31.47 ? 124 ALA A CA  1 
ATOM   861  C C   . ALA A 1 128 ? 6.112   1.195   14.922  1.00 35.64 ? 124 ALA A C   1 
ATOM   862  O O   . ALA A 1 128 ? 6.557   0.183   15.462  1.00 36.00 ? 124 ALA A O   1 
ATOM   863  C CB  . ALA A 1 128 ? 4.747   2.709   16.386  1.00 34.52 ? 124 ALA A CB  1 
ATOM   864  N N   . PHE A 1 129 ? 6.797   1.903   14.029  1.00 29.96 ? 125 PHE A N   1 
ATOM   865  C CA  . PHE A 1 129 ? 8.166   1.558   13.660  1.00 35.46 ? 125 PHE A CA  1 
ATOM   866  C C   . PHE A 1 129 ? 8.954   2.792   13.232  1.00 33.86 ? 125 PHE A C   1 
ATOM   867  O O   . PHE A 1 129 ? 8.385   3.841   12.931  1.00 33.38 ? 125 PHE A O   1 
ATOM   868  C CB  . PHE A 1 129 ? 8.192   0.476   12.570  1.00 34.88 ? 125 PHE A CB  1 
ATOM   869  C CG  . PHE A 1 129 ? 7.427   0.842   11.321  1.00 33.36 ? 125 PHE A CG  1 
ATOM   870  C CD1 . PHE A 1 129 ? 6.069   0.580   11.223  1.00 34.29 ? 125 PHE A CD1 1 
ATOM   871  C CD2 . PHE A 1 129 ? 8.071   1.436   10.245  1.00 36.24 ? 125 PHE A CD2 1 
ATOM   872  C CE1 . PHE A 1 129 ? 5.363   0.911   10.078  1.00 34.20 ? 125 PHE A CE1 1 
ATOM   873  C CE2 . PHE A 1 129 ? 7.372   1.771   9.093   1.00 32.72 ? 125 PHE A CE2 1 
ATOM   874  C CZ  . PHE A 1 129 ? 6.016   1.510   9.011   1.00 33.55 ? 125 PHE A CZ  1 
ATOM   875  N N   . SER A 1 130 ? 10.274  2.673   13.236  1.00 34.12 ? 126 SER A N   1 
ATOM   876  C CA  . SER A 1 130 ? 11.126  3.779   12.837  1.00 38.40 ? 126 SER A CA  1 
ATOM   877  C C   . SER A 1 130 ? 11.864  3.385   11.571  1.00 36.76 ? 126 SER A C   1 
ATOM   878  O O   . SER A 1 130 ? 11.826  2.224   11.156  1.00 38.27 ? 126 SER A O   1 
ATOM   879  C CB  . SER A 1 130 ? 12.120  4.127   13.948  1.00 41.13 ? 126 SER A CB  1 
ATOM   880  O OG  . SER A 1 130 ? 13.053  3.076   14.123  1.00 42.53 ? 126 SER A OG  1 
ATOM   881  N N   . ARG A 1 131 ? 12.534  4.348   10.952  1.00 37.35 ? 127 ARG A N   1 
ATOM   882  C CA  . ARG A 1 131 ? 13.333  4.040   9.779   1.00 37.38 ? 127 ARG A CA  1 
ATOM   883  C C   . ARG A 1 131 ? 14.375  3.000   10.162  1.00 43.80 ? 127 ARG A C   1 
ATOM   884  O O   . ARG A 1 131 ? 14.815  2.953   11.312  1.00 45.01 ? 127 ARG A O   1 
ATOM   885  C CB  . ARG A 1 131 ? 13.997  5.299   9.224   1.00 36.43 ? 127 ARG A CB  1 
ATOM   886  C CG  . ARG A 1 131 ? 13.056  6.211   8.452   1.00 36.33 ? 127 ARG A CG  1 
ATOM   887  C CD  . ARG A 1 131 ? 13.826  6.983   7.403   1.00 34.97 ? 127 ARG A CD  1 
ATOM   888  N NE  . ARG A 1 131 ? 12.984  7.870   6.608   1.00 39.56 ? 127 ARG A NE  1 
ATOM   889  C CZ  . ARG A 1 131 ? 12.456  7.549   5.431   1.00 33.79 ? 127 ARG A CZ  1 
ATOM   890  N NH1 . ARG A 1 131 ? 12.662  6.347   4.914   1.00 29.83 ? 127 ARG A NH1 1 
ATOM   891  N NH2 . ARG A 1 131 ? 11.714  8.431   4.775   1.00 31.07 ? 127 ARG A NH2 1 
ATOM   892  N N   . GLY A 1 132 ? 14.740  2.149   9.209   1.00 40.81 ? 128 GLY A N   1 
ATOM   893  C CA  . GLY A 1 132 ? 15.741  1.124   9.439   1.00 42.92 ? 128 GLY A CA  1 
ATOM   894  C C   . GLY A 1 132 ? 15.202  -0.187  9.985   1.00 44.31 ? 128 GLY A C   1 
ATOM   895  O O   . GLY A 1 132 ? 15.978  -1.051  10.390  1.00 44.48 ? 128 GLY A O   1 
ATOM   896  N N   . GLN A 1 133 ? 13.881  -0.345  9.991   1.00 41.42 ? 129 GLN A N   1 
ATOM   897  C CA  . GLN A 1 133 ? 13.263  -1.566  10.508  1.00 38.87 ? 129 GLN A CA  1 
ATOM   898  C C   . GLN A 1 133 ? 12.626  -2.421  9.413   1.00 38.51 ? 129 GLN A C   1 
ATOM   899  O O   . GLN A 1 133 ? 12.762  -3.643  9.413   1.00 41.56 ? 129 GLN A O   1 
ATOM   900  C CB  . GLN A 1 133 ? 12.219  -1.235  11.577  1.00 40.07 ? 129 GLN A CB  1 
ATOM   901  C CG  . GLN A 1 133 ? 12.749  -0.442  12.762  1.00 41.29 ? 129 GLN A CG  1 
ATOM   902  C CD  . GLN A 1 133 ? 11.710  -0.297  13.868  1.00 41.65 ? 129 GLN A CD  1 
ATOM   903  O OE1 . GLN A 1 133 ? 10.740  -1.053  13.924  1.00 46.75 ? 129 GLN A OE1 1 
ATOM   904  N NE2 . GLN A 1 133 ? 11.910  0.678   14.746  1.00 40.35 ? 129 GLN A NE2 1 
ATOM   905  N N   . MET A 1 134 ? 11.928  -1.777  8.482   1.00 37.14 ? 130 MET A N   1 
ATOM   906  C CA  . MET A 1 134 ? 11.223  -2.493  7.425   1.00 34.10 ? 130 MET A CA  1 
ATOM   907  C C   . MET A 1 134 ? 12.045  -2.551  6.143   1.00 34.10 ? 130 MET A C   1 
ATOM   908  O O   . MET A 1 134 ? 13.044  -1.846  6.008   1.00 35.40 ? 130 MET A O   1 
ATOM   909  C CB  . MET A 1 134 ? 9.892   -1.800  7.117   1.00 34.06 ? 130 MET A CB  1 
ATOM   910  C CG  . MET A 1 134 ? 8.996   -1.597  8.321   1.00 35.71 ? 130 MET A CG  1 
ATOM   911  S SD  . MET A 1 134 ? 8.397   -3.167  8.946   1.00 41.92 ? 130 MET A SD  1 
ATOM   912  C CE  . MET A 1 134 ? 7.206   -2.608  10.163  1.00 40.24 ? 130 MET A CE  1 
ATOM   913  N N   . GLN A 1 135 ? 11.613  -3.392  5.207   1.00 28.74 ? 131 GLN A N   1 
ATOM   914  C CA  . GLN A 1 135 ? 12.154  -3.374  3.850   1.00 31.66 ? 131 GLN A CA  1 
ATOM   915  C C   . GLN A 1 135 ? 12.033  -1.963  3.306   1.00 30.36 ? 131 GLN A C   1 
ATOM   916  O O   . GLN A 1 135 ? 11.036  -1.277  3.533   1.00 27.16 ? 131 GLN A O   1 
ATOM   917  C CB  . GLN A 1 135 ? 11.402  -4.343  2.942   1.00 31.41 ? 131 GLN A CB  1 
ATOM   918  C CG  . GLN A 1 135 ? 11.474  -5.794  3.392   1.00 35.70 ? 131 GLN A CG  1 
ATOM   919  C CD  . GLN A 1 135 ? 10.867  -6.743  2.383   1.00 36.78 ? 131 GLN A CD  1 
ATOM   920  O OE1 . GLN A 1 135 ? 11.208  -6.713  1.198   1.00 41.22 ? 131 GLN A OE1 1 
ATOM   921  N NE2 . GLN A 1 135 ? 9.972   -7.603  2.847   1.00 36.47 ? 131 GLN A NE2 1 
ATOM   922  N N   . LYS A 1 136 ? 13.048  -1.533  2.570   1.00 27.47 ? 132 LYS A N   1 
ATOM   923  C CA  . LYS A 1 136 ? 13.178  -0.131  2.200   1.00 28.21 ? 132 LYS A CA  1 
ATOM   924  C C   . LYS A 1 136 ? 11.993  0.477   1.433   1.00 23.76 ? 132 LYS A C   1 
ATOM   925  O O   . LYS A 1 136 ? 11.590  1.601   1.725   1.00 27.63 ? 132 LYS A O   1 
ATOM   926  C CB  . LYS A 1 136 ? 14.479  0.090   1.426   1.00 30.60 ? 132 LYS A CB  1 
ATOM   927  C CG  . LYS A 1 136 ? 14.821  1.548   1.244   1.00 31.52 ? 132 LYS A CG  1 
ATOM   928  C CD  . LYS A 1 136 ? 15.045  2.247   2.567   1.00 31.55 ? 132 LYS A CD  1 
ATOM   929  C CE  . LYS A 1 136 ? 15.257  3.731   2.328   1.00 39.80 ? 132 LYS A CE  1 
ATOM   930  N NZ  . LYS A 1 136 ? 15.498  4.499   3.574   1.00 42.01 ? 132 LYS A NZ  1 
ATOM   931  N N   . PRO A 1 137 ? 11.455  -0.241  0.432   1.00 26.11 ? 133 PRO A N   1 
ATOM   932  C CA  . PRO A 1 137 ? 10.337  0.352   -0.314  1.00 27.04 ? 133 PRO A CA  1 
ATOM   933  C C   . PRO A 1 137 ? 9.138   0.588   0.600   1.00 26.45 ? 133 PRO A C   1 
ATOM   934  O O   . PRO A 1 137 ? 8.454   1.606   0.467   1.00 25.48 ? 133 PRO A O   1 
ATOM   935  C CB  . PRO A 1 137 ? 10.004  -0.717  -1.363  1.00 29.33 ? 133 PRO A CB  1 
ATOM   936  C CG  . PRO A 1 137 ? 11.261  -1.520  -1.503  1.00 31.77 ? 133 PRO A CG  1 
ATOM   937  C CD  . PRO A 1 137 ? 11.864  -1.541  -0.128  1.00 28.91 ? 133 PRO A CD  1 
ATOM   938  N N   . PHE A 1 138 ? 8.907   -0.339  1.525   1.00 25.21 ? 134 PHE A N   1 
ATOM   939  C CA  . PHE A 1 138 ? 7.808   -0.221  2.492   1.00 24.22 ? 134 PHE A CA  1 
ATOM   940  C C   . PHE A 1 138 ? 8.046   0.961   3.417   1.00 24.97 ? 134 PHE A C   1 
ATOM   941  O O   . PHE A 1 138 ? 7.158   1.794   3.633   1.00 24.70 ? 134 PHE A O   1 
ATOM   942  C CB  . PHE A 1 138 ? 7.647   -1.514  3.301   1.00 22.17 ? 134 PHE A CB  1 
ATOM   943  C CG  . PHE A 1 138 ? 6.355   -1.583  4.089   1.00 20.42 ? 134 PHE A CG  1 
ATOM   944  C CD1 . PHE A 1 138 ? 6.236   -0.936  5.307   1.00 27.08 ? 134 PHE A CD1 1 
ATOM   945  C CD2 . PHE A 1 138 ? 5.264   -2.288  3.602   1.00 22.95 ? 134 PHE A CD2 1 
ATOM   946  C CE1 . PHE A 1 138 ? 5.050   -0.988  6.031   1.00 22.83 ? 134 PHE A CE1 1 
ATOM   947  C CE2 . PHE A 1 138 ? 4.069   -2.351  4.331   1.00 22.04 ? 134 PHE A CE2 1 
ATOM   948  C CZ  . PHE A 1 138 ? 3.967   -1.695  5.535   1.00 21.90 ? 134 PHE A CZ  1 
ATOM   949  N N   . GLU A 1 139 ? 9.256   1.045   3.956   1.00 24.09 ? 135 GLU A N   1 
ATOM   950  C CA  . GLU A 1 139 ? 9.629   2.151   4.827   1.00 22.93 ? 135 GLU A CA  1 
ATOM   951  C C   . GLU A 1 139 ? 9.472   3.520   4.165   1.00 24.12 ? 135 GLU A C   1 
ATOM   952  O O   . GLU A 1 139 ? 8.863   4.433   4.729   1.00 21.92 ? 135 GLU A O   1 
ATOM   953  C CB  . GLU A 1 139 ? 11.069  1.965   5.298   1.00 26.30 ? 135 GLU A CB  1 
ATOM   954  C CG  . GLU A 1 139 ? 11.652  3.168   5.997   1.00 31.81 ? 135 GLU A CG  1 
ATOM   955  C CD  . GLU A 1 139 ? 13.124  2.977   6.299   1.00 38.43 ? 135 GLU A CD  1 
ATOM   956  O OE1 . GLU A 1 139 ? 13.484  1.896   6.816   1.00 34.79 ? 135 GLU A OE1 1 
ATOM   957  O OE2 . GLU A 1 139 ? 13.914  3.898   5.998   1.00 38.51 ? 135 GLU A OE2 1 
ATOM   958  N N   . ASP A 1 140 ? 10.039  3.671   2.972   1.00 21.41 ? 136 ASP A N   1 
ATOM   959  C CA  . ASP A 1 140 ? 9.952   4.934   2.252   1.00 24.91 ? 136 ASP A CA  1 
ATOM   960  C C   . ASP A 1 140 ? 8.495   5.330   2.012   1.00 22.47 ? 136 ASP A C   1 
ATOM   961  O O   . ASP A 1 140 ? 8.112   6.483   2.220   1.00 23.87 ? 136 ASP A O   1 
ATOM   962  C CB  . ASP A 1 140 ? 10.713  4.853   0.926   1.00 24.85 ? 136 ASP A CB  1 
ATOM   963  C CG  . ASP A 1 140 ? 12.218  4.986   1.106   1.00 32.36 ? 136 ASP A CG  1 
ATOM   964  O OD1 . ASP A 1 140 ? 12.660  5.432   2.190   1.00 30.64 ? 136 ASP A OD1 1 
ATOM   965  O OD2 . ASP A 1 140 ? 12.960  4.650   0.161   1.00 29.92 ? 136 ASP A OD2 1 
ATOM   966  N N   . ALA A 1 141 ? 7.687   4.370   1.574   1.00 22.66 ? 137 ALA A N   1 
ATOM   967  C CA  . ALA A 1 141 ? 6.274   4.634   1.331   1.00 21.30 ? 137 ALA A CA  1 
ATOM   968  C C   . ALA A 1 141 ? 5.585   5.042   2.638   1.00 21.21 ? 137 ALA A C   1 
ATOM   969  O O   . ALA A 1 141 ? 4.876   6.045   2.690   1.00 21.64 ? 137 ALA A O   1 
ATOM   970  C CB  . ALA A 1 141 ? 5.600   3.410   0.706   1.00 19.44 ? 137 ALA A CB  1 
ATOM   971  N N   . SER A 1 142 ? 5.830   4.287   3.705   1.00 23.09 ? 138 SER A N   1 
ATOM   972  C CA  . SER A 1 142 ? 5.214   4.580   4.993   1.00 23.27 ? 138 SER A CA  1 
ATOM   973  C C   . SER A 1 142 ? 5.530   5.986   5.482   1.00 24.64 ? 138 SER A C   1 
ATOM   974  O O   . SER A 1 142 ? 4.649   6.694   5.953   1.00 28.67 ? 138 SER A O   1 
ATOM   975  C CB  . SER A 1 142 ? 5.633   3.552   6.045   1.00 21.00 ? 138 SER A CB  1 
ATOM   976  O OG  . SER A 1 142 ? 5.230   2.254   5.665   1.00 23.04 ? 138 SER A OG  1 
ATOM   977  N N   . PHE A 1 143 ? 6.789   6.396   5.363   1.00 24.09 ? 139 PHE A N   1 
ATOM   978  C CA  . PHE A 1 143 ? 7.199   7.709   5.853   1.00 27.03 ? 139 PHE A CA  1 
ATOM   979  C C   . PHE A 1 143 ? 6.822   8.871   4.933   1.00 28.89 ? 139 PHE A C   1 
ATOM   980  O O   . PHE A 1 143 ? 6.829   10.025  5.356   1.00 29.99 ? 139 PHE A O   1 
ATOM   981  C CB  . PHE A 1 143 ? 8.702   7.722   6.171   1.00 30.97 ? 139 PHE A CB  1 
ATOM   982  C CG  . PHE A 1 143 ? 9.024   7.215   7.546   1.00 30.14 ? 139 PHE A CG  1 
ATOM   983  C CD1 . PHE A 1 143 ? 9.185   5.862   7.778   1.00 27.48 ? 139 PHE A CD1 1 
ATOM   984  C CD2 . PHE A 1 143 ? 9.139   8.093   8.609   1.00 34.73 ? 139 PHE A CD2 1 
ATOM   985  C CE1 . PHE A 1 143 ? 9.463   5.390   9.055   1.00 31.55 ? 139 PHE A CE1 1 
ATOM   986  C CE2 . PHE A 1 143 ? 9.420   7.631   9.883   1.00 33.63 ? 139 PHE A CE2 1 
ATOM   987  C CZ  . PHE A 1 143 ? 9.583   6.276   10.103  1.00 30.13 ? 139 PHE A CZ  1 
ATOM   988  N N   . ALA A 1 144 ? 6.486   8.566   3.683   1.00 26.02 ? 140 ALA A N   1 
ATOM   989  C CA  . ALA A 1 144 ? 6.040   9.588   2.739   1.00 26.15 ? 140 ALA A CA  1 
ATOM   990  C C   . ALA A 1 144 ? 4.538   9.862   2.864   1.00 27.56 ? 140 ALA A C   1 
ATOM   991  O O   . ALA A 1 144 ? 4.057   10.918  2.458   1.00 28.57 ? 140 ALA A O   1 
ATOM   992  C CB  . ALA A 1 144 ? 6.395   9.182   1.315   1.00 23.70 ? 140 ALA A CB  1 
ATOM   993  N N   . LEU A 1 145 ? 3.803   8.910   3.433   1.00 26.09 ? 141 LEU A N   1 
ATOM   994  C CA  . LEU A 1 145 ? 2.382   9.103   3.709   1.00 27.85 ? 141 LEU A CA  1 
ATOM   995  C C   . LEU A 1 145 ? 2.181   10.047  4.883   1.00 28.73 ? 141 LEU A C   1 
ATOM   996  O O   . LEU A 1 145 ? 2.983   10.075  5.816   1.00 30.87 ? 141 LEU A O   1 
ATOM   997  C CB  . LEU A 1 145 ? 1.705   7.767   4.024   1.00 21.87 ? 141 LEU A CB  1 
ATOM   998  C CG  . LEU A 1 145 ? 1.641   6.720   2.916   1.00 22.77 ? 141 LEU A CG  1 
ATOM   999  C CD1 . LEU A 1 145 ? 1.249   5.361   3.496   1.00 21.34 ? 141 LEU A CD1 1 
ATOM   1000 C CD2 . LEU A 1 145 ? 0.691   7.134   1.790   1.00 24.68 ? 141 LEU A CD2 1 
ATOM   1001 N N   . ARG A 1 146 ? 1.110   10.826  4.838   1.00 28.27 ? 142 ARG A N   1 
ATOM   1002 C CA  . ARG A 1 146 ? 0.695   11.562  6.021   1.00 31.87 ? 142 ARG A CA  1 
ATOM   1003 C C   . ARG A 1 146 ? -0.330  10.720  6.749   1.00 29.62 ? 142 ARG A C   1 
ATOM   1004 O O   . ARG A 1 146 ? -0.906  9.799   6.169   1.00 24.71 ? 142 ARG A O   1 
ATOM   1005 C CB  . ARG A 1 146 ? 0.096   12.911  5.648   1.00 32.22 ? 142 ARG A CB  1 
ATOM   1006 C CG  . ARG A 1 146 ? 1.068   13.815  4.913   1.00 39.73 ? 142 ARG A CG  1 
ATOM   1007 C CD  . ARG A 1 146 ? 0.309   14.709  3.974   1.00 42.08 ? 142 ARG A CD  1 
ATOM   1008 N NE  . ARG A 1 146 ? 0.959   14.771  2.675   1.00 43.10 ? 142 ARG A NE  1 
ATOM   1009 C CZ  . ARG A 1 146 ? 0.327   15.046  1.542   1.00 43.18 ? 142 ARG A CZ  1 
ATOM   1010 N NH1 . ARG A 1 146 ? -0.976  15.283  1.548   1.00 46.27 ? 142 ARG A NH1 1 
ATOM   1011 N NH2 . ARG A 1 146 ? 1.001   15.080  0.400   1.00 48.52 ? 142 ARG A NH2 1 
ATOM   1012 N N   . THR A 1 147 ? -0.543  11.030  8.021   1.00 31.60 ? 143 THR A N   1 
ATOM   1013 C CA  . THR A 1 147 ? -1.530  10.324  8.815   1.00 27.90 ? 143 THR A CA  1 
ATOM   1014 C C   . THR A 1 147 ? -2.869  10.316  8.096   1.00 28.37 ? 143 THR A C   1 
ATOM   1015 O O   . THR A 1 147 ? -3.370  11.362  7.687   1.00 28.62 ? 143 THR A O   1 
ATOM   1016 C CB  . THR A 1 147 ? -1.702  10.973  10.202  1.00 31.94 ? 143 THR A CB  1 
ATOM   1017 O OG1 . THR A 1 147 ? -0.487  10.829  10.945  1.00 37.48 ? 143 THR A OG1 1 
ATOM   1018 C CG2 . THR A 1 147 ? -2.826  10.296  10.963  1.00 31.04 ? 143 THR A CG2 1 
ATOM   1019 N N   . GLY A 1 148 ? -3.435  9.128   7.928   1.00 25.36 ? 144 GLY A N   1 
ATOM   1020 C CA  . GLY A 1 148 ? -4.727  8.992   7.289   1.00 27.21 ? 144 GLY A CA  1 
ATOM   1021 C C   . GLY A 1 148 ? -4.636  8.588   5.832   1.00 25.03 ? 144 GLY A C   1 
ATOM   1022 O O   . GLY A 1 148 ? -5.590  8.027   5.293   1.00 24.76 ? 144 GLY A O   1 
ATOM   1023 N N   . GLU A 1 149 ? -3.491  8.850   5.200   1.00 23.07 ? 145 GLU A N   1 
ATOM   1024 C CA  . GLU A 1 149 ? -3.302  8.563   3.778   1.00 24.47 ? 145 GLU A CA  1 
ATOM   1025 C C   . GLU A 1 149 ? -3.002  7.101   3.469   1.00 23.04 ? 145 GLU A C   1 
ATOM   1026 O O   . GLU A 1 149 ? -2.468  6.363   4.299   1.00 22.79 ? 145 GLU A O   1 
ATOM   1027 C CB  . GLU A 1 149 ? -2.186  9.433   3.182   1.00 24.19 ? 145 GLU A CB  1 
ATOM   1028 C CG  . GLU A 1 149 ? -2.485  10.920  3.152   1.00 27.80 ? 145 GLU A CG  1 
ATOM   1029 C CD  . GLU A 1 149 ? -1.428  11.708  2.387   1.00 36.72 ? 145 GLU A CD  1 
ATOM   1030 O OE1 . GLU A 1 149 ? -0.230  11.344  2.461   1.00 29.70 ? 145 GLU A OE1 1 
ATOM   1031 O OE2 . GLU A 1 149 ? -1.799  12.690  1.710   1.00 36.27 ? 145 GLU A OE2 1 
ATOM   1032 N N   . MET A 1 150 ? -3.341  6.699   2.251   1.00 18.90 ? 146 MET A N   1 
ATOM   1033 C CA  . MET A 1 150 ? -3.117  5.340   1.796   1.00 20.23 ? 146 MET A CA  1 
ATOM   1034 C C   . MET A 1 150 ? -2.251  5.348   0.547   1.00 19.94 ? 146 MET A C   1 
ATOM   1035 O O   . MET A 1 150 ? -2.343  6.261   -0.285  1.00 20.25 ? 146 MET A O   1 
ATOM   1036 C CB  . MET A 1 150 ? -4.449  4.652   1.510   1.00 20.95 ? 146 MET A CB  1 
ATOM   1037 C CG  . MET A 1 150 ? -4.339  3.180   1.151   1.00 21.82 ? 146 MET A CG  1 
ATOM   1038 S SD  . MET A 1 150 ? -5.946  2.431   0.813   1.00 24.09 ? 146 MET A SD  1 
ATOM   1039 C CE  . MET A 1 150 ? -6.287  3.092   -0.822  1.00 24.67 ? 146 MET A CE  1 
ATOM   1040 N N   . SER A 1 151 ? -1.421  4.322   0.410   1.00 17.71 ? 147 SER A N   1 
ATOM   1041 C CA  . SER A 1 151 ? -0.545  4.194   -0.752  1.00 19.00 ? 147 SER A CA  1 
ATOM   1042 C C   . SER A 1 151 ? -1.267  3.535   -1.914  1.00 18.11 ? 147 SER A C   1 
ATOM   1043 O O   . SER A 1 151 ? -2.383  3.038   -1.761  1.00 18.58 ? 147 SER A O   1 
ATOM   1044 C CB  . SER A 1 151 ? 0.658   3.325   -0.390  1.00 19.16 ? 147 SER A CB  1 
ATOM   1045 O OG  . SER A 1 151 ? 0.272   1.954   -0.312  1.00 18.88 ? 147 SER A OG  1 
ATOM   1046 N N   . GLY A 1 152 ? -0.623  3.532   -3.082  1.00 18.54 ? 148 GLY A N   1 
ATOM   1047 C CA  . GLY A 1 152 ? -0.984  2.611   -4.143  1.00 21.86 ? 148 GLY A CA  1 
ATOM   1048 C C   . GLY A 1 152 ? -0.208  1.316   -3.955  1.00 20.58 ? 148 GLY A C   1 
ATOM   1049 O O   . GLY A 1 152 ? 0.325   1.060   -2.869  1.00 21.41 ? 148 GLY A O   1 
ATOM   1050 N N   . PRO A 1 153 ? -0.142  0.480   -4.998  1.00 23.48 ? 149 PRO A N   1 
ATOM   1051 C CA  . PRO A 1 153 ? 0.647   -0.750  -4.884  1.00 21.73 ? 149 PRO A CA  1 
ATOM   1052 C C   . PRO A 1 153 ? 2.106   -0.428  -4.603  1.00 22.00 ? 149 PRO A C   1 
ATOM   1053 O O   . PRO A 1 153 ? 2.723   0.343   -5.347  1.00 24.59 ? 149 PRO A O   1 
ATOM   1054 C CB  . PRO A 1 153 ? 0.511   -1.392  -6.271  1.00 24.31 ? 149 PRO A CB  1 
ATOM   1055 C CG  . PRO A 1 153 ? -0.721  -0.771  -6.871  1.00 27.22 ? 149 PRO A CG  1 
ATOM   1056 C CD  . PRO A 1 153 ? -0.756  0.627   -6.329  1.00 25.07 ? 149 PRO A CD  1 
ATOM   1057 N N   . VAL A 1 154 ? 2.645   -1.011  -3.537  1.00 19.62 ? 150 VAL A N   1 
ATOM   1058 C CA  . VAL A 1 154 ? 4.048   -0.836  -3.170  1.00 20.55 ? 150 VAL A CA  1 
ATOM   1059 C C   . VAL A 1 154 ? 4.754   -2.190  -3.224  1.00 24.11 ? 150 VAL A C   1 
ATOM   1060 O O   . VAL A 1 154 ? 4.318   -3.154  -2.599  1.00 22.36 ? 150 VAL A O   1 
ATOM   1061 C CB  . VAL A 1 154 ? 4.204   -0.199  -1.786  1.00 23.65 ? 150 VAL A CB  1 
ATOM   1062 C CG1 . VAL A 1 154 ? 5.653   -0.256  -1.329  1.00 22.77 ? 150 VAL A CG1 1 
ATOM   1063 C CG2 . VAL A 1 154 ? 3.705   1.243   -1.807  1.00 25.57 ? 150 VAL A CG2 1 
ATOM   1064 N N   . PHE A 1 155 ? 5.843   -2.258  -3.988  1.00 19.75 ? 151 PHE A N   1 
ATOM   1065 C CA  . PHE A 1 155 ? 6.519   -3.523  -4.266  1.00 23.40 ? 151 PHE A CA  1 
ATOM   1066 C C   . PHE A 1 155 ? 7.710   -3.772  -3.343  1.00 24.34 ? 151 PHE A C   1 
ATOM   1067 O O   . PHE A 1 155 ? 8.580   -2.912  -3.185  1.00 25.46 ? 151 PHE A O   1 
ATOM   1068 C CB  . PHE A 1 155 ? 6.990   -3.555  -5.728  1.00 21.92 ? 151 PHE A CB  1 
ATOM   1069 C CG  . PHE A 1 155 ? 5.875   -3.478  -6.724  1.00 19.06 ? 151 PHE A CG  1 
ATOM   1070 C CD1 . PHE A 1 155 ? 5.330   -2.256  -7.070  1.00 21.79 ? 151 PHE A CD1 1 
ATOM   1071 C CD2 . PHE A 1 155 ? 5.366   -4.619  -7.306  1.00 25.21 ? 151 PHE A CD2 1 
ATOM   1072 C CE1 . PHE A 1 155 ? 4.301   -2.170  -7.988  1.00 23.13 ? 151 PHE A CE1 1 
ATOM   1073 C CE2 . PHE A 1 155 ? 4.332   -4.543  -8.223  1.00 25.79 ? 151 PHE A CE2 1 
ATOM   1074 C CZ  . PHE A 1 155 ? 3.802   -3.318  -8.562  1.00 24.18 ? 151 PHE A CZ  1 
ATOM   1075 N N   . THR A 1 156 ? 7.739   -4.954  -2.740  1.00 23.80 ? 152 THR A N   1 
ATOM   1076 C CA  . THR A 1 156 ? 8.879   -5.390  -1.939  1.00 25.48 ? 152 THR A CA  1 
ATOM   1077 C C   . THR A 1 156 ? 9.176   -6.848  -2.265  1.00 26.06 ? 152 THR A C   1 
ATOM   1078 O O   . THR A 1 156 ? 8.408   -7.506  -2.967  1.00 27.08 ? 152 THR A O   1 
ATOM   1079 C CB  . THR A 1 156 ? 8.576   -5.326  -0.413  1.00 27.55 ? 152 THR A CB  1 
ATOM   1080 O OG1 . THR A 1 156 ? 7.614   -6.334  -0.087  1.00 25.25 ? 152 THR A OG1 1 
ATOM   1081 C CG2 . THR A 1 156 ? 8.060   -3.949  0.011   1.00 24.76 ? 152 THR A CG2 1 
ATOM   1082 N N   . ASP A 1 157 ? 10.277  -7.367  -1.730  1.00 29.20 ? 153 ASP A N   1 
ATOM   1083 C CA  . ASP A 1 157 ? 10.546  -8.801  -1.841  1.00 31.47 ? 153 ASP A CA  1 
ATOM   1084 C C   . ASP A 1 157 ? 9.461   -9.700  -1.255  1.00 33.44 ? 153 ASP A C   1 
ATOM   1085 O O   . ASP A 1 157 ? 9.333   -10.861 -1.652  1.00 34.46 ? 153 ASP A O   1 
ATOM   1086 C CB  . ASP A 1 157 ? 11.898  -9.155  -1.229  1.00 32.92 ? 153 ASP A CB  1 
ATOM   1087 C CG  . ASP A 1 157 ? 13.017  -9.096  -2.246  1.00 44.55 ? 153 ASP A CG  1 
ATOM   1088 O OD1 . ASP A 1 157 ? 13.403  -10.170 -2.757  1.00 49.06 ? 153 ASP A OD1 1 
ATOM   1089 O OD2 . ASP A 1 157 ? 13.487  -7.978  -2.552  1.00 47.07 ? 153 ASP A OD2 1 
ATOM   1090 N N   . SER A 1 158 ? 8.684   -9.182  -0.305  1.00 31.00 ? 154 SER A N   1 
ATOM   1091 C CA  . SER A 1 158 ? 7.621   -9.979  0.297   1.00 30.03 ? 154 SER A CA  1 
ATOM   1092 C C   . SER A 1 158 ? 6.431   -10.164 -0.632  1.00 27.28 ? 154 SER A C   1 
ATOM   1093 O O   . SER A 1 158 ? 5.765   -11.200 -0.592  1.00 25.54 ? 154 SER A O   1 
ATOM   1094 C CB  . SER A 1 158 ? 7.148   -9.356  1.608   1.00 28.78 ? 154 SER A CB  1 
ATOM   1095 O OG  . SER A 1 158 ? 8.166   -9.432  2.588   1.00 36.99 ? 154 SER A OG  1 
ATOM   1096 N N   . GLY A 1 159 ? 6.167   -9.155  -1.459  1.00 25.77 ? 155 GLY A N   1 
ATOM   1097 C CA  . GLY A 1 159 ? 5.016   -9.160  -2.345  1.00 24.72 ? 155 GLY A CA  1 
ATOM   1098 C C   . GLY A 1 159 ? 4.583   -7.744  -2.679  1.00 24.11 ? 155 GLY A C   1 
ATOM   1099 O O   . GLY A 1 159 ? 5.410   -6.836  -2.753  1.00 26.00 ? 155 GLY A O   1 
ATOM   1100 N N   . ILE A 1 160 ? 3.282   -7.552  -2.883  1.00 23.35 ? 156 ILE A N   1 
ATOM   1101 C CA  . ILE A 1 160 ? 2.740   -6.229  -3.201  1.00 18.66 ? 156 ILE A CA  1 
ATOM   1102 C C   . ILE A 1 160 ? 1.849   -5.754  -2.050  1.00 18.68 ? 156 ILE A C   1 
ATOM   1103 O O   . ILE A 1 160 ? 0.967   -6.489  -1.605  1.00 20.10 ? 156 ILE A O   1 
ATOM   1104 C CB  . ILE A 1 160 ? 1.943   -6.239  -4.516  1.00 19.53 ? 156 ILE A CB  1 
ATOM   1105 C CG1 . ILE A 1 160 ? 2.757   -6.903  -5.635  1.00 24.13 ? 156 ILE A CG1 1 
ATOM   1106 C CG2 . ILE A 1 160 ? 1.569   -4.814  -4.939  1.00 21.24 ? 156 ILE A CG2 1 
ATOM   1107 C CD1 . ILE A 1 160 ? 1.984   -7.070  -6.933  1.00 25.14 ? 156 ILE A CD1 1 
ATOM   1108 N N   . HIS A 1 161 ? 2.084   -4.532  -1.581  1.00 18.43 ? 157 HIS A N   1 
ATOM   1109 C CA  . HIS A 1 161 ? 1.382   -3.997  -0.411  1.00 19.83 ? 157 HIS A CA  1 
ATOM   1110 C C   . HIS A 1 161 ? 0.444   -2.839  -0.758  1.00 20.04 ? 157 HIS A C   1 
ATOM   1111 O O   . HIS A 1 161 ? 0.708   -2.065  -1.676  1.00 21.62 ? 157 HIS A O   1 
ATOM   1112 C CB  . HIS A 1 161 ? 2.374   -3.438  0.611   1.00 19.19 ? 157 HIS A CB  1 
ATOM   1113 C CG  . HIS A 1 161 ? 3.403   -4.415  1.089   1.00 22.99 ? 157 HIS A CG  1 
ATOM   1114 N ND1 . HIS A 1 161 ? 4.503   -4.776  0.334   1.00 26.34 ? 157 HIS A ND1 1 
ATOM   1115 C CD2 . HIS A 1 161 ? 3.540   -5.054  2.276   1.00 19.21 ? 157 HIS A CD2 1 
ATOM   1116 C CE1 . HIS A 1 161 ? 5.251   -5.619  1.023   1.00 21.24 ? 157 HIS A CE1 1 
ATOM   1117 N NE2 . HIS A 1 161 ? 4.692   -5.801  2.206   1.00 29.75 ? 157 HIS A NE2 1 
ATOM   1118 N N   . ILE A 1 162 ? -0.643  -2.724  -0.001  1.00 16.92 ? 158 ILE A N   1 
ATOM   1119 C CA  . ILE A 1 162 ? -1.346  -1.460  0.149   1.00 18.46 ? 158 ILE A CA  1 
ATOM   1120 C C   . ILE A 1 162 ? -1.073  -1.010  1.577   1.00 22.40 ? 158 ILE A C   1 
ATOM   1121 O O   . ILE A 1 162 ? -1.269  -1.778  2.521   1.00 19.78 ? 158 ILE A O   1 
ATOM   1122 C CB  . ILE A 1 162 ? -2.871  -1.620  -0.034  1.00 20.73 ? 158 ILE A CB  1 
ATOM   1123 C CG1 . ILE A 1 162 ? -3.192  -2.200  -1.409  1.00 24.58 ? 158 ILE A CG1 1 
ATOM   1124 C CG2 . ILE A 1 162 ? -3.565  -0.274  0.138   1.00 23.60 ? 158 ILE A CG2 1 
ATOM   1125 C CD1 . ILE A 1 162 ? -4.603  -2.730  -1.521  1.00 19.35 ? 158 ILE A CD1 1 
ATOM   1126 N N   . ILE A 1 163 ? -0.619  0.222   1.748   1.00 17.99 ? 159 ILE A N   1 
ATOM   1127 C CA  . ILE A 1 163 ? -0.220  0.698   3.071   1.00 20.71 ? 159 ILE A CA  1 
ATOM   1128 C C   . ILE A 1 163 ? -1.113  1.839   3.535   1.00 20.13 ? 159 ILE A C   1 
ATOM   1129 O O   . ILE A 1 163 ? -1.352  2.783   2.785   1.00 18.82 ? 159 ILE A O   1 
ATOM   1130 C CB  . ILE A 1 163 ? 1.246   1.196   3.075   1.00 21.70 ? 159 ILE A CB  1 
ATOM   1131 C CG1 . ILE A 1 163 ? 2.185   0.093   2.597   1.00 20.70 ? 159 ILE A CG1 1 
ATOM   1132 C CG2 . ILE A 1 163 ? 1.646   1.683   4.476   1.00 19.09 ? 159 ILE A CG2 1 
ATOM   1133 C CD1 . ILE A 1 163 ? 3.609   0.573   2.381   1.00 22.11 ? 159 ILE A CD1 1 
ATOM   1134 N N   . LEU A 1 164 ? -1.616  1.737   4.764   1.00 19.61 ? 160 LEU A N   1 
ATOM   1135 C CA  . LEU A 1 164 ? -2.392  2.812   5.369   1.00 19.35 ? 160 LEU A CA  1 
ATOM   1136 C C   . LEU A 1 164 ? -1.665  3.360   6.596   1.00 21.39 ? 160 LEU A C   1 
ATOM   1137 O O   . LEU A 1 164 ? -1.386  2.624   7.539   1.00 20.42 ? 160 LEU A O   1 
ATOM   1138 C CB  . LEU A 1 164 ? -3.781  2.301   5.772   1.00 17.17 ? 160 LEU A CB  1 
ATOM   1139 C CG  . LEU A 1 164 ? -4.702  3.286   6.514   1.00 23.21 ? 160 LEU A CG  1 
ATOM   1140 C CD1 . LEU A 1 164 ? -5.166  4.421   5.590   1.00 23.87 ? 160 LEU A CD1 1 
ATOM   1141 C CD2 . LEU A 1 164 ? -5.900  2.559   7.115   1.00 27.58 ? 160 LEU A CD2 1 
ATOM   1142 N N   . ARG A 1 165 ? -1.344  4.647   6.584   1.00 21.07 ? 161 ARG A N   1 
ATOM   1143 C CA  . ARG A 1 165 ? -0.710  5.250   7.749   1.00 24.15 ? 161 ARG A CA  1 
ATOM   1144 C C   . ARG A 1 165 ? -1.754  5.701   8.769   1.00 22.78 ? 161 ARG A C   1 
ATOM   1145 O O   . ARG A 1 165 ? -2.646  6.489   8.455   1.00 24.52 ? 161 ARG A O   1 
ATOM   1146 C CB  . ARG A 1 165 ? 0.212   6.410   7.368   1.00 24.00 ? 161 ARG A CB  1 
ATOM   1147 C CG  . ARG A 1 165 ? 0.869   7.006   8.605   1.00 28.02 ? 161 ARG A CG  1 
ATOM   1148 C CD  . ARG A 1 165 ? 1.851   8.129   8.307   1.00 29.24 ? 161 ARG A CD  1 
ATOM   1149 N NE  . ARG A 1 165 ? 2.221   8.801   9.548   1.00 28.33 ? 161 ARG A NE  1 
ATOM   1150 C CZ  . ARG A 1 165 ? 2.875   9.957   9.614   1.00 34.49 ? 161 ARG A CZ  1 
ATOM   1151 N NH1 . ARG A 1 165 ? 3.242   10.582  8.503   1.00 36.54 ? 161 ARG A NH1 1 
ATOM   1152 N NH2 . ARG A 1 165 ? 3.163   10.492  10.794  1.00 38.15 ? 161 ARG A NH2 1 
ATOM   1153 N N   . THR A 1 166 ? -1.644  5.190   9.990   1.00 22.75 ? 162 THR A N   1 
ATOM   1154 C CA  . THR A 1 166 ? -2.654  5.452   11.013  1.00 25.27 ? 162 THR A CA  1 
ATOM   1155 C C   . THR A 1 166 ? -2.181  6.433   12.092  1.00 28.09 ? 162 THR A C   1 
ATOM   1156 O O   . THR A 1 166 ? -2.996  7.080   12.753  1.00 29.13 ? 162 THR A O   1 
ATOM   1157 C CB  . THR A 1 166 ? -3.142  4.142   11.663  1.00 24.83 ? 162 THR A CB  1 
ATOM   1158 O OG1 . THR A 1 166 ? -2.023  3.398   12.156  1.00 26.93 ? 162 THR A OG1 1 
ATOM   1159 C CG2 . THR A 1 166 ? -3.892  3.298   10.648  1.00 24.47 ? 162 THR A CG2 1 
ATOM   1160 N N   . GLU A 1 167 ? -0.866  6.535   12.266  1.00 29.26 ? 163 GLU A N   1 
ATOM   1161 C CA  . GLU A 1 167 ? -0.272  7.485   13.204  1.00 32.10 ? 163 GLU A CA  1 
ATOM   1162 C C   . GLU A 1 167 ? 1.081   7.977   12.698  1.00 33.91 ? 163 GLU A C   1 
ATOM   1163 O O   . GLU A 1 167 ? 1.752   7.308   11.906  1.00 31.30 ? 163 GLU A O   1 
ATOM   1164 C CB  . GLU A 1 167 ? -0.077  6.851   14.585  1.00 31.21 ? 163 GLU A CB  1 
ATOM   1165 C CG  . GLU A 1 167 ? -1.350  6.494   15.333  1.00 35.16 ? 163 GLU A CG  1 
ATOM   1166 C CD  . GLU A 1 167 ? -1.055  5.761   16.634  1.00 38.68 ? 163 GLU A CD  1 
ATOM   1167 O OE1 . GLU A 1 167 ? 0.110   5.809   17.091  1.00 45.42 ? 163 GLU A OE1 1 
ATOM   1168 O OE2 . GLU A 1 167 ? -1.978  5.135   17.196  1.00 39.25 ? 163 GLU A OE2 1 
ATOM   1169 O OXT . GLU A 1 167 ? 1.547   9.050   13.091  1.00 35.26 ? 163 GLU A OXT 1 
HETATM 1170 P P   . RZD B 2 .   ? 7.564   -12.259 4.674   1.00 41.05 ? 164 RZD A P   1 
HETATM 1171 C C1  . RZD B 2 .   ? 7.720   -6.443  5.625   1.00 39.15 ? 164 RZD A C1  1 
HETATM 1172 N N1  . RZD B 2 .   ? 6.616   -7.079  6.368   1.00 37.61 ? 164 RZD A N1  1 
HETATM 1173 O O1  . RZD B 2 .   ? 9.822   -5.544  6.187   1.00 40.72 ? 164 RZD A O1  1 
HETATM 1174 C C2  . RZD B 2 .   ? 5.576   -6.078  6.648   1.00 36.94 ? 164 RZD A C2  1 
HETATM 1175 N N2  . RZD B 2 .   ? 8.932   -7.034  7.618   1.00 42.33 ? 164 RZD A N2  1 
HETATM 1176 O O2  . RZD B 2 .   ? 4.758   -9.388  9.737   1.00 48.89 ? 164 RZD A O2  1 
HETATM 1177 C C3  . RZD B 2 .   ? 5.923   -4.809  5.881   1.00 31.84 ? 164 RZD A C3  1 
HETATM 1178 N N3  . RZD B 2 .   ? 10.466  -4.896  12.390  1.00 56.35 ? 164 RZD A N3  1 
HETATM 1179 C C4  . RZD B 2 .   ? 7.281   -5.038  5.233   1.00 34.72 ? 164 RZD A C4  1 
HETATM 1180 N N4  . RZD B 2 .   ? 5.223   -9.277  7.543   1.00 45.12 ? 164 RZD A N4  1 
HETATM 1181 C C5  . RZD B 2 .   ? 6.052   -8.202  5.608   1.00 36.60 ? 164 RZD A C5  1 
HETATM 1182 C C6  . RZD B 2 .   ? 8.920   -6.305  6.507   1.00 39.80 ? 164 RZD A C6  1 
HETATM 1183 C C7  . RZD B 2 .   ? 9.976   -7.060  8.636   1.00 49.19 ? 164 RZD A C7  1 
HETATM 1184 C C8  . RZD B 2 .   ? 9.214   -7.377  9.920   1.00 52.37 ? 164 RZD A C8  1 
HETATM 1185 C C9  . RZD B 2 .   ? 6.171   -9.473  6.449   1.00 42.03 ? 164 RZD A C9  1 
HETATM 1186 C C10 . RZD B 2 .   ? 5.656   -10.686 5.680   1.00 37.84 ? 164 RZD A C10 1 
HETATM 1187 C C11 . RZD B 2 .   ? 5.542   -9.553  8.808   1.00 48.53 ? 164 RZD A C11 1 
HETATM 1188 C C12 . RZD B 2 .   ? 6.926   -10.088 9.020   1.00 48.68 ? 164 RZD A C12 1 
HETATM 1189 O O1P . RZD B 2 .   ? 8.395   -12.133 3.421   1.00 38.73 ? 164 RZD A O1P 1 
HETATM 1190 C C21 . RZD B 2 .   ? 9.470   -6.331  10.981  1.00 55.68 ? 164 RZD A C21 1 
HETATM 1191 C C22 . RZD B 2 .   ? 10.689  -5.845  11.421  1.00 55.83 ? 164 RZD A C22 1 
HETATM 1192 C C23 . RZD B 2 .   ? 9.128   -4.748  12.584  1.00 55.21 ? 164 RZD A C23 1 
HETATM 1193 C C24 . RZD B 2 .   ? 8.440   -5.602  11.746  1.00 54.73 ? 164 RZD A C24 1 
HETATM 1194 C C25 . RZD B 2 .   ? 7.043   -5.678  11.715  1.00 49.46 ? 164 RZD A C25 1 
HETATM 1195 C C26 . RZD B 2 .   ? 6.364   -4.819  12.603  1.00 50.02 ? 164 RZD A C26 1 
HETATM 1196 C C27 . RZD B 2 .   ? 7.067   -3.954  13.453  1.00 52.69 ? 164 RZD A C27 1 
HETATM 1197 C C28 . RZD B 2 .   ? 8.463   -3.903  13.459  1.00 50.60 ? 164 RZD A C28 1 
HETATM 1198 O O2P . RZD B 2 .   ? 6.645   -13.459 4.669   1.00 37.25 ? 164 RZD A O2P 1 
HETATM 1199 O O3P . RZD B 2 .   ? 8.330   -12.018 5.950   1.00 42.08 ? 164 RZD A O3P 1 
HETATM 1200 O O4P . RZD B 2 .   ? 6.554   -10.998 4.612   1.00 42.13 ? 164 RZD A O4P 1 
HETATM 1201 O O1  . PE8 C 3 .   ? -4.229  3.361   -11.471 1.00 48.25 ? 300 PE8 A O1  1 
HETATM 1202 C C2  . PE8 C 3 .   ? -4.939  4.607   -11.507 1.00 41.72 ? 300 PE8 A C2  1 
HETATM 1203 C C3  . PE8 C 3 .   ? -4.721  5.290   -12.856 1.00 43.31 ? 300 PE8 A C3  1 
HETATM 1204 O O4  . PE8 C 3 .   ? -3.747  6.328   -12.746 1.00 41.04 ? 300 PE8 A O4  1 
HETATM 1205 C C5  . PE8 C 3 .   ? -3.690  7.109   -13.936 1.00 44.82 ? 300 PE8 A C5  1 
HETATM 1206 C C6  . PE8 C 3 .   ? -4.962  7.941   -14.052 1.00 39.77 ? 300 PE8 A C6  1 
HETATM 1207 O O7  . PE8 C 3 .   ? -5.300  8.514   -12.787 1.00 37.86 ? 300 PE8 A O7  1 
HETATM 1208 C C8  . PE8 C 3 .   ? -5.996  9.748   -12.962 1.00 29.73 ? 300 PE8 A C8  1 
HETATM 1209 C C9  . PE8 C 3 .   ? -6.280  10.387  -11.612 1.00 27.97 ? 300 PE8 A C9  1 
HETATM 1210 O O10 . PE8 C 3 .   ? -7.245  9.599   -10.924 1.00 29.25 ? 300 PE8 A O10 1 
HETATM 1211 C C11 . PE8 C 3 .   ? -7.384  10.005  -9.565  1.00 23.94 ? 300 PE8 A C11 1 
HETATM 1212 C C12 . PE8 C 3 .   ? -8.421  9.114   -8.894  1.00 27.30 ? 300 PE8 A C12 1 
HETATM 1213 O O13 . PE8 C 3 .   ? -8.090  7.757   -9.167  1.00 26.17 ? 300 PE8 A O13 1 
HETATM 1214 C C14 . PE8 C 3 .   ? -9.027  6.860   -8.583  1.00 26.34 ? 300 PE8 A C14 1 
HETATM 1215 C C15 . PE8 C 3 .   ? -8.496  5.437   -8.729  1.00 27.35 ? 300 PE8 A C15 1 
HETATM 1216 O O16 . PE8 C 3 .   ? -7.304  5.304   -7.951  1.00 25.89 ? 300 PE8 A O16 1 
HETATM 1217 C C17 . PE8 C 3 .   ? -6.688  4.030   -8.145  1.00 28.36 ? 300 PE8 A C17 1 
HETATM 1218 C C18 . PE8 C 3 .   ? -5.207  4.125   -7.770  1.00 24.39 ? 300 PE8 A C18 1 
HETATM 1219 O O19 . PE8 C 3 .   ? -5.105  4.552   -6.411  1.00 24.42 ? 300 PE8 A O19 1 
HETATM 1220 C C20 . PE8 C 3 .   ? -3.749  4.669   -5.992  1.00 24.61 ? 300 PE8 A C20 1 
HETATM 1221 C C21 . PE8 C 3 .   ? -3.704  4.978   -4.503  1.00 22.92 ? 300 PE8 A C21 1 
HETATM 1222 O O22 . PE8 C 3 .   ? -4.089  6.336   -4.267  1.00 22.43 ? 300 PE8 A O22 1 
HETATM 1223 C C23 . PE8 C 3 .   ? -4.352  6.552   -2.871  1.00 28.42 ? 300 PE8 A C23 1 
HETATM 1224 C C24 . PE8 C 3 .   ? -4.597  8.039   -2.612  1.00 32.15 ? 300 PE8 A C24 1 
HETATM 1225 O O25 . PE8 C 3 .   ? -6.011  8.301   -2.574  1.00 35.74 ? 300 PE8 A O25 1 
HETATM 1226 O O   . HOH D 4 .   ? 1.150   9.537   -0.995  1.00 27.57 ? 165 HOH A O   1 
HETATM 1227 O O   . HOH D 4 .   ? 7.272   -13.260 1.021   1.00 33.46 ? 166 HOH A O   1 
HETATM 1228 O O   . HOH D 4 .   ? -2.081  -7.526  6.817   1.00 22.91 ? 167 HOH A O   1 
HETATM 1229 O O   . HOH D 4 .   ? -5.703  7.130   -10.157 1.00 29.96 ? 168 HOH A O   1 
HETATM 1230 O O   . HOH D 4 .   ? -12.880 3.014   2.368   1.00 22.68 ? 169 HOH A O   1 
HETATM 1231 O O   . HOH D 4 .   ? 3.437   -12.840 8.040   1.00 38.97 ? 170 HOH A O   1 
HETATM 1232 O O   . HOH D 4 .   ? -7.528  -12.569 9.501   1.00 24.14 ? 171 HOH A O   1 
HETATM 1233 O O   . HOH D 4 .   ? -9.036  11.616  -6.099  1.00 24.26 ? 172 HOH A O   1 
HETATM 1234 O O   . HOH D 4 .   ? -3.364  -16.198 -0.791  1.00 32.69 ? 173 HOH A O   1 
HETATM 1235 O O   . HOH D 4 .   ? -11.978 15.432  -7.665  1.00 30.31 ? 174 HOH A O   1 
HETATM 1236 O O   . HOH D 4 .   ? -8.950  -11.344 11.693  1.00 25.20 ? 175 HOH A O   1 
HETATM 1237 O O   . HOH D 4 .   ? -2.086  -18.234 -5.402  1.00 37.80 ? 176 HOH A O   1 
HETATM 1238 O O   . HOH D 4 .   ? -3.810  -12.356 -0.807  1.00 30.69 ? 177 HOH A O   1 
HETATM 1239 O O   . HOH D 4 .   ? -7.525  6.913   7.360   1.00 31.00 ? 178 HOH A O   1 
HETATM 1240 O O   . HOH D 4 .   ? -1.529  8.776   -0.261  1.00 26.50 ? 179 HOH A O   1 
HETATM 1241 O O   . HOH D 4 .   ? -0.099  -13.439 -15.214 1.00 38.83 ? 180 HOH A O   1 
HETATM 1242 O O   . HOH D 4 .   ? -4.762  8.688   0.744   1.00 29.02 ? 181 HOH A O   1 
HETATM 1243 O O   . HOH D 4 .   ? -2.402  0.691   12.137  1.00 26.81 ? 182 HOH A O   1 
HETATM 1244 O O   . HOH D 4 .   ? 9.643   -10.568 8.325   1.00 49.18 ? 183 HOH A O   1 
HETATM 1245 O O   . HOH D 4 .   ? -5.784  -1.496  10.546  1.00 23.25 ? 184 HOH A O   1 
HETATM 1246 O O   . HOH D 4 .   ? -3.594  0.774   -8.023  1.00 32.42 ? 185 HOH A O   1 
HETATM 1247 O O   . HOH D 4 .   ? -5.578  6.023   9.104   1.00 35.81 ? 186 HOH A O   1 
HETATM 1248 O O   . HOH D 4 .   ? -8.260  9.132   -5.138  1.00 26.86 ? 187 HOH A O   1 
HETATM 1249 O O   . HOH D 4 .   ? -8.071  -8.377  15.920  1.00 23.90 ? 188 HOH A O   1 
HETATM 1250 O O   . HOH D 4 .   ? 11.796  0.975   8.694   1.00 36.78 ? 189 HOH A O   1 
HETATM 1251 O O   . HOH D 4 .   ? -5.923  -11.978 -2.583  1.00 30.91 ? 190 HOH A O   1 
HETATM 1252 O O   . HOH D 4 .   ? -8.771  -8.583  12.095  1.00 28.58 ? 191 HOH A O   1 
HETATM 1253 O O   . HOH D 4 .   ? 7.034   11.807  7.185   1.00 53.46 ? 192 HOH A O   1 
HETATM 1254 O O   . HOH D 4 .   ? 10.045  8.599   2.520   1.00 27.74 ? 193 HOH A O   1 
HETATM 1255 O O   . HOH D 4 .   ? -11.809 7.682   -2.510  1.00 23.99 ? 194 HOH A O   1 
HETATM 1256 O O   . HOH D 4 .   ? 12.146  -4.992  -0.646  1.00 34.53 ? 195 HOH A O   1 
HETATM 1257 O O   . HOH D 4 .   ? -6.860  0.596   -8.362  1.00 27.16 ? 196 HOH A O   1 
HETATM 1258 O O   . HOH D 4 .   ? -1.389  -24.505 -1.046  1.00 41.92 ? 197 HOH A O   1 
HETATM 1259 O O   . HOH D 4 .   ? -9.555  -7.531  -6.190  1.00 31.73 ? 198 HOH A O   1 
HETATM 1260 O O   . HOH D 4 .   ? 8.730   -9.410  -11.057 1.00 50.84 ? 199 HOH A O   1 
HETATM 1261 O O   . HOH D 4 .   ? 5.393   -14.137 -10.615 1.00 38.44 ? 200 HOH A O   1 
HETATM 1262 O O   . HOH D 4 .   ? -1.317  5.008   -8.685  1.00 28.81 ? 201 HOH A O   1 
HETATM 1263 O O   . HOH D 4 .   ? -10.047 -11.598 -3.273  1.00 35.53 ? 202 HOH A O   1 
HETATM 1264 O O   . HOH D 4 .   ? -5.993  -11.698 -10.412 1.00 39.94 ? 203 HOH A O   1 
HETATM 1265 O O   . HOH D 4 .   ? -7.348  17.828  -10.557 1.00 27.20 ? 204 HOH A O   1 
HETATM 1266 O O   . HOH D 4 .   ? 7.750   11.736  -9.921  1.00 46.46 ? 205 HOH A O   1 
HETATM 1267 O O   . HOH D 4 .   ? -5.515  -3.556  -12.724 1.00 41.86 ? 206 HOH A O   1 
HETATM 1268 O O   . HOH D 4 .   ? -4.507  8.556   -17.162 1.00 41.18 ? 207 HOH A O   1 
HETATM 1269 O O   . HOH D 4 .   ? -14.785 -1.287  -7.412  1.00 45.14 ? 208 HOH A O   1 
HETATM 1270 O O   . HOH D 4 .   ? -3.372  11.003  -0.345  1.00 30.68 ? 209 HOH A O   1 
HETATM 1271 O O   . HOH D 4 .   ? 2.896   -14.433 5.542   1.00 37.08 ? 210 HOH A O   1 
HETATM 1272 O O   . HOH D 4 .   ? -7.447  -14.270 -3.511  1.00 41.12 ? 211 HOH A O   1 
HETATM 1273 O O   . HOH D 4 .   ? -0.320  19.914  -1.907  1.00 50.16 ? 212 HOH A O   1 
HETATM 1274 O O   . HOH D 4 .   ? -4.923  21.632  -8.853  1.00 42.93 ? 213 HOH A O   1 
HETATM 1275 O O   . HOH D 4 .   ? 12.698  -7.541  6.308   1.00 46.60 ? 214 HOH A O   1 
HETATM 1276 O O   . HOH D 4 .   ? -4.233  3.620   -15.268 1.00 50.37 ? 215 HOH A O   1 
HETATM 1277 O O   . HOH D 4 .   ? 6.489   -5.325  -11.526 1.00 48.01 ? 216 HOH A O   1 
HETATM 1278 O O   . HOH D 4 .   ? -1.606  -15.185 11.064  1.00 46.55 ? 217 HOH A O   1 
HETATM 1279 O O   . HOH D 4 .   ? 1.064   13.530  9.216   1.00 40.75 ? 218 HOH A O   1 
HETATM 1280 O O   . HOH D 4 .   ? -4.574  13.062  6.144   1.00 37.87 ? 219 HOH A O   1 
HETATM 1281 O O   . HOH D 4 .   ? 0.767   -15.579 7.007   1.00 33.64 ? 220 HOH A O   1 
HETATM 1282 O O   . HOH D 4 .   ? 5.211   -22.255 -1.491  1.00 47.76 ? 221 HOH A O   1 
HETATM 1283 O O   . HOH D 4 .   ? -7.341  20.348  -14.899 1.00 40.11 ? 222 HOH A O   1 
HETATM 1284 O O   . HOH D 4 .   ? -18.123 -3.675  -4.140  1.00 48.51 ? 223 HOH A O   1 
HETATM 1285 O O   . HOH D 4 .   ? -12.937 -4.180  -7.445  1.00 48.43 ? 224 HOH A O   1 
HETATM 1286 O O   . HOH D 4 .   ? 0.871   -13.689 -7.072  1.00 42.60 ? 225 HOH A O   1 
HETATM 1287 O O   . HOH D 4 .   ? 8.737   14.241  -6.916  1.00 45.37 ? 226 HOH A O   1 
HETATM 1288 O O   . HOH D 4 .   ? 5.414   -2.558  15.682  1.00 41.14 ? 227 HOH A O   1 
HETATM 1289 O O   . HOH D 4 .   ? 11.202  4.111   -2.514  1.00 35.68 ? 228 HOH A O   1 
HETATM 1290 O O   . HOH D 4 .   ? 12.961  6.876   11.947  1.00 42.13 ? 229 HOH A O   1 
HETATM 1291 O O   . HOH D 4 .   ? 1.636   -25.616 -0.135  1.00 47.24 ? 230 HOH A O   1 
HETATM 1292 O O   . HOH D 4 .   ? 9.502   11.428  1.893   1.00 45.11 ? 231 HOH A O   1 
HETATM 1293 O O   . HOH D 4 .   ? 12.127  8.415   0.033   1.00 43.70 ? 232 HOH A O   1 
HETATM 1294 O O   . HOH D 4 .   ? -16.329 -3.108  4.633   1.00 39.71 ? 233 HOH A O   1 
HETATM 1295 O O   . HOH D 4 .   ? -11.376 10.706  -18.076 1.00 47.15 ? 234 HOH A O   1 
HETATM 1296 O O   . HOH D 4 .   ? -0.943  -0.496  -10.902 1.00 38.80 ? 235 HOH A O   1 
HETATM 1297 O O   . HOH D 4 .   ? 8.505   3.112   -1.808  1.00 26.72 ? 236 HOH A O   1 
HETATM 1298 O O   . HOH D 4 .   ? -10.073 -14.906 3.982   1.00 41.82 ? 237 HOH A O   1 
HETATM 1299 O O   . HOH D 4 .   ? 3.197   -18.398 -9.486  1.00 45.46 ? 238 HOH A O   1 
HETATM 1300 O O   . HOH D 4 .   ? 15.078  6.689   1.903   1.00 44.45 ? 239 HOH A O   1 
HETATM 1301 O O   . HOH D 4 .   ? 4.913   13.161  1.254   1.00 33.49 ? 240 HOH A O   1 
HETATM 1302 O O   . HOH D 4 .   ? 7.133   -8.419  11.592  1.00 58.74 ? 241 HOH A O   1 
HETATM 1303 O O   . HOH D 4 .   ? -19.722 3.877   -0.706  1.00 40.38 ? 242 HOH A O   1 
HETATM 1304 O O   . HOH D 4 .   ? 12.908  -2.871  14.465  1.00 56.89 ? 243 HOH A O   1 
HETATM 1305 O O   . HOH D 4 .   ? -11.866 12.262  -15.306 1.00 38.05 ? 244 HOH A O   1 
HETATM 1306 O O   . HOH D 4 .   ? -7.629  6.754   -0.619  1.00 35.74 ? 245 HOH A O   1 
HETATM 1307 O O   . HOH D 4 .   ? -2.956  -24.276 1.347   1.00 47.63 ? 246 HOH A O   1 
HETATM 1308 O O   . HOH D 4 .   ? -6.143  8.820   -24.619 1.00 39.75 ? 247 HOH A O   1 
HETATM 1309 O O   . HOH D 4 .   ? -5.245  12.045  -24.568 1.00 42.62 ? 248 HOH A O   1 
HETATM 1310 O O   . HOH D 4 .   ? 15.320  -5.594  5.895   1.00 45.66 ? 249 HOH A O   1 
HETATM 1311 O O   . HOH D 4 .   ? 5.221   -3.246  -12.093 1.00 40.82 ? 250 HOH A O   1 
# 
